data_9N51
#
_entry.id   9N51
#
_cell.length_a   79.000
_cell.length_b   118.630
_cell.length_c   132.510
_cell.angle_alpha   90.00
_cell.angle_beta   103.57
_cell.angle_gamma   90.00
#
_symmetry.space_group_name_H-M   'P 1 21 1'
#
loop_
_entity.id
_entity.type
_entity.pdbx_description
1 polymer '3-oxoacyl-[acyl-carrier-protein] synthase, mitochondrial'
2 polymer 'Acyl carrier protein, mitochondrial'
3 non-polymer N~3~-[(2R)-2-hydroxy-3,3-dimethyl-4-(phosphonooxy)butanoyl]-N-(2-octanamidoethyl)-beta-alaninamide
4 water water
#
loop_
_entity_poly.entity_id
_entity_poly.type
_entity_poly.pdbx_seq_one_letter_code
_entity_poly.pdbx_strand_id
1 'polypeptide(L)'
;GHMSRLHRRVVITGIGLVTPLGVGTHLVWDRLIGGESGIVSLVGEEYKSIPCSVAAYVPRGSDEGQFNEQNFVSKSDIKS
MSSPTIMAIGAAELAMKDSGWHPQSEADQVATGVAIGMGMIPLEVVSETALNFQTKGYNKVSPFFVPKILVNMAAGQVSI
RYKLKGPNHAVSTACTTGAHAVGDSFRFIAHGDADVMVAGGTDSCISPLSLAGFSRARALSTNSDPKLACRPFHPKRDGF
VMGEGAAVLVLEEYEHAVQRRARIYAEVLGYGLSGDAGHITAPDPEGEGALRCMAAALKDAGVQPEEISYINAHATSTPL
GDAAENKAIKHLFKDHAYALAVSSTKGATGHLLGAAGAVEAAFTTLACYYQKLPPTLNLDCSEPEFDLNYVPLKAQEWKT
EKRFIGLTNSFGFGGTNATLCIAGL
;
A,B,D,E
2 'polypeptide(L)'
;SDMPPLTLEGIQDRVLYVLKLYDKIDPEKLSVNSHFMKDLGLDSLDQVEIIMAMEDEFGFEIPDIDAEKLMCPQEIVDYI
ADKKDVYE
;
C,F
#
loop_
_chem_comp.id
_chem_comp.type
_chem_comp.name
_chem_comp.formula
A1BMZ non-polymer N~3~-[(2R)-2-hydroxy-3,3-dimethyl-4-(phosphonooxy)butanoyl]-N-(2-octanamidoethyl)-beta-alaninamide 'C19 H38 N3 O8 P'
#
# COMPACT_ATOMS: atom_id res chain seq x y z
N ARG A 5 8.32 17.35 24.25
CA ARG A 5 8.91 18.49 23.50
C ARG A 5 9.03 18.11 22.01
N LEU A 6 7.87 17.83 21.38
CA LEU A 6 7.83 17.58 19.94
C LEU A 6 7.67 18.91 19.21
N HIS A 7 6.84 19.82 19.77
CA HIS A 7 6.72 21.18 19.26
C HIS A 7 6.99 22.22 20.36
N ARG A 8 8.21 22.81 20.29
CA ARG A 8 8.74 23.76 21.25
C ARG A 8 8.22 25.15 20.96
N ARG A 9 8.66 26.13 21.76
CA ARG A 9 8.35 27.52 21.50
C ARG A 9 9.59 28.21 20.92
N VAL A 10 9.33 29.23 20.09
CA VAL A 10 10.38 29.89 19.33
C VAL A 10 10.30 31.39 19.54
N VAL A 11 11.45 32.02 19.82
CA VAL A 11 11.49 33.44 20.08
C VAL A 11 12.56 34.11 19.23
N ILE A 12 12.47 35.44 19.11
CA ILE A 12 13.44 36.24 18.39
C ILE A 12 14.30 36.99 19.39
N THR A 13 15.63 36.86 19.28
CA THR A 13 16.56 37.39 20.26
C THR A 13 17.57 38.33 19.62
N GLY A 14 17.46 38.60 18.32
CA GLY A 14 18.49 39.39 17.64
C GLY A 14 17.96 39.91 16.31
N ILE A 15 18.27 41.18 16.01
CA ILE A 15 17.84 41.81 14.79
C ILE A 15 19.01 42.59 14.19
N GLY A 16 19.26 42.36 12.91
CA GLY A 16 20.30 43.07 12.19
C GLY A 16 19.72 43.69 10.92
N LEU A 17 19.90 45.00 10.77
CA LEU A 17 19.25 45.73 9.71
C LEU A 17 20.28 46.53 8.92
N VAL A 18 20.28 46.31 7.61
CA VAL A 18 20.92 47.18 6.64
C VAL A 18 19.85 47.60 5.64
N THR A 19 19.31 48.82 5.80
CA THR A 19 18.17 49.28 5.01
C THR A 19 18.46 50.64 4.40
N PRO A 20 17.59 51.14 3.50
CA PRO A 20 17.67 52.54 3.08
C PRO A 20 17.37 53.57 4.16
N LEU A 21 16.96 53.15 5.36
CA LEU A 21 16.85 54.05 6.50
C LEU A 21 18.17 54.14 7.24
N GLY A 22 19.13 53.27 6.89
CA GLY A 22 20.40 53.20 7.58
C GLY A 22 20.58 51.82 8.21
N VAL A 23 21.50 51.73 9.17
CA VAL A 23 22.01 50.48 9.71
C VAL A 23 21.95 50.53 11.23
N GLY A 24 21.53 49.41 11.85
CA GLY A 24 21.47 49.29 13.30
C GLY A 24 20.03 49.30 13.79
N THR A 25 19.75 48.48 14.81
CA THR A 25 18.39 48.15 15.21
C THR A 25 17.68 49.39 15.76
N HIS A 26 18.22 49.96 16.86
CA HIS A 26 17.67 51.16 17.46
C HIS A 26 17.47 52.27 16.42
N LEU A 27 18.52 52.56 15.67
CA LEU A 27 18.53 53.72 14.78
C LEU A 27 17.46 53.59 13.71
N VAL A 28 17.41 52.45 13.03
CA VAL A 28 16.48 52.23 11.93
C VAL A 28 15.05 52.33 12.44
N TRP A 29 14.78 51.71 13.59
CA TRP A 29 13.45 51.72 14.19
C TRP A 29 13.04 53.16 14.50
N ASP A 30 13.94 53.95 15.11
CA ASP A 30 13.61 55.30 15.51
C ASP A 30 13.23 56.11 14.27
N ARG A 31 14.00 55.98 13.20
CA ARG A 31 13.74 56.74 11.99
C ARG A 31 12.43 56.30 11.34
N LEU A 32 12.13 55.00 11.40
CA LEU A 32 10.90 54.46 10.87
C LEU A 32 9.69 55.05 11.60
N ILE A 33 9.73 55.02 12.94
CA ILE A 33 8.67 55.56 13.78
C ILE A 33 8.53 57.06 13.55
N GLY A 34 9.64 57.75 13.26
CA GLY A 34 9.66 59.19 13.09
C GLY A 34 9.19 59.65 11.72
N GLY A 35 8.89 58.69 10.81
CA GLY A 35 8.30 59.03 9.53
C GLY A 35 9.33 59.31 8.44
N GLU A 36 10.58 58.86 8.62
CA GLU A 36 11.63 59.07 7.63
C GLU A 36 11.48 58.08 6.48
N SER A 37 12.12 58.40 5.35
CA SER A 37 12.14 57.55 4.16
C SER A 37 13.52 57.58 3.50
N GLY A 38 13.88 56.46 2.84
CA GLY A 38 15.11 56.37 2.10
C GLY A 38 14.92 56.45 0.57
N ILE A 39 13.71 56.81 0.12
CA ILE A 39 13.43 56.88 -1.30
C ILE A 39 14.03 58.15 -1.87
N VAL A 40 14.80 58.03 -2.96
CA VAL A 40 15.53 59.18 -3.50
C VAL A 40 15.43 59.15 -5.03
N SER A 41 15.89 60.24 -5.65
CA SER A 41 15.90 60.32 -7.11
C SER A 41 17.08 59.52 -7.64
N LEU A 42 16.89 58.88 -8.80
CA LEU A 42 17.98 58.23 -9.50
C LEU A 42 18.91 59.27 -10.11
N VAL A 43 20.22 59.05 -9.96
CA VAL A 43 21.23 60.03 -10.25
C VAL A 43 22.30 59.24 -11.03
N GLY A 44 22.03 59.14 -12.32
CA GLY A 44 22.86 58.37 -13.22
C GLY A 44 22.56 58.80 -14.64
N GLU A 45 23.59 58.72 -15.50
CA GLU A 45 23.43 59.02 -16.91
C GLU A 45 22.60 57.89 -17.54
N GLU A 46 22.82 56.67 -17.05
CA GLU A 46 22.29 55.49 -17.71
C GLU A 46 20.83 55.24 -17.29
N TYR A 47 20.25 56.08 -16.41
CA TYR A 47 18.87 55.86 -15.98
C TYR A 47 17.85 56.65 -16.80
N LYS A 48 18.30 57.46 -17.77
CA LYS A 48 17.39 58.43 -18.36
C LYS A 48 16.37 57.77 -19.29
N SER A 49 16.75 56.64 -19.91
CA SER A 49 15.92 55.95 -20.88
C SER A 49 14.72 55.26 -20.23
N ILE A 50 14.77 55.03 -18.92
CA ILE A 50 13.76 54.21 -18.27
C ILE A 50 12.74 55.09 -17.54
N PRO A 51 11.44 54.73 -17.56
CA PRO A 51 10.39 55.57 -17.00
C PRO A 51 10.31 55.58 -15.47
N CYS A 52 11.06 54.70 -14.79
CA CYS A 52 11.27 54.86 -13.37
C CYS A 52 12.40 55.85 -13.13
N SER A 53 12.32 56.62 -12.03
CA SER A 53 13.34 57.63 -11.74
C SER A 53 13.61 57.77 -10.25
N VAL A 54 13.09 56.82 -9.46
CA VAL A 54 13.34 56.79 -8.03
C VAL A 54 13.72 55.38 -7.60
N ALA A 55 14.39 55.30 -6.45
CA ALA A 55 14.77 54.04 -5.83
C ALA A 55 15.16 54.35 -4.40
N ALA A 56 15.36 53.29 -3.58
CA ALA A 56 15.82 53.44 -2.22
C ALA A 56 17.13 52.67 -2.06
N TYR A 57 18.18 53.42 -1.72
CA TYR A 57 19.51 52.88 -1.54
C TYR A 57 19.90 52.89 -0.06
N VAL A 58 20.68 51.88 0.34
CA VAL A 58 21.33 51.88 1.63
C VAL A 58 22.38 52.99 1.66
N PRO A 59 22.41 53.91 2.65
CA PRO A 59 23.42 54.96 2.70
C PRO A 59 24.79 54.41 3.08
N ARG A 60 25.80 54.76 2.28
CA ARG A 60 27.16 54.23 2.45
C ARG A 60 28.05 55.35 2.98
N GLY A 61 29.05 54.98 3.79
CA GLY A 61 29.86 55.92 4.53
C GLY A 61 30.15 55.39 5.93
N SER A 62 30.83 56.21 6.74
CA SER A 62 31.28 55.78 8.06
C SER A 62 30.65 56.61 9.18
N ASP A 63 29.71 57.50 8.85
CA ASP A 63 28.89 58.16 9.84
C ASP A 63 27.95 57.13 10.47
N GLU A 64 27.35 57.51 11.60
CA GLU A 64 26.44 56.65 12.35
C GLU A 64 25.24 56.30 11.50
N GLY A 65 24.91 55.00 11.47
CA GLY A 65 23.77 54.52 10.73
C GLY A 65 24.05 54.35 9.24
N GLN A 66 25.31 54.48 8.82
CA GLN A 66 25.66 54.31 7.41
C GLN A 66 26.38 52.98 7.25
N PHE A 67 26.28 52.37 6.06
CA PHE A 67 26.82 51.04 5.85
C PHE A 67 28.27 51.16 5.40
N ASN A 68 29.15 50.48 6.14
CA ASN A 68 30.58 50.48 5.89
C ASN A 68 31.03 49.03 5.68
N GLU A 69 31.20 48.64 4.42
CA GLU A 69 31.49 47.25 4.08
C GLU A 69 32.74 46.77 4.81
N GLN A 70 33.67 47.69 5.04
CA GLN A 70 34.99 47.42 5.60
C GLN A 70 34.90 46.84 7.01
N ASN A 71 33.84 47.19 7.76
CA ASN A 71 33.67 46.75 9.14
C ASN A 71 33.27 45.28 9.21
N PHE A 72 32.91 44.68 8.07
CA PHE A 72 32.36 43.33 8.06
C PHE A 72 33.17 42.39 7.17
N VAL A 73 33.84 42.91 6.14
CA VAL A 73 34.41 42.04 5.13
C VAL A 73 35.73 42.67 4.72
N SER A 74 36.74 41.83 4.41
CA SER A 74 38.07 42.29 4.08
C SER A 74 38.11 42.87 2.68
N LYS A 75 39.22 43.52 2.34
CA LYS A 75 39.34 44.20 1.06
C LYS A 75 39.37 43.21 -0.09
N SER A 76 39.88 41.99 0.14
CA SER A 76 39.89 40.93 -0.86
C SER A 76 38.47 40.41 -1.09
N ASP A 77 37.68 40.30 0.00
CA ASP A 77 36.35 39.73 -0.06
C ASP A 77 35.39 40.59 -0.87
N ILE A 78 35.56 41.92 -0.77
CA ILE A 78 34.74 42.86 -1.51
C ILE A 78 34.81 42.55 -3.01
N LYS A 79 35.99 42.19 -3.52
CA LYS A 79 36.15 41.92 -4.95
C LYS A 79 35.46 40.60 -5.34
N SER A 80 35.45 39.60 -4.45
CA SER A 80 35.01 38.26 -4.83
C SER A 80 33.52 38.03 -4.55
N MET A 81 32.85 39.00 -3.92
CA MET A 81 31.49 38.81 -3.46
C MET A 81 30.60 39.92 -3.99
N SER A 82 29.33 39.57 -4.22
CA SER A 82 28.34 40.51 -4.70
C SER A 82 27.93 41.46 -3.58
N SER A 83 27.30 42.58 -3.98
CA SER A 83 26.76 43.55 -3.04
C SER A 83 25.77 42.90 -2.05
N PRO A 84 24.78 42.09 -2.50
CA PRO A 84 23.84 41.46 -1.58
C PRO A 84 24.45 40.49 -0.58
N THR A 85 25.53 39.83 -0.98
CA THR A 85 26.23 38.92 -0.10
C THR A 85 26.84 39.72 1.06
N ILE A 86 27.44 40.86 0.73
CA ILE A 86 28.16 41.66 1.72
C ILE A 86 27.15 42.26 2.70
N MET A 87 26.02 42.75 2.19
CA MET A 87 24.97 43.26 3.06
C MET A 87 24.46 42.17 3.99
N ALA A 88 24.31 40.93 3.49
CA ALA A 88 23.80 39.85 4.32
C ALA A 88 24.79 39.50 5.43
N ILE A 89 26.10 39.51 5.12
CA ILE A 89 27.10 39.22 6.13
C ILE A 89 27.06 40.32 7.20
N GLY A 90 26.96 41.58 6.77
CA GLY A 90 26.85 42.69 7.70
C GLY A 90 25.62 42.58 8.60
N ALA A 91 24.45 42.36 8.01
CA ALA A 91 23.22 42.28 8.79
C ALA A 91 23.28 41.12 9.78
N ALA A 92 23.96 40.03 9.39
CA ALA A 92 24.08 38.84 10.20
C ALA A 92 25.02 39.08 11.38
N GLU A 93 26.15 39.73 11.11
CA GLU A 93 27.08 40.12 12.16
C GLU A 93 26.32 40.95 13.20
N LEU A 94 25.60 41.98 12.75
CA LEU A 94 24.83 42.85 13.63
C LEU A 94 23.78 42.06 14.40
N ALA A 95 23.11 41.11 13.73
CA ALA A 95 22.04 40.35 14.36
C ALA A 95 22.57 39.46 15.48
N MET A 96 23.74 38.87 15.27
CA MET A 96 24.26 37.95 16.25
C MET A 96 24.89 38.73 17.39
N LYS A 97 25.51 39.85 17.06
CA LYS A 97 25.98 40.76 18.10
C LYS A 97 24.78 41.22 18.94
N ASP A 98 23.65 41.55 18.31
CA ASP A 98 22.46 41.99 19.01
C ASP A 98 21.87 40.87 19.87
N SER A 99 22.18 39.63 19.52
CA SER A 99 21.66 38.46 20.20
C SER A 99 22.55 38.09 21.39
N GLY A 100 23.84 38.36 21.25
CA GLY A 100 24.83 37.91 22.20
C GLY A 100 25.21 36.45 22.00
N TRP A 101 24.83 35.83 20.87
CA TRP A 101 25.14 34.44 20.59
C TRP A 101 26.37 34.32 19.69
N HIS A 102 27.48 33.83 20.26
CA HIS A 102 28.70 33.60 19.50
C HIS A 102 29.15 32.18 19.80
N PRO A 103 28.62 31.16 19.10
CA PRO A 103 28.81 29.79 19.52
C PRO A 103 30.25 29.35 19.29
N GLN A 104 30.88 28.85 20.36
CA GLN A 104 32.26 28.41 20.30
C GLN A 104 32.33 26.91 20.54
N SER A 105 31.45 26.36 21.38
CA SER A 105 31.41 24.93 21.64
C SER A 105 30.75 24.20 20.46
N GLU A 106 31.25 23.00 20.18
CA GLU A 106 30.78 22.17 19.09
C GLU A 106 29.27 21.96 19.18
N ALA A 107 28.78 21.71 20.39
CA ALA A 107 27.37 21.47 20.61
C ALA A 107 26.56 22.68 20.16
N ASP A 108 27.07 23.90 20.42
CA ASP A 108 26.35 25.10 20.07
C ASP A 108 26.48 25.39 18.58
N GLN A 109 27.57 24.98 17.96
CA GLN A 109 27.74 25.22 16.53
C GLN A 109 26.80 24.33 15.69
N VAL A 110 26.62 23.06 16.11
CA VAL A 110 25.76 22.15 15.37
C VAL A 110 24.31 22.49 15.65
N ALA A 111 24.05 23.17 16.77
CA ALA A 111 22.70 23.55 17.09
C ALA A 111 22.30 24.87 16.42
N THR A 112 23.24 25.47 15.68
CA THR A 112 22.96 26.76 15.08
C THR A 112 23.03 26.64 13.56
N GLY A 113 21.90 26.91 12.89
CA GLY A 113 21.85 26.90 11.43
C GLY A 113 21.66 28.29 10.85
N VAL A 114 21.66 28.37 9.50
CA VAL A 114 21.48 29.59 8.75
C VAL A 114 20.41 29.40 7.70
N ALA A 115 19.59 30.44 7.51
CA ALA A 115 18.59 30.44 6.46
C ALA A 115 18.52 31.85 5.91
N ILE A 116 19.43 32.17 5.01
CA ILE A 116 19.49 33.49 4.42
C ILE A 116 19.38 33.34 2.92
N GLY A 117 18.31 33.90 2.38
CA GLY A 117 18.05 33.88 0.96
C GLY A 117 18.39 35.21 0.29
N MET A 118 18.46 35.13 -1.04
CA MET A 118 18.60 36.28 -1.89
C MET A 118 17.49 36.15 -2.94
N GLY A 119 16.71 37.22 -3.13
CA GLY A 119 15.54 37.13 -3.98
C GLY A 119 15.89 37.16 -5.47
N MET A 120 16.96 37.88 -5.82
CA MET A 120 17.30 38.04 -7.22
C MET A 120 18.80 38.12 -7.38
N ILE A 121 19.34 37.49 -8.43
CA ILE A 121 20.76 37.59 -8.67
C ILE A 121 21.04 38.97 -9.27
N PRO A 122 22.22 39.57 -9.06
CA PRO A 122 22.48 40.91 -9.60
C PRO A 122 22.81 40.75 -11.08
N LEU A 123 22.02 41.41 -11.93
CA LEU A 123 22.04 41.13 -13.35
C LEU A 123 23.33 41.66 -13.96
N GLU A 124 23.88 42.71 -13.34
CA GLU A 124 25.00 43.46 -13.89
C GLU A 124 26.25 42.57 -13.96
N VAL A 125 26.47 41.75 -12.94
CA VAL A 125 27.63 40.86 -12.90
C VAL A 125 27.54 39.87 -14.07
N VAL A 126 26.33 39.38 -14.36
CA VAL A 126 26.13 38.44 -15.45
C VAL A 126 26.42 39.13 -16.78
N SER A 127 25.92 40.35 -16.95
CA SER A 127 26.04 41.04 -18.24
C SER A 127 27.50 41.43 -18.50
N GLU A 128 28.22 41.89 -17.47
CA GLU A 128 29.59 42.32 -17.63
C GLU A 128 30.50 41.12 -17.91
N THR A 129 30.26 40.00 -17.22
CA THR A 129 31.03 38.80 -17.46
C THR A 129 30.72 38.27 -18.87
N ALA A 130 29.46 38.37 -19.30
CA ALA A 130 29.06 37.88 -20.61
C ALA A 130 29.77 38.64 -21.71
N LEU A 131 29.85 39.96 -21.57
CA LEU A 131 30.48 40.82 -22.56
C LEU A 131 31.99 40.58 -22.58
N ASN A 132 32.56 40.34 -21.39
CA ASN A 132 33.96 40.04 -21.25
C ASN A 132 34.32 38.70 -21.90
N PHE A 133 33.40 37.73 -21.87
CA PHE A 133 33.63 36.43 -22.47
C PHE A 133 33.54 36.52 -23.99
N GLN A 134 32.61 37.34 -24.49
CA GLN A 134 32.41 37.52 -25.92
C GLN A 134 33.62 38.18 -26.57
N THR A 135 34.14 39.24 -25.95
CA THR A 135 35.10 40.10 -26.63
C THR A 135 36.55 39.87 -26.18
N LYS A 136 36.80 39.21 -25.05
CA LYS A 136 38.16 39.07 -24.53
C LYS A 136 38.53 37.58 -24.40
N GLY A 137 37.55 36.67 -24.51
CA GLY A 137 37.84 35.24 -24.51
C GLY A 137 37.60 34.57 -23.15
N TYR A 138 37.89 33.26 -23.12
CA TYR A 138 37.63 32.40 -21.99
C TYR A 138 38.53 32.75 -20.80
N ASN A 139 39.76 33.20 -21.09
CA ASN A 139 40.74 33.40 -20.03
C ASN A 139 40.46 34.68 -19.25
N LYS A 140 39.43 35.45 -19.63
CA LYS A 140 39.11 36.70 -18.95
C LYS A 140 37.91 36.53 -18.02
N VAL A 141 37.31 35.33 -17.97
CA VAL A 141 36.23 35.07 -17.04
C VAL A 141 36.84 34.85 -15.66
N SER A 142 36.34 35.57 -14.66
CA SER A 142 36.80 35.39 -13.28
C SER A 142 36.40 33.99 -12.79
N PRO A 143 37.22 33.29 -11.98
CA PRO A 143 36.79 32.04 -11.34
C PRO A 143 35.81 32.26 -10.21
N PHE A 144 35.68 33.52 -9.76
CA PHE A 144 34.71 33.90 -8.74
C PHE A 144 33.36 34.22 -9.37
N PHE A 145 33.22 34.03 -10.68
CA PHE A 145 32.01 34.36 -11.38
C PHE A 145 30.85 33.51 -10.87
N VAL A 146 30.99 32.19 -10.88
CA VAL A 146 29.84 31.35 -10.56
C VAL A 146 29.47 31.54 -9.09
N PRO A 147 30.40 31.43 -8.12
CA PRO A 147 30.12 31.80 -6.72
C PRO A 147 29.37 33.10 -6.49
N LYS A 148 29.64 34.12 -7.29
CA LYS A 148 29.03 35.44 -7.09
C LYS A 148 27.57 35.46 -7.59
N ILE A 149 27.10 34.42 -8.29
CA ILE A 149 25.74 34.45 -8.81
C ILE A 149 24.89 33.36 -8.18
N LEU A 150 25.46 32.60 -7.25
CA LEU A 150 24.71 31.56 -6.56
C LEU A 150 23.97 32.19 -5.38
N VAL A 151 22.75 31.70 -5.13
CA VAL A 151 21.82 32.32 -4.21
C VAL A 151 22.18 32.00 -2.76
N ASN A 152 22.87 30.88 -2.54
CA ASN A 152 23.14 30.42 -1.19
C ASN A 152 24.53 30.85 -0.72
N MET A 153 25.19 31.77 -1.45
CA MET A 153 26.54 32.16 -1.07
C MET A 153 26.52 33.03 0.19
N ALA A 154 25.46 33.81 0.38
CA ALA A 154 25.28 34.58 1.61
C ALA A 154 25.31 33.65 2.82
N ALA A 155 24.40 32.68 2.82
CA ALA A 155 24.30 31.69 3.89
C ALA A 155 25.62 30.97 4.06
N GLY A 156 26.28 30.66 2.94
CA GLY A 156 27.58 30.01 2.98
C GLY A 156 28.60 30.80 3.80
N GLN A 157 28.69 32.10 3.53
CA GLN A 157 29.72 32.94 4.14
C GLN A 157 29.39 33.15 5.62
N VAL A 158 28.09 33.37 5.93
CA VAL A 158 27.69 33.54 7.32
C VAL A 158 28.07 32.27 8.07
N SER A 159 27.68 31.10 7.52
CA SER A 159 27.93 29.81 8.14
C SER A 159 29.41 29.64 8.48
N ILE A 160 30.29 29.93 7.51
CA ILE A 160 31.72 29.81 7.73
C ILE A 160 32.20 30.79 8.80
N ARG A 161 31.81 32.06 8.68
CA ARG A 161 32.37 33.13 9.48
C ARG A 161 32.00 32.98 10.96
N TYR A 162 30.78 32.53 11.25
CA TYR A 162 30.34 32.46 12.65
C TYR A 162 30.30 31.02 13.14
N LYS A 163 30.79 30.07 12.31
CA LYS A 163 30.89 28.67 12.67
C LYS A 163 29.51 28.06 12.94
N LEU A 164 28.57 28.23 12.00
CA LEU A 164 27.22 27.73 12.18
C LEU A 164 27.03 26.43 11.39
N LYS A 165 27.00 25.28 12.07
CA LYS A 165 27.01 24.02 11.34
C LYS A 165 25.72 23.22 11.48
N GLY A 166 24.65 23.91 11.89
CA GLY A 166 23.31 23.32 11.87
C GLY A 166 22.66 23.39 10.49
N PRO A 167 21.34 23.15 10.41
CA PRO A 167 20.60 23.28 9.15
C PRO A 167 20.99 24.50 8.32
N ASN A 168 21.37 24.29 7.06
CA ASN A 168 21.63 25.36 6.13
C ASN A 168 20.53 25.37 5.08
N HIS A 169 19.93 26.54 4.83
CA HIS A 169 18.75 26.62 3.99
C HIS A 169 18.66 27.99 3.31
N ALA A 170 19.20 28.12 2.09
CA ALA A 170 18.94 29.28 1.25
C ALA A 170 17.66 29.13 0.44
N VAL A 171 16.77 30.11 0.57
CA VAL A 171 15.53 30.01 -0.18
C VAL A 171 15.49 31.22 -1.11
N SER A 172 15.01 31.02 -2.33
CA SER A 172 14.88 32.11 -3.27
C SER A 172 13.49 32.06 -3.85
N THR A 173 12.63 32.96 -3.38
CA THR A 173 11.23 32.95 -3.71
C THR A 173 10.89 34.33 -4.25
N ALA A 174 11.89 35.01 -4.82
CA ALA A 174 11.73 36.40 -5.22
C ALA A 174 11.26 37.21 -4.02
N CYS A 175 10.04 37.78 -4.07
CA CYS A 175 9.61 38.77 -3.10
C CYS A 175 9.23 38.18 -1.75
N THR A 176 9.20 36.84 -1.64
CA THR A 176 8.74 36.16 -0.45
C THR A 176 9.90 35.44 0.25
N THR A 177 11.13 35.69 -0.21
CA THR A 177 12.29 34.96 0.30
C THR A 177 12.40 35.14 1.80
N GLY A 178 12.41 36.40 2.26
CA GLY A 178 12.61 36.72 3.66
C GLY A 178 11.55 36.07 4.57
N ALA A 179 10.30 36.04 4.11
CA ALA A 179 9.25 35.42 4.89
C ALA A 179 9.48 33.92 5.02
N HIS A 180 9.76 33.24 3.89
CA HIS A 180 10.05 31.81 3.91
C HIS A 180 11.26 31.50 4.79
N ALA A 181 12.29 32.35 4.73
CA ALA A 181 13.48 32.12 5.53
C ALA A 181 13.11 32.07 7.01
N VAL A 182 12.25 32.99 7.46
CA VAL A 182 11.91 33.08 8.87
C VAL A 182 10.94 31.96 9.26
N GLY A 183 9.91 31.75 8.44
CA GLY A 183 8.92 30.72 8.70
C GLY A 183 9.55 29.33 8.77
N ASP A 184 10.42 29.01 7.80
CA ASP A 184 11.05 27.70 7.72
C ASP A 184 11.98 27.50 8.92
N SER A 185 12.73 28.54 9.27
CA SER A 185 13.57 28.53 10.46
C SER A 185 12.75 28.24 11.70
N PHE A 186 11.59 28.89 11.82
CA PHE A 186 10.67 28.63 12.91
C PHE A 186 10.32 27.15 12.97
N ARG A 187 9.93 26.59 11.83
CA ARG A 187 9.54 25.20 11.74
C ARG A 187 10.69 24.28 12.11
N PHE A 188 11.90 24.57 11.63
CA PHE A 188 13.05 23.74 11.94
C PHE A 188 13.32 23.73 13.44
N ILE A 189 13.19 24.89 14.10
CA ILE A 189 13.46 24.95 15.53
C ILE A 189 12.35 24.23 16.27
N ALA A 190 11.10 24.45 15.87
CA ALA A 190 9.97 23.84 16.55
C ALA A 190 10.05 22.32 16.43
N HIS A 191 10.62 21.85 15.32
CA HIS A 191 10.64 20.43 15.01
C HIS A 191 11.77 19.72 15.74
N GLY A 192 12.80 20.45 16.19
CA GLY A 192 13.87 19.87 16.98
C GLY A 192 15.21 19.82 16.24
N ASP A 193 15.26 20.30 15.00
CA ASP A 193 16.42 20.17 14.12
C ASP A 193 17.55 21.12 14.52
N ALA A 194 17.20 22.24 15.15
CA ALA A 194 18.17 23.25 15.57
C ALA A 194 17.64 23.96 16.81
N ASP A 195 18.56 24.54 17.59
CA ASP A 195 18.17 25.38 18.74
C ASP A 195 18.18 26.84 18.35
N VAL A 196 18.97 27.21 17.34
CA VAL A 196 19.12 28.59 16.92
C VAL A 196 19.19 28.62 15.41
N MET A 197 18.56 29.64 14.82
CA MET A 197 18.61 29.85 13.38
C MET A 197 18.85 31.33 13.14
N VAL A 198 19.84 31.60 12.27
CA VAL A 198 20.15 32.94 11.80
C VAL A 198 19.50 33.11 10.45
N ALA A 199 18.42 33.90 10.37
CA ALA A 199 17.48 33.82 9.27
C ALA A 199 17.20 35.21 8.70
N GLY A 200 17.12 35.31 7.37
CA GLY A 200 16.69 36.54 6.75
C GLY A 200 16.85 36.56 5.24
N GLY A 201 16.99 37.77 4.69
CA GLY A 201 17.00 37.98 3.25
C GLY A 201 17.88 39.17 2.89
N THR A 202 18.30 39.18 1.63
CA THR A 202 19.11 40.27 1.09
C THR A 202 18.75 40.46 -0.38
N ASP A 203 18.76 41.72 -0.83
CA ASP A 203 18.72 42.01 -2.24
C ASP A 203 19.31 43.39 -2.50
N SER A 204 20.16 43.45 -3.54
CA SER A 204 20.73 44.69 -4.01
C SER A 204 20.85 44.60 -5.53
N CYS A 205 19.74 44.89 -6.22
CA CYS A 205 19.71 44.74 -7.66
C CYS A 205 19.14 45.99 -8.31
N ILE A 206 19.43 47.16 -7.72
CA ILE A 206 19.11 48.41 -8.39
C ILE A 206 20.16 48.61 -9.46
N SER A 207 19.74 48.52 -10.72
CA SER A 207 20.61 48.75 -11.84
C SER A 207 19.75 49.11 -13.04
N PRO A 208 20.32 49.72 -14.10
CA PRO A 208 19.55 50.06 -15.29
C PRO A 208 18.76 48.86 -15.81
N LEU A 209 19.41 47.70 -15.88
CA LEU A 209 18.83 46.55 -16.56
C LEU A 209 17.65 46.00 -15.77
N SER A 210 17.75 45.98 -14.43
CA SER A 210 16.67 45.39 -13.66
C SER A 210 15.50 46.37 -13.57
N LEU A 211 15.78 47.66 -13.39
CA LEU A 211 14.73 48.66 -13.39
C LEU A 211 14.04 48.62 -14.75
N ALA A 212 14.81 48.51 -15.82
CA ALA A 212 14.23 48.36 -17.14
C ALA A 212 13.27 47.16 -17.16
N GLY A 213 13.73 46.01 -16.65
CA GLY A 213 12.95 44.78 -16.66
C GLY A 213 11.64 44.91 -15.89
N PHE A 214 11.69 45.54 -14.72
CA PHE A 214 10.52 45.74 -13.88
C PHE A 214 9.61 46.82 -14.48
N SER A 215 10.18 47.88 -15.05
CA SER A 215 9.39 48.91 -15.70
C SER A 215 8.58 48.30 -16.83
N ARG A 216 9.20 47.38 -17.57
CA ARG A 216 8.56 46.78 -18.73
C ARG A 216 7.36 45.95 -18.27
N ALA A 217 7.45 45.36 -17.08
CA ALA A 217 6.37 44.55 -16.56
C ALA A 217 5.29 45.42 -15.90
N ARG A 218 5.40 46.75 -16.04
CA ARG A 218 4.43 47.71 -15.50
C ARG A 218 4.46 47.72 -13.97
N ALA A 219 5.61 47.41 -13.37
CA ALA A 219 5.62 47.08 -11.95
C ALA A 219 5.93 48.30 -11.09
N LEU A 220 6.62 49.29 -11.66
CA LEU A 220 7.29 50.34 -10.88
C LEU A 220 6.54 51.67 -11.01
N SER A 221 6.58 52.50 -9.96
CA SER A 221 6.18 53.91 -10.08
C SER A 221 6.91 54.58 -11.25
N THR A 222 6.15 55.36 -12.02
CA THR A 222 6.69 56.34 -12.95
C THR A 222 6.73 57.74 -12.32
N ASN A 223 6.12 57.89 -11.13
CA ASN A 223 6.09 59.17 -10.46
C ASN A 223 7.51 59.66 -10.21
N SER A 224 7.80 60.92 -10.57
CA SER A 224 9.11 61.54 -10.50
C SER A 224 9.44 62.02 -9.10
N ASP A 225 8.43 62.27 -8.26
CA ASP A 225 8.69 62.87 -6.96
C ASP A 225 9.05 61.78 -5.95
N PRO A 226 10.30 61.69 -5.48
CA PRO A 226 10.68 60.67 -4.49
C PRO A 226 9.85 60.70 -3.21
N LYS A 227 9.27 61.85 -2.88
CA LYS A 227 8.52 62.00 -1.64
C LYS A 227 7.16 61.31 -1.73
N LEU A 228 6.63 61.19 -2.96
CA LEU A 228 5.24 60.80 -3.19
C LEU A 228 5.15 59.46 -3.94
N ALA A 229 6.26 58.95 -4.49
CA ALA A 229 6.19 57.86 -5.44
C ALA A 229 5.57 56.61 -4.80
N CYS A 230 5.90 56.35 -3.52
CA CYS A 230 5.43 55.15 -2.87
C CYS A 230 4.38 55.49 -1.81
N ARG A 231 3.12 55.12 -2.10
CA ARG A 231 2.02 55.54 -1.26
C ARG A 231 0.98 54.43 -1.19
N PRO A 232 1.25 53.41 -0.34
CA PRO A 232 0.32 52.31 -0.12
C PRO A 232 -1.07 52.81 0.26
N PHE A 233 -2.09 52.21 -0.37
CA PHE A 233 -3.48 52.43 0.01
C PHE A 233 -4.01 53.77 -0.49
N HIS A 234 -3.15 54.58 -1.12
CA HIS A 234 -3.50 55.90 -1.62
C HIS A 234 -4.18 55.78 -2.99
N PRO A 235 -5.09 56.72 -3.35
CA PRO A 235 -5.75 56.70 -4.65
C PRO A 235 -4.85 56.79 -5.89
N LYS A 236 -3.69 57.42 -5.77
CA LYS A 236 -2.88 57.61 -6.97
C LYS A 236 -1.68 56.65 -7.00
N ARG A 237 -1.75 55.55 -6.25
CA ARG A 237 -0.67 54.55 -6.24
C ARG A 237 -0.48 53.98 -7.64
N ASP A 238 0.77 53.89 -8.11
CA ASP A 238 1.01 53.61 -9.52
C ASP A 238 2.16 52.62 -9.73
N GLY A 239 2.51 51.84 -8.70
CA GLY A 239 3.61 50.90 -8.77
C GLY A 239 4.50 51.00 -7.54
N PHE A 240 5.37 49.99 -7.37
CA PHE A 240 6.24 49.97 -6.21
C PHE A 240 7.55 50.67 -6.57
N VAL A 241 8.33 50.99 -5.54
CA VAL A 241 9.66 51.55 -5.67
C VAL A 241 10.68 50.51 -5.21
N MET A 242 11.69 50.23 -6.04
CA MET A 242 12.68 49.22 -5.73
CA MET A 242 12.68 49.22 -5.72
C MET A 242 13.63 49.74 -4.67
N GLY A 243 13.88 48.90 -3.66
CA GLY A 243 14.88 49.18 -2.63
C GLY A 243 15.92 48.07 -2.57
N GLU A 244 16.88 48.26 -1.66
CA GLU A 244 17.92 47.30 -1.44
C GLU A 244 18.19 47.26 0.06
N GLY A 245 18.83 46.17 0.51
CA GLY A 245 19.03 45.97 1.92
C GLY A 245 19.00 44.50 2.31
N ALA A 246 19.21 44.29 3.60
CA ALA A 246 19.19 42.97 4.18
C ALA A 246 18.73 43.10 5.63
N ALA A 247 18.10 42.04 6.12
CA ALA A 247 17.65 41.98 7.48
C ALA A 247 17.86 40.56 7.96
N VAL A 248 18.39 40.41 9.17
CA VAL A 248 18.56 39.09 9.72
C VAL A 248 17.96 39.05 11.12
N LEU A 249 17.32 37.91 11.42
CA LEU A 249 16.76 37.65 12.73
C LEU A 249 17.46 36.44 13.32
N VAL A 250 17.81 36.52 14.59
CA VAL A 250 18.20 35.32 15.31
C VAL A 250 16.94 34.76 15.96
N LEU A 251 16.52 33.57 15.51
CA LEU A 251 15.46 32.81 16.16
C LEU A 251 16.10 31.76 17.06
N GLU A 252 15.36 31.37 18.09
CA GLU A 252 15.92 30.57 19.15
C GLU A 252 14.80 29.87 19.91
N GLU A 253 15.05 28.63 20.33
CA GLU A 253 14.12 27.92 21.16
C GLU A 253 14.04 28.62 22.51
N TYR A 254 12.81 28.67 23.06
CA TYR A 254 12.51 29.46 24.24
C TYR A 254 13.42 29.12 25.42
N GLU A 255 13.46 27.83 25.80
CA GLU A 255 14.21 27.44 26.99
C GLU A 255 15.69 27.76 26.79
N HIS A 256 16.21 27.53 25.58
CA HIS A 256 17.62 27.79 25.30
C HIS A 256 17.96 29.26 25.55
N ALA A 257 17.05 30.16 25.12
CA ALA A 257 17.27 31.59 25.23
C ALA A 257 17.24 32.04 26.69
N VAL A 258 16.25 31.55 27.42
CA VAL A 258 16.08 31.87 28.83
C VAL A 258 17.34 31.49 29.60
N GLN A 259 17.83 30.25 29.42
CA GLN A 259 18.94 29.77 30.22
C GLN A 259 20.20 30.63 29.98
N ARG A 260 20.37 31.20 28.78
CA ARG A 260 21.57 31.97 28.49
C ARG A 260 21.35 33.45 28.79
N ARG A 261 20.17 33.79 29.32
CA ARG A 261 19.85 35.13 29.78
C ARG A 261 19.81 36.09 28.58
N ALA A 262 19.10 35.69 27.54
CA ALA A 262 19.03 36.50 26.33
C ALA A 262 17.89 37.50 26.42
N ARG A 263 18.06 38.67 25.80
CA ARG A 263 16.98 39.65 25.66
C ARG A 263 16.06 39.18 24.55
N ILE A 264 14.81 38.86 24.90
CA ILE A 264 13.84 38.34 23.94
C ILE A 264 12.91 39.46 23.47
N TYR A 265 12.84 39.66 22.15
CA TYR A 265 11.97 40.67 21.57
C TYR A 265 10.51 40.20 21.52
N ALA A 266 10.29 38.96 21.05
CA ALA A 266 8.96 38.51 20.66
C ALA A 266 9.00 37.00 20.40
N GLU A 267 7.82 36.42 20.27
CA GLU A 267 7.65 34.99 20.06
C GLU A 267 7.05 34.78 18.67
N VAL A 268 7.56 33.81 17.93
CA VAL A 268 6.98 33.39 16.65
C VAL A 268 5.95 32.30 16.94
N LEU A 269 4.69 32.54 16.58
CA LEU A 269 3.62 31.60 16.90
C LEU A 269 3.26 30.73 15.70
N GLY A 270 3.35 31.26 14.49
CA GLY A 270 2.73 30.58 13.36
C GLY A 270 3.24 31.06 12.02
N TYR A 271 2.98 30.21 11.03
CA TYR A 271 3.42 30.36 9.67
C TYR A 271 2.35 29.76 8.77
N GLY A 272 2.00 30.48 7.70
CA GLY A 272 1.05 30.00 6.73
C GLY A 272 1.49 30.36 5.32
N LEU A 273 1.05 29.53 4.39
CA LEU A 273 1.41 29.66 3.00
C LEU A 273 0.20 29.21 2.21
N SER A 274 -0.04 29.90 1.09
CA SER A 274 -0.96 29.38 0.10
C SER A 274 -0.56 29.91 -1.27
N GLY A 275 -1.28 29.47 -2.30
CA GLY A 275 -1.11 29.98 -3.64
C GLY A 275 -2.45 30.40 -4.18
N ASP A 276 -2.47 31.48 -4.98
CA ASP A 276 -3.70 31.95 -5.58
C ASP A 276 -4.16 30.98 -6.66
N ALA A 277 -3.22 30.53 -7.51
CA ALA A 277 -3.52 29.63 -8.62
C ALA A 277 -4.59 30.20 -9.54
N GLY A 278 -4.48 31.51 -9.83
CA GLY A 278 -5.41 32.16 -10.75
C GLY A 278 -4.68 32.68 -11.98
N HIS A 279 -4.09 33.87 -11.84
CA HIS A 279 -3.19 34.43 -12.84
C HIS A 279 -1.85 34.77 -12.21
N ILE A 280 -0.76 34.65 -12.99
CA ILE A 280 0.59 34.86 -12.48
C ILE A 280 0.89 36.35 -12.22
N THR A 281 0.11 37.26 -12.82
CA THR A 281 0.47 38.67 -12.81
C THR A 281 -0.31 39.40 -11.73
N ALA A 282 -1.64 39.29 -11.79
CA ALA A 282 -2.54 40.01 -10.90
C ALA A 282 -2.79 39.15 -9.68
N PRO A 283 -3.02 39.74 -8.49
CA PRO A 283 -3.60 38.98 -7.38
C PRO A 283 -5.09 38.75 -7.63
N ASP A 284 -5.63 37.76 -6.93
CA ASP A 284 -7.06 37.48 -6.96
C ASP A 284 -7.76 38.71 -6.39
N PRO A 285 -8.62 39.43 -7.13
CA PRO A 285 -9.18 40.69 -6.65
C PRO A 285 -9.93 40.58 -5.31
N GLU A 286 -10.42 39.37 -5.00
CA GLU A 286 -11.11 39.09 -3.75
C GLU A 286 -10.13 38.72 -2.61
N GLY A 287 -8.88 38.41 -3.00
CA GLY A 287 -7.82 38.09 -2.07
C GLY A 287 -8.06 36.75 -1.35
N GLU A 288 -8.69 35.80 -2.05
CA GLU A 288 -8.99 34.50 -1.45
C GLU A 288 -7.68 33.84 -1.00
N GLY A 289 -6.59 34.05 -1.75
CA GLY A 289 -5.33 33.44 -1.42
C GLY A 289 -4.72 34.05 -0.16
N ALA A 290 -4.68 35.39 -0.12
CA ALA A 290 -4.24 36.12 1.04
C ALA A 290 -5.04 35.73 2.28
N LEU A 291 -6.35 35.52 2.11
CA LEU A 291 -7.18 35.13 3.23
C LEU A 291 -6.74 33.77 3.76
N ARG A 292 -6.51 32.81 2.86
CA ARG A 292 -6.21 31.43 3.25
C ARG A 292 -4.85 31.37 3.94
N CYS A 293 -3.89 32.12 3.44
CA CYS A 293 -2.57 32.18 4.03
CA CYS A 293 -2.57 32.18 4.03
C CYS A 293 -2.59 32.72 5.46
N MET A 294 -3.28 33.84 5.63
CA MET A 294 -3.46 34.46 6.94
C MET A 294 -4.17 33.48 7.86
N ALA A 295 -5.22 32.81 7.37
CA ALA A 295 -5.95 31.88 8.21
C ALA A 295 -5.04 30.71 8.61
N ALA A 296 -4.22 30.22 7.68
CA ALA A 296 -3.34 29.09 7.96
C ALA A 296 -2.34 29.47 9.05
N ALA A 297 -1.83 30.71 9.02
CA ALA A 297 -0.93 31.18 10.05
C ALA A 297 -1.62 31.23 11.41
N LEU A 298 -2.88 31.65 11.44
CA LEU A 298 -3.64 31.75 12.68
C LEU A 298 -3.90 30.34 13.24
N LYS A 299 -4.21 29.39 12.37
CA LYS A 299 -4.42 28.01 12.79
C LYS A 299 -3.14 27.40 13.37
N ASP A 300 -2.00 27.65 12.71
CA ASP A 300 -0.71 27.17 13.17
C ASP A 300 -0.43 27.72 14.57
N ALA A 301 -0.84 28.97 14.83
CA ALA A 301 -0.55 29.64 16.09
C ALA A 301 -1.60 29.34 17.17
N GLY A 302 -2.70 28.67 16.80
CA GLY A 302 -3.80 28.40 17.71
C GLY A 302 -4.41 29.68 18.26
N VAL A 303 -4.74 30.63 17.37
N VAL A 303 -4.75 30.62 17.36
CA VAL A 303 -5.34 31.89 17.76
CA VAL A 303 -5.30 31.91 17.73
C VAL A 303 -6.50 32.21 16.81
C VAL A 303 -6.48 32.21 16.81
N GLN A 304 -7.54 32.82 17.37
N GLN A 304 -7.51 32.84 17.36
CA GLN A 304 -8.69 33.31 16.63
CA GLN A 304 -8.67 33.30 16.62
C GLN A 304 -8.40 34.70 16.06
C GLN A 304 -8.40 34.70 16.06
N PRO A 305 -9.01 35.05 14.91
CA PRO A 305 -8.82 36.37 14.31
C PRO A 305 -9.00 37.55 15.27
N GLU A 306 -9.85 37.43 16.29
CA GLU A 306 -10.17 38.51 17.21
C GLU A 306 -9.01 38.84 18.15
N GLU A 307 -7.97 38.00 18.21
CA GLU A 307 -6.81 38.34 19.04
C GLU A 307 -5.76 39.18 18.31
N ILE A 308 -5.87 39.33 16.98
CA ILE A 308 -4.89 40.08 16.22
C ILE A 308 -5.14 41.58 16.39
N SER A 309 -4.08 42.33 16.66
CA SER A 309 -4.20 43.78 16.84
C SER A 309 -3.38 44.58 15.82
N TYR A 310 -2.43 43.95 15.11
CA TYR A 310 -1.62 44.67 14.14
C TYR A 310 -1.34 43.82 12.89
N ILE A 311 -1.28 44.46 11.72
CA ILE A 311 -0.92 43.76 10.50
C ILE A 311 0.08 44.60 9.71
N ASN A 312 1.30 44.08 9.50
CA ASN A 312 2.23 44.68 8.56
C ASN A 312 1.85 44.15 7.18
N ALA A 313 1.17 45.00 6.40
CA ALA A 313 0.60 44.59 5.11
C ALA A 313 1.71 44.58 4.08
N HIS A 314 1.56 43.69 3.09
CA HIS A 314 2.50 43.63 1.99
C HIS A 314 2.36 44.83 1.05
N ALA A 315 1.26 45.59 1.16
CA ALA A 315 0.92 46.65 0.22
C ALA A 315 2.16 47.39 -0.30
N THR A 316 2.38 47.31 -1.62
CA THR A 316 3.55 47.90 -2.24
C THR A 316 3.18 49.10 -3.11
N SER A 317 2.04 49.75 -2.87
CA SER A 317 1.57 50.86 -3.69
C SER A 317 1.19 50.41 -5.11
N THR A 318 0.51 49.27 -5.23
CA THR A 318 -0.03 48.80 -6.50
C THR A 318 -1.55 48.89 -6.47
N PRO A 319 -2.23 49.32 -7.55
CA PRO A 319 -3.69 49.37 -7.58
C PRO A 319 -4.40 48.08 -7.20
N LEU A 320 -4.07 46.96 -7.88
CA LEU A 320 -4.81 45.73 -7.67
C LEU A 320 -4.32 45.02 -6.41
N GLY A 321 -3.01 45.16 -6.12
CA GLY A 321 -2.39 44.52 -4.97
C GLY A 321 -2.94 45.02 -3.64
N ASP A 322 -2.89 46.33 -3.41
CA ASP A 322 -3.33 46.93 -2.16
C ASP A 322 -4.83 46.65 -1.95
N ALA A 323 -5.64 46.72 -3.02
CA ALA A 323 -7.06 46.45 -2.92
C ALA A 323 -7.34 44.99 -2.52
N ALA A 324 -6.57 44.04 -3.07
CA ALA A 324 -6.77 42.63 -2.76
C ALA A 324 -6.47 42.36 -1.29
N GLU A 325 -5.32 42.84 -0.82
CA GLU A 325 -4.93 42.61 0.56
C GLU A 325 -6.00 43.18 1.48
N ASN A 326 -6.48 44.40 1.17
CA ASN A 326 -7.49 45.07 1.96
C ASN A 326 -8.76 44.22 2.04
N LYS A 327 -9.26 43.74 0.90
CA LYS A 327 -10.41 42.84 0.87
C LYS A 327 -10.18 41.62 1.77
N ALA A 328 -9.02 40.96 1.67
CA ALA A 328 -8.76 39.75 2.45
C ALA A 328 -8.85 40.02 3.95
N ILE A 329 -8.30 41.16 4.39
CA ILE A 329 -8.33 41.55 5.79
C ILE A 329 -9.77 41.73 6.25
N LYS A 330 -10.61 42.34 5.41
CA LYS A 330 -11.98 42.63 5.81
C LYS A 330 -12.80 41.35 5.90
N HIS A 331 -12.58 40.42 4.96
CA HIS A 331 -13.33 39.18 4.96
C HIS A 331 -12.90 38.26 6.10
N LEU A 332 -11.63 38.31 6.51
CA LEU A 332 -11.14 37.41 7.53
C LEU A 332 -11.48 37.91 8.93
N PHE A 333 -11.35 39.22 9.14
CA PHE A 333 -11.43 39.77 10.48
C PHE A 333 -12.83 40.30 10.77
N LYS A 334 -13.64 40.53 9.74
CA LYS A 334 -15.03 40.94 9.92
C LYS A 334 -15.08 42.23 10.73
N ASP A 335 -15.91 42.25 11.78
CA ASP A 335 -16.07 43.43 12.63
C ASP A 335 -14.78 43.81 13.33
N HIS A 336 -13.91 42.82 13.57
CA HIS A 336 -12.66 43.06 14.28
C HIS A 336 -11.63 43.78 13.39
N ALA A 337 -11.91 43.86 12.09
CA ALA A 337 -11.06 44.62 11.18
C ALA A 337 -10.99 46.09 11.60
N TYR A 338 -12.06 46.64 12.19
CA TYR A 338 -12.09 48.04 12.57
C TYR A 338 -11.40 48.26 13.92
N ALA A 339 -11.11 47.17 14.65
CA ALA A 339 -10.43 47.27 15.93
C ALA A 339 -8.92 47.16 15.78
N LEU A 340 -8.41 46.75 14.62
CA LEU A 340 -6.98 46.50 14.49
C LEU A 340 -6.36 47.62 13.67
N ALA A 341 -5.02 47.63 13.67
CA ALA A 341 -4.26 48.56 12.85
C ALA A 341 -3.51 47.79 11.77
N VAL A 342 -3.39 48.45 10.61
CA VAL A 342 -2.71 47.91 9.45
C VAL A 342 -1.74 48.97 8.94
N SER A 343 -0.49 48.60 8.70
CA SER A 343 0.42 49.58 8.15
C SER A 343 1.36 48.91 7.17
N SER A 344 1.69 49.66 6.12
CA SER A 344 2.74 49.28 5.20
C SER A 344 3.91 50.24 5.36
N THR A 345 5.09 49.67 5.56
CA THR A 345 6.31 50.40 5.81
C THR A 345 7.07 50.61 4.49
N LYS A 346 6.44 50.25 3.36
CA LYS A 346 7.14 50.28 2.10
C LYS A 346 7.36 51.72 1.63
N GLY A 347 6.55 52.66 2.10
CA GLY A 347 6.80 54.07 1.83
C GLY A 347 8.13 54.55 2.43
N ALA A 348 8.64 53.85 3.45
CA ALA A 348 9.86 54.25 4.11
C ALA A 348 11.10 53.58 3.50
N THR A 349 10.97 52.28 3.20
CA THR A 349 12.13 51.49 2.83
C THR A 349 12.12 51.20 1.33
N GLY A 350 10.99 51.45 0.68
CA GLY A 350 10.74 50.87 -0.63
C GLY A 350 10.52 49.36 -0.52
N HIS A 351 10.38 48.72 -1.67
CA HIS A 351 10.21 47.26 -1.76
C HIS A 351 11.59 46.60 -1.84
N LEU A 352 11.97 45.89 -0.78
CA LEU A 352 13.30 45.30 -0.65
C LEU A 352 13.34 43.88 -1.23
N LEU A 353 12.34 43.51 -2.03
CA LEU A 353 12.37 42.25 -2.76
C LEU A 353 12.64 41.09 -1.81
N GLY A 354 13.69 40.31 -2.08
CA GLY A 354 14.03 39.17 -1.25
C GLY A 354 14.07 39.50 0.25
N ALA A 355 14.55 40.69 0.59
CA ALA A 355 14.67 41.08 1.99
C ALA A 355 13.37 41.64 2.56
N ALA A 356 12.38 41.97 1.71
CA ALA A 356 11.16 42.66 2.14
C ALA A 356 10.52 41.93 3.32
N GLY A 357 10.39 40.59 3.22
CA GLY A 357 9.72 39.77 4.20
C GLY A 357 10.49 39.64 5.52
N ALA A 358 11.82 39.71 5.46
CA ALA A 358 12.64 39.64 6.66
C ALA A 358 12.67 41.00 7.36
N VAL A 359 12.76 42.10 6.60
CA VAL A 359 12.77 43.42 7.21
C VAL A 359 11.43 43.71 7.88
N GLU A 360 10.32 43.28 7.25
CA GLU A 360 9.01 43.50 7.83
C GLU A 360 8.74 42.57 9.01
N ALA A 361 9.44 41.45 9.06
CA ALA A 361 9.37 40.57 10.22
C ALA A 361 10.05 41.27 11.38
N ALA A 362 11.22 41.89 11.11
CA ALA A 362 11.91 42.69 12.09
C ALA A 362 11.01 43.79 12.64
N PHE A 363 10.34 44.55 11.75
CA PHE A 363 9.50 45.66 12.16
C PHE A 363 8.30 45.18 12.96
N THR A 364 7.69 44.05 12.58
CA THR A 364 6.56 43.53 13.32
C THR A 364 7.02 43.05 14.70
N THR A 365 8.22 42.45 14.75
CA THR A 365 8.86 42.05 15.99
C THR A 365 9.01 43.24 16.93
N LEU A 366 9.59 44.35 16.44
CA LEU A 366 9.81 45.50 17.30
C LEU A 366 8.47 46.14 17.69
N ALA A 367 7.50 46.12 16.76
CA ALA A 367 6.17 46.61 17.08
C ALA A 367 5.63 45.85 18.28
N CYS A 368 6.06 44.60 18.45
CA CYS A 368 5.64 43.81 19.60
C CYS A 368 6.36 44.29 20.83
N TYR A 369 7.69 44.45 20.75
CA TYR A 369 8.51 44.71 21.93
C TYR A 369 8.08 46.01 22.61
N TYR A 370 8.06 47.08 21.84
CA TYR A 370 7.40 48.32 22.21
C TYR A 370 5.96 48.16 21.75
N GLN A 371 5.04 48.99 22.18
CA GLN A 371 3.71 48.87 21.61
C GLN A 371 3.50 50.13 20.79
N LYS A 372 4.22 50.14 19.67
CA LYS A 372 4.38 51.29 18.80
C LYS A 372 4.21 50.79 17.36
N LEU A 373 3.34 51.48 16.61
CA LEU A 373 2.98 51.06 15.26
C LEU A 373 3.55 52.05 14.26
N PRO A 374 4.42 51.59 13.31
CA PRO A 374 5.01 52.50 12.34
C PRO A 374 3.97 52.98 11.34
N PRO A 375 4.07 54.23 10.83
CA PRO A 375 3.06 54.77 9.94
C PRO A 375 3.16 54.21 8.52
N THR A 376 2.02 54.21 7.82
CA THR A 376 2.00 54.21 6.37
C THR A 376 2.22 55.65 5.88
N LEU A 377 3.33 55.89 5.17
CA LEU A 377 3.66 57.22 4.70
C LEU A 377 2.82 57.61 3.48
N ASN A 378 2.71 58.94 3.30
CA ASN A 378 2.16 59.57 2.13
C ASN A 378 0.65 59.37 1.99
N LEU A 379 0.01 58.81 3.03
CA LEU A 379 -1.40 58.50 2.97
C LEU A 379 -2.22 59.70 3.44
N ASP A 380 -2.22 60.75 2.63
CA ASP A 380 -2.89 62.00 2.97
C ASP A 380 -4.38 61.90 2.62
N CYS A 381 -4.68 61.07 1.62
CA CYS A 381 -6.00 60.96 1.02
C CYS A 381 -6.37 59.48 0.89
N SER A 382 -7.65 59.11 1.10
CA SER A 382 -8.05 57.71 1.17
C SER A 382 -9.42 57.50 0.53
N GLU A 383 -9.58 56.40 -0.20
CA GLU A 383 -10.84 56.06 -0.84
C GLU A 383 -11.75 55.36 0.15
N PRO A 384 -13.09 55.41 -0.06
CA PRO A 384 -14.05 54.71 0.82
C PRO A 384 -13.81 53.21 1.01
N GLU A 385 -13.35 52.52 -0.04
CA GLU A 385 -13.04 51.10 0.03
C GLU A 385 -11.98 50.85 1.12
N PHE A 386 -11.01 51.75 1.25
CA PHE A 386 -9.99 51.65 2.28
C PHE A 386 -10.41 52.43 3.52
N ASP A 387 -11.18 51.80 4.40
CA ASP A 387 -11.77 52.48 5.52
C ASP A 387 -11.29 51.93 6.86
N LEU A 388 -10.16 51.24 6.87
CA LEU A 388 -9.57 50.77 8.12
C LEU A 388 -8.57 51.79 8.65
N ASN A 389 -8.02 51.48 9.83
CA ASN A 389 -6.91 52.23 10.41
C ASN A 389 -5.59 51.76 9.80
N TYR A 390 -5.05 52.54 8.85
CA TYR A 390 -3.79 52.24 8.20
C TYR A 390 -2.65 53.01 8.85
N VAL A 391 -2.83 53.49 10.09
CA VAL A 391 -1.82 54.29 10.78
C VAL A 391 -1.30 55.34 9.81
N PRO A 392 -2.17 56.22 9.28
CA PRO A 392 -1.74 57.25 8.32
C PRO A 392 -0.77 58.28 8.89
N LEU A 393 0.36 58.49 8.20
CA LEU A 393 1.24 59.64 8.35
C LEU A 393 2.06 59.62 9.65
N LYS A 394 1.42 59.39 10.79
CA LYS A 394 2.10 59.45 12.08
C LYS A 394 1.94 58.11 12.80
N ALA A 395 3.02 57.71 13.48
CA ALA A 395 3.00 56.50 14.28
C ALA A 395 1.97 56.60 15.40
N GLN A 396 1.51 55.43 15.85
CA GLN A 396 0.48 55.31 16.88
C GLN A 396 0.98 54.38 17.98
N GLU A 397 0.67 54.73 19.23
CA GLU A 397 0.90 53.83 20.34
C GLU A 397 -0.25 52.84 20.34
N TRP A 398 0.00 51.65 20.88
CA TRP A 398 -1.03 50.63 20.93
C TRP A 398 -0.88 49.80 22.20
N LYS A 399 -1.28 50.37 23.33
CA LYS A 399 -1.17 49.65 24.60
C LYS A 399 -2.47 48.93 24.94
N THR A 400 -2.70 47.81 24.24
CA THR A 400 -3.61 46.78 24.71
C THR A 400 -3.11 46.26 26.04
N GLU A 401 -4.04 45.95 26.95
CA GLU A 401 -3.69 45.26 28.18
C GLU A 401 -3.54 43.77 27.90
N LYS A 402 -4.18 43.27 26.84
CA LYS A 402 -4.06 41.86 26.48
C LYS A 402 -2.79 41.70 25.63
N ARG A 403 -2.51 40.45 25.25
CA ARG A 403 -1.24 40.11 24.61
C ARG A 403 -1.20 40.60 23.16
N PHE A 404 -0.08 41.23 22.79
CA PHE A 404 0.03 41.92 21.53
C PHE A 404 0.44 40.91 20.47
N ILE A 405 -0.41 40.72 19.46
CA ILE A 405 -0.16 39.75 18.40
C ILE A 405 -0.27 40.42 17.03
N GLY A 406 0.77 40.25 16.20
CA GLY A 406 0.77 40.78 14.85
C GLY A 406 0.87 39.68 13.78
N LEU A 407 0.38 40.01 12.59
CA LEU A 407 0.66 39.29 11.38
C LEU A 407 1.55 40.16 10.49
N THR A 408 2.43 39.52 9.70
CA THR A 408 3.12 40.21 8.63
C THR A 408 2.96 39.38 7.36
N ASN A 409 2.55 40.03 6.28
CA ASN A 409 2.23 39.37 5.02
C ASN A 409 3.32 39.60 3.99
N SER A 410 3.56 38.57 3.17
CA SER A 410 4.40 38.68 1.99
C SER A 410 3.72 37.97 0.83
N PHE A 411 3.40 38.75 -0.20
CA PHE A 411 2.85 38.19 -1.43
C PHE A 411 3.89 38.35 -2.53
N GLY A 412 4.03 37.31 -3.36
CA GLY A 412 5.00 37.32 -4.44
C GLY A 412 4.33 37.09 -5.79
N PHE A 413 5.13 37.26 -6.84
CA PHE A 413 4.71 36.92 -8.19
C PHE A 413 4.44 35.41 -8.22
N GLY A 414 3.54 35.00 -9.12
CA GLY A 414 3.16 33.59 -9.22
C GLY A 414 1.96 33.28 -8.33
N GLY A 415 1.60 34.23 -7.46
CA GLY A 415 0.45 34.07 -6.59
C GLY A 415 0.80 33.39 -5.28
N THR A 416 2.09 33.33 -4.93
CA THR A 416 2.53 32.73 -3.69
C THR A 416 2.34 33.73 -2.53
N ASN A 417 1.69 33.27 -1.46
CA ASN A 417 1.46 34.10 -0.28
C ASN A 417 2.12 33.48 0.96
N ALA A 418 2.66 34.33 1.85
CA ALA A 418 3.19 33.87 3.13
C ALA A 418 2.80 34.82 4.24
N THR A 419 2.52 34.24 5.42
CA THR A 419 2.18 35.03 6.59
C THR A 419 2.88 34.45 7.81
N LEU A 420 3.46 35.35 8.63
CA LEU A 420 4.03 35.01 9.92
C LEU A 420 3.18 35.64 11.01
N CYS A 421 2.95 34.87 12.07
CA CYS A 421 2.24 35.38 13.23
C CYS A 421 3.22 35.54 14.38
N ILE A 422 3.43 36.80 14.81
CA ILE A 422 4.44 37.17 15.80
C ILE A 422 3.78 37.87 16.97
N ALA A 423 4.29 37.65 18.19
CA ALA A 423 3.59 38.04 19.40
C ALA A 423 4.58 38.57 20.44
N GLY A 424 4.17 39.60 21.17
CA GLY A 424 4.86 39.98 22.40
C GLY A 424 4.73 38.86 23.42
N LEU A 425 5.68 38.77 24.33
CA LEU A 425 5.79 37.57 25.14
C LEU A 425 4.63 37.52 26.17
N ARG B 5 2.70 16.01 19.47
CA ARG B 5 1.29 16.30 19.06
C ARG B 5 0.77 15.08 18.27
N LEU B 6 1.17 14.99 16.99
CA LEU B 6 0.77 13.93 16.10
C LEU B 6 1.90 13.74 15.10
N HIS B 7 1.93 12.61 14.37
CA HIS B 7 2.81 12.48 13.22
C HIS B 7 2.10 11.63 12.16
N ARG B 8 1.85 12.27 11.01
CA ARG B 8 1.22 11.66 9.84
C ARG B 8 2.34 11.12 8.95
N ARG B 9 2.07 10.01 8.26
CA ARG B 9 3.07 9.41 7.38
C ARG B 9 2.95 9.99 5.97
N VAL B 10 4.05 9.98 5.22
CA VAL B 10 4.11 10.62 3.91
C VAL B 10 4.67 9.64 2.89
N VAL B 11 3.99 9.55 1.74
CA VAL B 11 4.37 8.58 0.72
C VAL B 11 4.48 9.28 -0.63
N ILE B 12 5.17 8.61 -1.55
CA ILE B 12 5.33 9.10 -2.91
C ILE B 12 4.41 8.30 -3.86
N THR B 13 3.58 9.02 -4.63
CA THR B 13 2.53 8.39 -5.43
C THR B 13 2.67 8.75 -6.91
N GLY B 14 3.61 9.62 -7.27
CA GLY B 14 3.80 10.04 -8.64
C GLY B 14 5.23 10.48 -8.89
N ILE B 15 5.73 10.14 -10.07
CA ILE B 15 7.08 10.46 -10.49
C ILE B 15 7.04 10.96 -11.92
N GLY B 16 7.67 12.10 -12.17
CA GLY B 16 7.79 12.64 -13.51
C GLY B 16 9.24 12.94 -13.80
N LEU B 17 9.78 12.40 -14.90
CA LEU B 17 11.19 12.48 -15.19
C LEU B 17 11.41 13.03 -16.59
N VAL B 18 12.21 14.09 -16.67
CA VAL B 18 12.75 14.63 -17.90
C VAL B 18 14.26 14.70 -17.73
N THR B 19 14.98 13.72 -18.28
CA THR B 19 16.39 13.53 -17.95
C THR B 19 17.19 13.33 -19.22
N PRO B 20 18.54 13.37 -19.13
CA PRO B 20 19.42 12.91 -20.20
C PRO B 20 19.22 11.46 -20.65
N LEU B 21 18.54 10.64 -19.84
CA LEU B 21 18.25 9.27 -20.24
C LEU B 21 16.95 9.20 -21.03
N GLY B 22 16.20 10.31 -21.07
CA GLY B 22 14.92 10.37 -21.77
C GLY B 22 13.82 10.77 -20.80
N VAL B 23 12.57 10.52 -21.19
CA VAL B 23 11.39 11.02 -20.49
C VAL B 23 10.43 9.86 -20.22
N GLY B 24 9.86 9.84 -19.01
CA GLY B 24 8.89 8.81 -18.64
C GLY B 24 9.48 7.85 -17.62
N THR B 25 8.66 7.44 -16.64
CA THR B 25 9.16 6.80 -15.43
C THR B 25 9.72 5.43 -15.76
N HIS B 26 8.89 4.54 -16.32
CA HIS B 26 9.32 3.21 -16.73
C HIS B 26 10.57 3.28 -17.61
N LEU B 27 10.53 4.12 -18.66
CA LEU B 27 11.58 4.14 -19.66
C LEU B 27 12.91 4.55 -19.05
N VAL B 28 12.91 5.65 -18.29
CA VAL B 28 14.14 6.19 -17.72
C VAL B 28 14.74 5.18 -16.75
N TRP B 29 13.91 4.56 -15.92
CA TRP B 29 14.38 3.56 -14.99
C TRP B 29 14.99 2.37 -15.71
N ASP B 30 14.33 1.89 -16.76
CA ASP B 30 14.81 0.73 -17.51
C ASP B 30 16.18 1.05 -18.11
N ARG B 31 16.37 2.26 -18.64
CA ARG B 31 17.66 2.63 -19.21
C ARG B 31 18.72 2.75 -18.12
N LEU B 32 18.34 3.29 -16.97
CA LEU B 32 19.24 3.48 -15.86
C LEU B 32 19.78 2.13 -15.37
N ILE B 33 18.87 1.18 -15.12
CA ILE B 33 19.22 -0.16 -14.68
C ILE B 33 20.05 -0.89 -15.73
N GLY B 34 19.79 -0.60 -17.02
CA GLY B 34 20.47 -1.24 -18.13
C GLY B 34 21.88 -0.69 -18.38
N GLY B 35 22.28 0.36 -17.66
CA GLY B 35 23.64 0.88 -17.73
C GLY B 35 23.83 1.94 -18.82
N GLU B 36 22.75 2.57 -19.29
CA GLU B 36 22.82 3.60 -20.33
C GLU B 36 23.27 4.92 -19.73
N SER B 37 23.73 5.84 -20.59
CA SER B 37 24.15 7.18 -20.20
C SER B 37 23.70 8.21 -21.23
N GLY B 38 23.48 9.44 -20.77
CA GLY B 38 23.11 10.55 -21.62
C GLY B 38 24.26 11.53 -21.86
N ILE B 39 25.48 11.17 -21.45
CA ILE B 39 26.61 12.09 -21.58
C ILE B 39 27.10 12.04 -23.03
N VAL B 40 27.23 13.21 -23.66
CA VAL B 40 27.55 13.28 -25.08
C VAL B 40 28.59 14.38 -25.31
N SER B 41 29.12 14.43 -26.53
CA SER B 41 30.13 15.42 -26.87
C SER B 41 29.46 16.75 -27.14
N LEU B 42 30.11 17.84 -26.73
CA LEU B 42 29.68 19.19 -27.09
C LEU B 42 30.06 19.43 -28.54
N VAL B 43 29.14 20.07 -29.27
CA VAL B 43 29.28 20.37 -30.68
C VAL B 43 28.83 21.82 -30.86
N GLY B 44 29.59 22.58 -31.66
CA GLY B 44 29.27 23.98 -31.90
C GLY B 44 30.52 24.85 -31.81
N GLU B 45 30.51 25.95 -32.56
CA GLU B 45 31.64 26.86 -32.60
C GLU B 45 31.67 27.68 -31.32
N GLU B 46 30.50 27.88 -30.69
CA GLU B 46 30.42 28.73 -29.51
C GLU B 46 31.04 28.03 -28.28
N TYR B 47 31.24 26.71 -28.34
CA TYR B 47 31.84 25.98 -27.24
C TYR B 47 33.34 25.76 -27.44
N LYS B 48 33.91 26.24 -28.56
CA LYS B 48 35.35 26.16 -28.74
C LYS B 48 35.97 27.18 -27.80
N SER B 49 37.20 26.92 -27.34
CA SER B 49 37.87 27.80 -26.40
C SER B 49 37.43 27.49 -24.96
N ILE B 50 36.54 26.52 -24.76
CA ILE B 50 36.25 26.06 -23.41
C ILE B 50 36.95 24.72 -23.18
N PRO B 51 37.62 24.55 -22.02
CA PRO B 51 38.29 23.29 -21.68
C PRO B 51 37.40 22.04 -21.66
N CYS B 52 36.17 22.22 -21.19
CA CYS B 52 35.22 21.12 -21.17
C CYS B 52 34.70 20.85 -22.59
N SER B 53 34.31 19.59 -22.86
CA SER B 53 33.79 19.25 -24.17
C SER B 53 32.69 18.19 -24.09
N VAL B 54 32.14 17.95 -22.90
CA VAL B 54 31.02 17.03 -22.77
C VAL B 54 29.91 17.64 -21.92
N ALA B 55 28.68 17.13 -22.11
CA ALA B 55 27.51 17.55 -21.36
C ALA B 55 26.45 16.49 -21.52
N ALA B 56 25.38 16.57 -20.73
CA ALA B 56 24.26 15.64 -20.82
C ALA B 56 22.98 16.42 -21.04
N TYR B 57 22.36 16.16 -22.18
CA TYR B 57 21.17 16.89 -22.59
C TYR B 57 19.97 15.97 -22.61
N VAL B 58 18.80 16.54 -22.35
CA VAL B 58 17.54 15.85 -22.57
C VAL B 58 17.36 15.61 -24.06
N PRO B 59 17.11 14.37 -24.53
CA PRO B 59 16.85 14.13 -25.95
C PRO B 59 15.49 14.70 -26.36
N ARG B 60 15.51 15.50 -27.43
CA ARG B 60 14.36 16.23 -27.92
C ARG B 60 13.86 15.54 -29.20
N GLY B 61 12.54 15.55 -29.38
CA GLY B 61 11.94 15.00 -30.58
C GLY B 61 10.58 14.39 -30.28
N SER B 62 10.11 13.51 -31.17
CA SER B 62 8.74 13.02 -31.13
C SER B 62 8.69 11.52 -30.92
N ASP B 63 9.83 10.83 -31.00
CA ASP B 63 9.91 9.41 -30.69
C ASP B 63 9.66 9.21 -29.19
N GLU B 64 9.45 7.95 -28.79
CA GLU B 64 9.09 7.67 -27.41
C GLU B 64 10.33 7.85 -26.55
N GLY B 65 10.15 8.55 -25.42
CA GLY B 65 11.24 8.83 -24.53
C GLY B 65 11.99 10.11 -24.89
N GLN B 66 11.53 10.82 -25.93
CA GLN B 66 12.10 12.12 -26.26
C GLN B 66 11.17 13.20 -25.72
N PHE B 67 11.75 14.34 -25.34
CA PHE B 67 11.00 15.45 -24.80
C PHE B 67 10.49 16.32 -25.95
N ASN B 68 9.18 16.53 -25.96
CA ASN B 68 8.52 17.36 -26.93
C ASN B 68 7.78 18.47 -26.19
N GLU B 69 8.33 19.69 -26.22
CA GLU B 69 7.76 20.82 -25.50
C GLU B 69 6.26 20.97 -25.79
N GLN B 70 5.87 20.69 -27.03
CA GLN B 70 4.54 20.96 -27.53
C GLN B 70 3.49 20.08 -26.87
N ASN B 71 3.88 18.89 -26.40
CA ASN B 71 2.95 17.99 -25.72
C ASN B 71 2.56 18.54 -24.34
N PHE B 72 3.28 19.53 -23.82
CA PHE B 72 3.07 19.98 -22.45
C PHE B 72 2.67 21.45 -22.38
N VAL B 73 3.13 22.28 -23.33
CA VAL B 73 2.88 23.71 -23.24
C VAL B 73 2.37 24.19 -24.60
N SER B 74 1.56 25.24 -24.61
CA SER B 74 1.02 25.81 -25.84
C SER B 74 2.10 26.63 -26.56
N LYS B 75 1.84 26.99 -27.81
CA LYS B 75 2.79 27.75 -28.62
C LYS B 75 3.06 29.15 -28.06
N SER B 76 2.01 29.76 -27.46
CA SER B 76 2.14 31.06 -26.80
C SER B 76 3.09 30.97 -25.60
N ASP B 77 2.98 29.87 -24.86
CA ASP B 77 3.74 29.67 -23.64
C ASP B 77 5.22 29.46 -23.97
N ILE B 78 5.51 28.78 -25.08
CA ILE B 78 6.87 28.37 -25.39
C ILE B 78 7.77 29.60 -25.51
N LYS B 79 7.26 30.65 -26.15
CA LYS B 79 8.06 31.86 -26.34
C LYS B 79 8.16 32.63 -25.02
N SER B 80 7.11 32.59 -24.19
CA SER B 80 7.02 33.42 -23.01
C SER B 80 8.00 32.97 -21.92
N MET B 81 8.34 31.68 -21.83
CA MET B 81 9.03 31.19 -20.63
C MET B 81 10.28 30.39 -20.96
N SER B 82 11.17 30.27 -19.97
CA SER B 82 12.49 29.69 -20.12
C SER B 82 12.43 28.17 -20.33
N SER B 83 13.54 27.62 -20.83
CA SER B 83 13.69 26.18 -21.01
C SER B 83 13.48 25.40 -19.71
N PRO B 84 14.07 25.78 -18.56
CA PRO B 84 13.85 25.08 -17.28
C PRO B 84 12.40 25.05 -16.81
N THR B 85 11.68 26.14 -17.11
CA THR B 85 10.30 26.23 -16.70
C THR B 85 9.48 25.21 -17.49
N ILE B 86 9.76 25.07 -18.78
CA ILE B 86 9.02 24.18 -19.66
C ILE B 86 9.28 22.74 -19.25
N MET B 87 10.52 22.40 -18.94
CA MET B 87 10.85 21.07 -18.44
C MET B 87 10.11 20.78 -17.14
N ALA B 88 10.02 21.76 -16.24
CA ALA B 88 9.37 21.56 -14.96
C ALA B 88 7.87 21.33 -15.15
N ILE B 89 7.25 22.06 -16.07
CA ILE B 89 5.85 21.88 -16.39
C ILE B 89 5.67 20.47 -16.97
N GLY B 90 6.61 20.03 -17.80
CA GLY B 90 6.57 18.71 -18.38
C GLY B 90 6.63 17.62 -17.32
N ALA B 91 7.64 17.71 -16.46
CA ALA B 91 7.86 16.70 -15.42
C ALA B 91 6.66 16.65 -14.49
N ALA B 92 6.01 17.80 -14.26
CA ALA B 92 4.88 17.93 -13.35
C ALA B 92 3.64 17.31 -13.98
N GLU B 93 3.39 17.57 -15.25
CA GLU B 93 2.30 16.95 -15.96
C GLU B 93 2.44 15.43 -15.84
N LEU B 94 3.63 14.91 -16.16
CA LEU B 94 3.88 13.48 -16.11
C LEU B 94 3.71 12.94 -14.69
N ALA B 95 4.16 13.71 -13.70
CA ALA B 95 4.10 13.26 -12.31
C ALA B 95 2.64 13.15 -11.84
N MET B 96 1.81 14.10 -12.24
CA MET B 96 0.45 14.14 -11.75
C MET B 96 -0.37 13.09 -12.49
N LYS B 97 -0.08 12.91 -13.78
CA LYS B 97 -0.71 11.84 -14.52
C LYS B 97 -0.30 10.51 -13.87
N ASP B 98 0.97 10.34 -13.49
CA ASP B 98 1.43 9.11 -12.86
C ASP B 98 0.78 8.89 -11.49
N SER B 99 0.32 9.98 -10.88
CA SER B 99 -0.26 9.93 -9.56
C SER B 99 -1.75 9.65 -9.63
N GLY B 100 -2.38 10.08 -10.72
CA GLY B 100 -3.83 10.01 -10.85
C GLY B 100 -4.55 11.01 -9.97
N TRP B 101 -3.90 12.13 -9.64
CA TRP B 101 -4.47 13.12 -8.74
C TRP B 101 -4.84 14.37 -9.56
N HIS B 102 -6.15 14.60 -9.73
CA HIS B 102 -6.67 15.74 -10.44
C HIS B 102 -7.67 16.45 -9.54
N PRO B 103 -7.21 17.43 -8.74
CA PRO B 103 -8.08 18.08 -7.77
C PRO B 103 -9.11 18.96 -8.50
N GLN B 104 -10.39 18.70 -8.22
CA GLN B 104 -11.48 19.41 -8.87
C GLN B 104 -12.20 20.26 -7.84
N SER B 105 -12.50 19.62 -6.70
CA SER B 105 -13.12 20.27 -5.55
C SER B 105 -12.19 21.34 -4.98
N GLU B 106 -12.78 22.37 -4.36
CA GLU B 106 -12.03 23.43 -3.70
C GLU B 106 -11.21 22.81 -2.58
N ALA B 107 -11.82 21.91 -1.80
CA ALA B 107 -11.14 21.33 -0.65
C ALA B 107 -9.88 20.60 -1.10
N ASP B 108 -9.93 19.95 -2.26
CA ASP B 108 -8.78 19.18 -2.74
C ASP B 108 -7.70 20.11 -3.29
N GLN B 109 -8.10 21.26 -3.81
CA GLN B 109 -7.16 22.22 -4.36
C GLN B 109 -6.36 22.92 -3.26
N VAL B 110 -7.01 23.26 -2.14
CA VAL B 110 -6.34 23.91 -1.03
C VAL B 110 -5.48 22.91 -0.26
N ALA B 111 -5.76 21.63 -0.46
CA ALA B 111 -4.99 20.57 0.15
C ALA B 111 -3.71 20.30 -0.63
N THR B 112 -3.58 20.87 -1.84
CA THR B 112 -2.50 20.48 -2.72
C THR B 112 -1.61 21.68 -3.00
N GLY B 113 -0.34 21.60 -2.61
CA GLY B 113 0.63 22.65 -2.85
C GLY B 113 1.70 22.24 -3.87
N VAL B 114 2.65 23.17 -4.11
CA VAL B 114 3.73 23.02 -5.06
C VAL B 114 5.03 23.46 -4.40
N ALA B 115 6.10 22.73 -4.71
CA ALA B 115 7.43 23.09 -4.26
C ALA B 115 8.39 22.71 -5.36
N ILE B 116 8.51 23.57 -6.37
CA ILE B 116 9.43 23.30 -7.47
C ILE B 116 10.43 24.44 -7.57
N GLY B 117 11.69 24.07 -7.38
CA GLY B 117 12.79 25.01 -7.43
C GLY B 117 13.55 24.93 -8.74
N MET B 118 14.48 25.86 -8.89
CA MET B 118 15.34 25.99 -10.04
C MET B 118 16.70 26.28 -9.45
N GLY B 119 17.76 25.63 -9.90
CA GLY B 119 19.06 25.81 -9.26
C GLY B 119 19.67 27.17 -9.60
N MET B 120 19.56 27.54 -10.87
CA MET B 120 20.26 28.71 -11.38
C MET B 120 19.47 29.32 -12.52
N ILE B 121 19.51 30.65 -12.63
CA ILE B 121 18.82 31.30 -13.73
C ILE B 121 19.67 31.10 -14.98
N PRO B 122 19.07 31.03 -16.18
CA PRO B 122 19.85 30.76 -17.39
C PRO B 122 20.51 32.05 -17.81
N LEU B 123 21.84 32.03 -17.88
CA LEU B 123 22.62 33.26 -18.02
C LEU B 123 22.38 33.88 -19.39
N GLU B 124 22.06 33.04 -20.37
CA GLU B 124 21.91 33.48 -21.75
C GLU B 124 20.77 34.48 -21.90
N VAL B 125 19.65 34.26 -21.20
CA VAL B 125 18.52 35.18 -21.34
C VAL B 125 18.91 36.56 -20.79
N VAL B 126 19.70 36.57 -19.72
CA VAL B 126 20.19 37.82 -19.13
C VAL B 126 21.10 38.53 -20.14
N SER B 127 22.01 37.79 -20.80
CA SER B 127 23.00 38.42 -21.63
C SER B 127 22.34 38.96 -22.91
N GLU B 128 21.41 38.20 -23.47
CA GLU B 128 20.72 38.59 -24.69
C GLU B 128 19.83 39.82 -24.44
N THR B 129 19.14 39.84 -23.30
CA THR B 129 18.31 40.99 -22.96
C THR B 129 19.20 42.20 -22.70
N ALA B 130 20.36 41.99 -22.07
CA ALA B 130 21.25 43.09 -21.69
C ALA B 130 21.76 43.80 -22.94
N LEU B 131 22.19 42.99 -23.92
CA LEU B 131 22.76 43.52 -25.14
C LEU B 131 21.67 44.19 -25.96
N ASN B 132 20.45 43.63 -25.92
CA ASN B 132 19.30 44.18 -26.62
C ASN B 132 18.91 45.54 -26.02
N PHE B 133 19.08 45.72 -24.71
CA PHE B 133 18.75 46.97 -24.04
C PHE B 133 19.79 48.04 -24.37
N GLN B 134 21.07 47.64 -24.46
CA GLN B 134 22.14 48.57 -24.79
C GLN B 134 21.99 49.06 -26.24
N THR B 135 21.81 48.12 -27.17
CA THR B 135 21.78 48.40 -28.60
C THR B 135 20.51 49.18 -28.92
N LYS B 136 19.36 48.61 -28.61
CA LYS B 136 18.09 48.98 -29.22
C LYS B 136 17.20 49.79 -28.27
N GLY B 137 17.50 49.80 -26.97
CA GLY B 137 16.85 50.67 -26.01
C GLY B 137 15.73 49.98 -25.24
N TYR B 138 15.05 50.77 -24.39
CA TYR B 138 14.08 50.28 -23.43
C TYR B 138 12.85 49.69 -24.12
N ASN B 139 12.45 50.32 -25.24
CA ASN B 139 11.18 50.00 -25.88
C ASN B 139 11.23 48.64 -26.58
N LYS B 140 12.43 48.05 -26.72
CA LYS B 140 12.57 46.75 -27.36
C LYS B 140 12.75 45.64 -26.32
N VAL B 141 12.76 45.99 -25.03
CA VAL B 141 12.93 45.01 -23.97
C VAL B 141 11.60 44.27 -23.78
N SER B 142 11.67 42.95 -23.78
CA SER B 142 10.51 42.11 -23.55
C SER B 142 9.97 42.31 -22.13
N PRO B 143 8.63 42.33 -21.95
CA PRO B 143 8.06 42.36 -20.60
C PRO B 143 8.14 41.03 -19.89
N PHE B 144 8.46 39.98 -20.63
CA PHE B 144 8.60 38.63 -20.07
C PHE B 144 10.01 38.40 -19.55
N PHE B 145 10.85 39.44 -19.57
CA PHE B 145 12.22 39.29 -19.15
C PHE B 145 12.30 38.90 -17.68
N VAL B 146 11.64 39.65 -16.81
CA VAL B 146 11.76 39.40 -15.38
C VAL B 146 11.09 38.07 -15.04
N PRO B 147 9.85 37.78 -15.49
CA PRO B 147 9.28 36.44 -15.33
C PRO B 147 10.18 35.25 -15.70
N LYS B 148 11.01 35.41 -16.73
CA LYS B 148 11.89 34.35 -17.19
C LYS B 148 13.12 34.17 -16.32
N ILE B 149 13.38 35.06 -15.35
CA ILE B 149 14.55 34.90 -14.50
C ILE B 149 14.15 34.60 -13.07
N LEU B 150 12.84 34.54 -12.78
CA LEU B 150 12.39 34.28 -11.43
C LEU B 150 12.30 32.79 -11.22
N VAL B 151 12.68 32.33 -10.02
CA VAL B 151 12.88 30.92 -9.75
C VAL B 151 11.55 30.21 -9.52
N ASN B 152 10.53 30.99 -9.11
CA ASN B 152 9.27 30.40 -8.71
C ASN B 152 8.25 30.45 -9.85
N MET B 153 8.69 30.74 -11.08
CA MET B 153 7.79 30.79 -12.22
C MET B 153 7.28 29.39 -12.55
N ALA B 154 8.15 28.38 -12.38
CA ALA B 154 7.79 26.99 -12.60
C ALA B 154 6.62 26.62 -11.70
N ALA B 155 6.82 26.82 -10.38
CA ALA B 155 5.80 26.51 -9.39
C ALA B 155 4.52 27.29 -9.72
N GLY B 156 4.69 28.55 -10.13
CA GLY B 156 3.56 29.38 -10.48
C GLY B 156 2.73 28.77 -11.59
N GLN B 157 3.40 28.34 -12.67
CA GLN B 157 2.73 27.81 -13.85
C GLN B 157 2.04 26.50 -13.54
N VAL B 158 2.71 25.64 -12.77
CA VAL B 158 2.12 24.36 -12.42
C VAL B 158 0.87 24.62 -11.59
N SER B 159 1.01 25.49 -10.58
CA SER B 159 -0.08 25.82 -9.66
C SER B 159 -1.32 26.29 -10.44
N ILE B 160 -1.14 27.18 -11.42
CA ILE B 160 -2.25 27.65 -12.22
C ILE B 160 -2.89 26.52 -13.02
N ARG B 161 -2.09 25.71 -13.71
CA ARG B 161 -2.61 24.73 -14.64
CA ARG B 161 -2.61 24.71 -14.64
C ARG B 161 -3.38 23.62 -13.91
N TYR B 162 -2.92 23.22 -12.73
CA TYR B 162 -3.56 22.11 -12.05
C TYR B 162 -4.42 22.58 -10.89
N LYS B 163 -4.59 23.91 -10.75
CA LYS B 163 -5.38 24.51 -9.69
C LYS B 163 -4.90 24.11 -8.30
N LEU B 164 -3.62 24.36 -8.01
CA LEU B 164 -3.04 23.97 -6.73
C LEU B 164 -2.96 25.16 -5.78
N LYS B 165 -3.84 25.17 -4.77
CA LYS B 165 -4.05 26.34 -3.94
C LYS B 165 -3.42 26.16 -2.54
N GLY B 166 -2.70 25.05 -2.33
CA GLY B 166 -2.05 24.82 -1.06
C GLY B 166 -0.70 25.55 -0.99
N PRO B 167 0.11 25.27 0.05
CA PRO B 167 1.45 25.83 0.18
C PRO B 167 2.20 25.92 -1.13
N ASN B 168 2.67 27.12 -1.47
CA ASN B 168 3.56 27.32 -2.60
C ASN B 168 4.93 27.67 -2.04
N HIS B 169 5.97 26.98 -2.54
CA HIS B 169 7.29 27.07 -1.94
C HIS B 169 8.35 26.78 -3.00
N ALA B 170 8.78 27.79 -3.72
CA ALA B 170 9.96 27.70 -4.58
C ALA B 170 11.22 27.96 -3.75
N VAL B 171 12.29 27.25 -4.03
CA VAL B 171 13.53 27.53 -3.35
C VAL B 171 14.64 27.36 -4.38
N SER B 172 15.77 28.03 -4.18
CA SER B 172 16.88 27.88 -5.09
C SER B 172 18.14 27.79 -4.25
N THR B 173 18.76 26.62 -4.26
CA THR B 173 19.86 26.35 -3.35
C THR B 173 20.97 25.74 -4.19
N ALA B 174 21.01 26.15 -5.47
CA ALA B 174 21.95 25.56 -6.42
C ALA B 174 21.77 24.04 -6.42
N CYS B 175 22.80 23.30 -6.01
CA CYS B 175 22.87 21.86 -6.26
C CYS B 175 21.98 21.06 -5.29
N THR B 176 21.36 21.71 -4.29
CA THR B 176 20.57 20.98 -3.32
C THR B 176 19.08 21.27 -3.47
N THR B 177 18.71 22.00 -4.54
CA THR B 177 17.35 22.51 -4.67
C THR B 177 16.35 21.36 -4.58
N GLY B 178 16.55 20.35 -5.42
CA GLY B 178 15.62 19.23 -5.53
C GLY B 178 15.42 18.50 -4.19
N ALA B 179 16.50 18.34 -3.42
CA ALA B 179 16.41 17.67 -2.13
C ALA B 179 15.58 18.51 -1.16
N HIS B 180 15.86 19.82 -1.08
CA HIS B 180 15.12 20.70 -0.18
C HIS B 180 13.64 20.74 -0.58
N ALA B 181 13.36 20.74 -1.88
CA ALA B 181 11.99 20.78 -2.33
C ALA B 181 11.23 19.58 -1.78
N VAL B 182 11.84 18.39 -1.83
CA VAL B 182 11.16 17.18 -1.41
C VAL B 182 11.10 17.11 0.12
N GLY B 183 12.20 17.40 0.79
CA GLY B 183 12.24 17.38 2.24
C GLY B 183 11.24 18.36 2.86
N ASP B 184 11.18 19.59 2.34
CA ASP B 184 10.31 20.61 2.91
C ASP B 184 8.85 20.23 2.70
N SER B 185 8.54 19.71 1.51
CA SER B 185 7.24 19.18 1.18
C SER B 185 6.85 18.08 2.17
N PHE B 186 7.77 17.17 2.45
CA PHE B 186 7.55 16.13 3.44
C PHE B 186 7.16 16.76 4.78
N ARG B 187 7.93 17.76 5.23
CA ARG B 187 7.69 18.41 6.50
C ARG B 187 6.32 19.09 6.51
N PHE B 188 5.97 19.76 5.41
CA PHE B 188 4.72 20.46 5.33
C PHE B 188 3.56 19.48 5.47
N ILE B 189 3.68 18.30 4.82
CA ILE B 189 2.59 17.33 4.86
C ILE B 189 2.55 16.72 6.25
N ALA B 190 3.73 16.38 6.81
CA ALA B 190 3.80 15.74 8.12
C ALA B 190 3.16 16.64 9.17
N HIS B 191 3.23 17.96 8.95
CA HIS B 191 2.83 18.94 9.94
C HIS B 191 1.35 19.30 9.83
N GLY B 192 0.72 19.02 8.69
CA GLY B 192 -0.71 19.20 8.51
C GLY B 192 -1.07 20.38 7.59
N ASP B 193 -0.06 21.01 6.97
CA ASP B 193 -0.25 22.20 6.16
C ASP B 193 -0.85 21.84 4.80
N ALA B 194 -0.59 20.63 4.32
CA ALA B 194 -1.13 20.14 3.06
C ALA B 194 -1.30 18.62 3.13
N ASP B 195 -2.14 18.08 2.24
CA ASP B 195 -2.34 16.65 2.10
C ASP B 195 -1.52 16.11 0.93
N VAL B 196 -1.22 16.97 -0.04
CA VAL B 196 -0.50 16.61 -1.24
C VAL B 196 0.46 17.74 -1.57
N MET B 197 1.66 17.39 -2.03
CA MET B 197 2.64 18.35 -2.49
C MET B 197 3.26 17.82 -3.78
N VAL B 198 3.33 18.69 -4.78
CA VAL B 198 4.02 18.42 -6.03
C VAL B 198 5.38 19.09 -5.93
N ALA B 199 6.43 18.27 -5.83
CA ALA B 199 7.74 18.74 -5.43
C ALA B 199 8.80 18.33 -6.45
N GLY B 200 9.77 19.20 -6.71
CA GLY B 200 10.94 18.79 -7.45
C GLY B 200 11.87 19.94 -7.82
N GLY B 201 12.69 19.67 -8.85
CA GLY B 201 13.72 20.58 -9.29
C GLY B 201 13.85 20.58 -10.81
N THR B 202 14.36 21.69 -11.34
CA THR B 202 14.64 21.79 -12.76
C THR B 202 15.92 22.61 -12.95
N ASP B 203 16.73 22.18 -13.91
CA ASP B 203 17.85 22.99 -14.35
C ASP B 203 18.14 22.73 -15.83
N SER B 204 18.27 23.81 -16.57
CA SER B 204 18.72 23.75 -17.96
C SER B 204 19.51 25.02 -18.23
N CYS B 205 20.78 25.01 -17.83
CA CYS B 205 21.63 26.18 -17.94
C CYS B 205 22.95 25.80 -18.60
N ILE B 206 22.92 24.81 -19.49
CA ILE B 206 24.09 24.45 -20.27
C ILE B 206 24.21 25.51 -21.35
N SER B 207 25.26 26.32 -21.25
CA SER B 207 25.46 27.42 -22.17
C SER B 207 26.94 27.72 -22.20
N PRO B 208 27.47 28.38 -23.25
CA PRO B 208 28.90 28.68 -23.30
C PRO B 208 29.36 29.40 -22.03
N LEU B 209 28.54 30.35 -21.59
CA LEU B 209 28.92 31.22 -20.48
C LEU B 209 28.95 30.46 -19.16
N SER B 210 28.02 29.55 -18.95
CA SER B 210 27.96 28.84 -17.68
C SER B 210 29.02 27.75 -17.64
N LEU B 211 29.20 27.04 -18.75
CA LEU B 211 30.28 26.06 -18.83
C LEU B 211 31.61 26.77 -18.64
N ALA B 212 31.76 27.95 -19.26
CA ALA B 212 32.94 28.78 -19.03
C ALA B 212 33.12 29.02 -17.53
N GLY B 213 32.05 29.45 -16.85
CA GLY B 213 32.10 29.79 -15.44
C GLY B 213 32.54 28.63 -14.57
N PHE B 214 31.98 27.44 -14.83
CA PHE B 214 32.30 26.24 -14.09
C PHE B 214 33.70 25.74 -14.45
N SER B 215 34.09 25.81 -15.74
CA SER B 215 35.42 25.41 -16.15
C SER B 215 36.46 26.24 -15.40
N ARG B 216 36.20 27.54 -15.27
CA ARG B 216 37.16 28.44 -14.71
C ARG B 216 37.35 28.12 -13.23
N ALA B 217 36.29 27.62 -12.58
CA ALA B 217 36.35 27.29 -11.17
C ALA B 217 36.94 25.90 -10.97
N ARG B 218 37.45 25.27 -12.04
CA ARG B 218 38.09 23.95 -11.99
C ARG B 218 37.09 22.84 -11.61
N ALA B 219 35.83 23.03 -11.97
CA ALA B 219 34.76 22.18 -11.45
C ALA B 219 34.46 21.01 -12.38
N LEU B 220 34.81 21.13 -13.67
CA LEU B 220 34.30 20.27 -14.73
C LEU B 220 35.39 19.32 -15.21
N SER B 221 34.99 18.10 -15.58
CA SER B 221 35.88 17.16 -16.26
C SER B 221 36.38 17.80 -17.55
N THR B 222 37.69 17.68 -17.81
CA THR B 222 38.25 18.15 -19.07
C THR B 222 38.40 17.00 -20.08
N ASN B 223 38.19 15.77 -19.61
CA ASN B 223 38.24 14.59 -20.46
C ASN B 223 37.31 14.78 -21.66
N SER B 224 37.86 14.51 -22.87
CA SER B 224 37.19 14.81 -24.13
C SER B 224 36.21 13.73 -24.55
N ASP B 225 36.15 12.62 -23.80
CA ASP B 225 35.47 11.41 -24.24
C ASP B 225 34.22 11.19 -23.38
N PRO B 226 33.00 11.32 -23.95
CA PRO B 226 31.77 11.22 -23.17
C PRO B 226 31.58 9.88 -22.47
N LYS B 227 32.25 8.84 -22.97
CA LYS B 227 32.12 7.51 -22.42
C LYS B 227 32.84 7.39 -21.08
N LEU B 228 33.85 8.23 -20.83
CA LEU B 228 34.74 8.07 -19.67
C LEU B 228 34.73 9.29 -18.76
N ALA B 229 34.16 10.41 -19.18
CA ALA B 229 34.36 11.68 -18.51
C ALA B 229 33.89 11.63 -17.06
N CYS B 230 32.75 10.98 -16.83
CA CYS B 230 32.15 10.98 -15.51
C CYS B 230 32.28 9.61 -14.85
N ARG B 231 33.09 9.54 -13.81
CA ARG B 231 33.45 8.27 -13.21
C ARG B 231 33.55 8.43 -11.70
N PRO B 232 32.38 8.46 -11.01
CA PRO B 232 32.34 8.52 -9.56
C PRO B 232 33.15 7.41 -8.89
N PHE B 233 33.93 7.79 -7.89
CA PHE B 233 34.65 6.86 -7.04
C PHE B 233 35.89 6.28 -7.74
N HIS B 234 36.08 6.59 -9.02
CA HIS B 234 37.18 6.06 -9.83
C HIS B 234 38.46 6.85 -9.57
N PRO B 235 39.65 6.22 -9.72
CA PRO B 235 40.92 6.93 -9.50
C PRO B 235 41.19 8.13 -10.40
N LYS B 236 40.65 8.15 -11.61
CA LYS B 236 41.02 9.19 -12.55
C LYS B 236 39.93 10.26 -12.67
N ARG B 237 38.98 10.28 -11.72
CA ARG B 237 37.92 11.29 -11.71
C ARG B 237 38.54 12.70 -11.65
N ASP B 238 38.01 13.63 -12.45
CA ASP B 238 38.68 14.90 -12.65
C ASP B 238 37.69 16.08 -12.71
N GLY B 239 36.48 15.91 -12.16
CA GLY B 239 35.44 16.92 -12.26
C GLY B 239 34.12 16.35 -12.76
N PHE B 240 33.04 17.11 -12.57
CA PHE B 240 31.72 16.64 -12.92
C PHE B 240 31.38 17.03 -14.36
N VAL B 241 30.30 16.46 -14.88
CA VAL B 241 29.77 16.75 -16.19
C VAL B 241 28.40 17.41 -16.02
N MET B 242 28.18 18.57 -16.65
CA MET B 242 26.94 19.32 -16.45
C MET B 242 25.81 18.70 -17.26
N GLY B 243 24.68 18.51 -16.59
CA GLY B 243 23.49 17.93 -17.20
C GLY B 243 22.28 18.86 -17.05
N GLU B 244 21.17 18.46 -17.66
CA GLU B 244 19.95 19.25 -17.59
C GLU B 244 18.77 18.29 -17.46
N GLY B 245 17.67 18.80 -16.94
CA GLY B 245 16.55 17.94 -16.65
C GLY B 245 15.65 18.50 -15.55
N ALA B 246 14.56 17.80 -15.33
CA ALA B 246 13.67 18.08 -14.23
C ALA B 246 13.10 16.76 -13.73
N ALA B 247 12.74 16.74 -12.46
CA ALA B 247 12.08 15.59 -11.87
C ALA B 247 11.05 16.14 -10.90
N VAL B 248 9.85 15.58 -10.95
CA VAL B 248 8.84 15.98 -10.01
C VAL B 248 8.27 14.76 -9.30
N LEU B 249 8.02 14.90 -8.01
CA LEU B 249 7.46 13.85 -7.18
C LEU B 249 6.15 14.36 -6.60
N VAL B 250 5.13 13.51 -6.64
CA VAL B 250 3.91 13.80 -5.89
C VAL B 250 4.07 13.11 -4.54
N LEU B 251 4.12 13.91 -3.47
CA LEU B 251 4.08 13.43 -2.10
C LEU B 251 2.66 13.60 -1.57
N GLU B 252 2.32 12.76 -0.60
CA GLU B 252 0.95 12.61 -0.19
C GLU B 252 0.88 11.98 1.18
N GLU B 253 -0.06 12.40 2.00
CA GLU B 253 -0.27 11.78 3.30
C GLU B 253 -0.75 10.34 3.07
N TYR B 254 -0.28 9.41 3.93
CA TYR B 254 -0.48 7.98 3.72
C TYR B 254 -1.96 7.63 3.61
N GLU B 255 -2.77 8.03 4.59
CA GLU B 255 -4.17 7.64 4.60
C GLU B 255 -4.89 8.23 3.40
N HIS B 256 -4.53 9.45 3.00
CA HIS B 256 -5.14 10.10 1.84
C HIS B 256 -4.90 9.27 0.59
N ALA B 257 -3.67 8.75 0.44
CA ALA B 257 -3.29 8.00 -0.75
C ALA B 257 -4.00 6.65 -0.80
N VAL B 258 -4.02 5.97 0.35
CA VAL B 258 -4.64 4.67 0.48
C VAL B 258 -6.12 4.81 0.15
N GLN B 259 -6.81 5.78 0.77
CA GLN B 259 -8.24 5.87 0.62
C GLN B 259 -8.65 6.18 -0.80
N ARG B 260 -7.80 6.86 -1.58
CA ARG B 260 -8.16 7.18 -2.95
C ARG B 260 -7.63 6.12 -3.90
N ARG B 261 -7.04 5.05 -3.36
CA ARG B 261 -6.63 3.87 -4.10
C ARG B 261 -5.49 4.24 -5.05
N ALA B 262 -4.49 4.95 -4.53
CA ALA B 262 -3.33 5.33 -5.31
C ALA B 262 -2.28 4.22 -5.26
N ARG B 263 -1.47 4.12 -6.31
CA ARG B 263 -0.29 3.27 -6.30
C ARG B 263 0.84 4.01 -5.59
N ILE B 264 1.32 3.43 -4.49
CA ILE B 264 2.36 4.02 -3.69
C ILE B 264 3.74 3.40 -4.01
N TYR B 265 4.70 4.24 -4.35
CA TYR B 265 6.06 3.78 -4.63
C TYR B 265 6.87 3.50 -3.36
N ALA B 266 6.81 4.40 -2.39
CA ALA B 266 7.68 4.36 -1.22
C ALA B 266 7.22 5.39 -0.20
N GLU B 267 7.79 5.31 1.01
CA GLU B 267 7.47 6.20 2.10
C GLU B 267 8.69 7.08 2.39
N VAL B 268 8.45 8.37 2.63
CA VAL B 268 9.48 9.30 3.08
C VAL B 268 9.49 9.27 4.61
N LEU B 269 10.64 8.92 5.17
CA LEU B 269 10.77 8.74 6.61
C LEU B 269 11.41 9.97 7.26
N GLY B 270 12.34 10.62 6.58
CA GLY B 270 13.21 11.57 7.25
C GLY B 270 13.92 12.52 6.29
N TYR B 271 14.38 13.61 6.89
CA TYR B 271 15.03 14.72 6.23
C TYR B 271 16.04 15.28 7.20
N GLY B 272 17.25 15.51 6.72
CA GLY B 272 18.29 16.14 7.53
C GLY B 272 19.06 17.16 6.71
N LEU B 273 19.59 18.15 7.41
CA LEU B 273 20.31 19.25 6.81
C LEU B 273 21.46 19.59 7.72
N SER B 274 22.55 20.03 7.12
CA SER B 274 23.73 20.41 7.88
C SER B 274 24.54 21.42 7.08
N GLY B 275 25.46 22.10 7.76
CA GLY B 275 26.45 22.92 7.10
C GLY B 275 27.85 22.43 7.44
N ASP B 276 28.77 22.50 6.46
CA ASP B 276 30.14 22.09 6.71
C ASP B 276 30.83 23.12 7.62
N ALA B 277 30.68 24.40 7.27
CA ALA B 277 31.36 25.51 7.93
C ALA B 277 32.88 25.38 7.87
N GLY B 278 33.44 24.70 6.87
CA GLY B 278 34.88 24.63 6.71
C GLY B 278 35.35 25.75 5.79
N HIS B 279 34.88 25.67 4.56
CA HIS B 279 35.36 26.47 3.45
C HIS B 279 34.26 26.49 2.39
N ILE B 280 34.43 27.31 1.33
CA ILE B 280 33.35 27.62 0.41
C ILE B 280 33.19 26.48 -0.57
N THR B 281 34.24 26.16 -1.32
CA THR B 281 34.19 25.12 -2.34
C THR B 281 34.60 23.76 -1.77
N ALA B 282 35.70 23.77 -1.02
CA ALA B 282 36.26 22.55 -0.46
C ALA B 282 35.24 21.88 0.46
N PRO B 283 34.97 20.56 0.29
CA PRO B 283 34.18 19.82 1.28
C PRO B 283 35.04 19.54 2.51
N ASP B 284 34.38 19.23 3.62
CA ASP B 284 35.05 18.87 4.87
C ASP B 284 35.84 17.60 4.59
N PRO B 285 37.18 17.59 4.69
CA PRO B 285 37.96 16.44 4.21
C PRO B 285 37.60 15.12 4.89
N GLU B 286 37.06 15.20 6.11
CA GLU B 286 36.67 14.05 6.91
C GLU B 286 35.18 13.75 6.73
N GLY B 287 34.44 14.70 6.15
CA GLY B 287 33.01 14.56 5.89
C GLY B 287 32.17 14.72 7.15
N GLU B 288 32.66 15.45 8.16
CA GLU B 288 31.90 15.87 9.33
C GLU B 288 30.49 16.35 8.96
N GLY B 289 30.37 17.14 7.88
CA GLY B 289 29.09 17.75 7.55
C GLY B 289 28.12 16.73 6.99
N ALA B 290 28.62 15.95 6.04
CA ALA B 290 27.87 14.86 5.44
C ALA B 290 27.42 13.87 6.52
N LEU B 291 28.29 13.60 7.49
CA LEU B 291 27.95 12.65 8.53
C LEU B 291 26.77 13.18 9.35
N ARG B 292 26.82 14.48 9.70
CA ARG B 292 25.83 15.07 10.58
C ARG B 292 24.46 15.09 9.91
N CYS B 293 24.41 15.42 8.62
CA CYS B 293 23.09 15.52 8.01
C CYS B 293 22.50 14.14 7.72
N MET B 294 23.33 13.15 7.35
CA MET B 294 22.87 11.77 7.29
C MET B 294 22.33 11.34 8.66
N ALA B 295 23.05 11.66 9.73
CA ALA B 295 22.60 11.23 11.05
C ALA B 295 21.29 11.93 11.40
N ALA B 296 21.17 13.22 11.05
CA ALA B 296 19.96 13.98 11.33
C ALA B 296 18.77 13.36 10.62
N ALA B 297 18.95 12.93 9.38
CA ALA B 297 17.89 12.27 8.64
C ALA B 297 17.48 10.97 9.32
N LEU B 298 18.45 10.19 9.84
CA LEU B 298 18.17 8.92 10.50
C LEU B 298 17.40 9.16 11.79
N LYS B 299 17.78 10.21 12.54
CA LYS B 299 17.08 10.56 13.77
C LYS B 299 15.63 10.97 13.48
N ASP B 300 15.44 11.78 12.43
CA ASP B 300 14.11 12.21 12.00
C ASP B 300 13.24 11.00 11.69
N ALA B 301 13.83 9.96 11.10
CA ALA B 301 13.11 8.78 10.66
C ALA B 301 12.94 7.73 11.77
N GLY B 302 13.63 7.93 12.90
CA GLY B 302 13.59 6.98 14.00
C GLY B 302 14.18 5.63 13.58
N VAL B 303 15.36 5.66 12.98
CA VAL B 303 15.99 4.51 12.37
C VAL B 303 17.47 4.51 12.76
N GLN B 304 18.01 3.32 12.99
CA GLN B 304 19.40 3.17 13.37
C GLN B 304 20.23 2.98 12.11
N PRO B 305 21.52 3.40 12.08
CA PRO B 305 22.36 3.18 10.90
C PRO B 305 22.36 1.75 10.34
N GLU B 306 22.16 0.74 11.20
CA GLU B 306 22.24 -0.67 10.79
C GLU B 306 21.02 -1.09 9.96
N GLU B 307 19.96 -0.29 9.93
CA GLU B 307 18.79 -0.60 9.12
C GLU B 307 18.91 -0.05 7.70
N ILE B 308 19.91 0.79 7.40
CA ILE B 308 20.07 1.31 6.06
C ILE B 308 20.79 0.27 5.21
N SER B 309 20.26 0.03 4.01
CA SER B 309 20.84 -0.97 3.14
C SER B 309 21.27 -0.40 1.77
N TYR B 310 20.85 0.82 1.40
CA TYR B 310 21.32 1.44 0.17
C TYR B 310 21.53 2.95 0.33
N ILE B 311 22.51 3.51 -0.38
CA ILE B 311 22.73 4.95 -0.38
C ILE B 311 22.97 5.46 -1.80
N ASN B 312 22.09 6.34 -2.27
CA ASN B 312 22.35 7.07 -3.51
C ASN B 312 23.25 8.25 -3.16
N ALA B 313 24.54 8.10 -3.47
CA ALA B 313 25.56 9.05 -3.09
C ALA B 313 25.52 10.24 -4.03
N HIS B 314 25.91 11.39 -3.49
CA HIS B 314 26.03 12.62 -4.27
C HIS B 314 27.23 12.58 -5.20
N ALA B 315 28.15 11.62 -5.02
CA ALA B 315 29.43 11.60 -5.74
C ALA B 315 29.31 12.07 -7.18
N THR B 316 30.01 13.14 -7.54
CA THR B 316 29.89 13.78 -8.85
C THR B 316 31.17 13.62 -9.66
N SER B 317 32.02 12.64 -9.32
CA SER B 317 33.29 12.42 -10.00
C SER B 317 34.28 13.56 -9.72
N THR B 318 34.38 14.01 -8.46
CA THR B 318 35.44 14.93 -8.08
C THR B 318 36.37 14.26 -7.09
N PRO B 319 37.70 14.52 -7.14
CA PRO B 319 38.66 13.95 -6.19
C PRO B 319 38.29 14.09 -4.72
N LEU B 320 38.07 15.33 -4.28
CA LEU B 320 37.92 15.61 -2.85
C LEU B 320 36.48 15.29 -2.43
N GLY B 321 35.52 15.51 -3.33
CA GLY B 321 34.11 15.33 -3.05
C GLY B 321 33.73 13.86 -2.81
N ASP B 322 34.11 12.99 -3.75
CA ASP B 322 33.81 11.57 -3.62
C ASP B 322 34.49 10.99 -2.36
N ALA B 323 35.72 11.43 -2.06
CA ALA B 323 36.44 10.94 -0.88
C ALA B 323 35.77 11.39 0.41
N ALA B 324 35.25 12.62 0.46
CA ALA B 324 34.59 13.11 1.66
C ALA B 324 33.33 12.30 1.95
N GLU B 325 32.50 12.12 0.92
CA GLU B 325 31.25 11.40 1.11
C GLU B 325 31.56 9.99 1.61
N ASN B 326 32.56 9.35 0.98
CA ASN B 326 32.96 8.01 1.32
C ASN B 326 33.40 7.91 2.78
N LYS B 327 34.26 8.83 3.22
CA LYS B 327 34.67 8.88 4.62
C LYS B 327 33.45 8.97 5.54
N ALA B 328 32.51 9.88 5.26
CA ALA B 328 31.36 10.09 6.13
C ALA B 328 30.55 8.81 6.27
N ILE B 329 30.36 8.08 5.16
CA ILE B 329 29.60 6.84 5.17
C ILE B 329 30.30 5.80 6.06
N LYS B 330 31.63 5.73 5.99
CA LYS B 330 32.35 4.73 6.75
C LYS B 330 32.29 5.04 8.24
N HIS B 331 32.37 6.33 8.62
CA HIS B 331 32.34 6.72 10.01
C HIS B 331 30.94 6.56 10.60
N LEU B 332 29.90 6.82 9.80
CA LEU B 332 28.54 6.79 10.35
C LEU B 332 28.07 5.35 10.49
N PHE B 333 28.40 4.52 9.51
CA PHE B 333 27.80 3.20 9.42
C PHE B 333 28.71 2.14 10.03
N LYS B 334 29.99 2.50 10.28
CA LYS B 334 30.91 1.62 10.99
C LYS B 334 31.03 0.30 10.22
N ASP B 335 30.89 -0.82 10.94
CA ASP B 335 31.01 -2.16 10.40
C ASP B 335 29.95 -2.42 9.34
N HIS B 336 28.78 -1.79 9.49
CA HIS B 336 27.66 -2.04 8.59
C HIS B 336 27.86 -1.32 7.26
N ALA B 337 28.87 -0.46 7.15
CA ALA B 337 29.23 0.11 5.87
C ALA B 337 29.54 -0.97 4.83
N TYR B 338 30.10 -2.12 5.27
CA TYR B 338 30.46 -3.18 4.34
C TYR B 338 29.25 -4.04 3.98
N ALA B 339 28.14 -3.89 4.71
CA ALA B 339 26.92 -4.63 4.44
C ALA B 339 26.00 -3.88 3.46
N LEU B 340 26.23 -2.59 3.21
CA LEU B 340 25.27 -1.83 2.43
C LEU B 340 25.84 -1.59 1.05
N ALA B 341 24.98 -1.08 0.16
CA ALA B 341 25.42 -0.69 -1.18
C ALA B 341 25.29 0.81 -1.36
N VAL B 342 26.19 1.34 -2.18
CA VAL B 342 26.31 2.76 -2.46
C VAL B 342 26.43 2.91 -3.96
N SER B 343 25.62 3.78 -4.56
CA SER B 343 25.80 4.01 -5.98
C SER B 343 25.55 5.49 -6.29
N SER B 344 26.30 5.97 -7.28
CA SER B 344 26.10 7.27 -7.86
C SER B 344 25.63 7.10 -9.29
N THR B 345 24.52 7.78 -9.59
CA THR B 345 23.89 7.70 -10.90
C THR B 345 24.38 8.86 -11.79
N LYS B 346 25.37 9.59 -11.32
CA LYS B 346 25.79 10.78 -12.04
C LYS B 346 26.52 10.43 -13.33
N GLY B 347 27.12 9.23 -13.39
CA GLY B 347 27.68 8.72 -14.63
C GLY B 347 26.65 8.56 -15.75
N ALA B 348 25.38 8.41 -15.38
CA ALA B 348 24.32 8.16 -16.34
C ALA B 348 23.63 9.47 -16.76
N THR B 349 23.39 10.36 -15.80
CA THR B 349 22.55 11.52 -16.03
C THR B 349 23.41 12.77 -16.12
N GLY B 350 24.67 12.67 -15.70
CA GLY B 350 25.47 13.86 -15.42
C GLY B 350 24.96 14.55 -14.16
N HIS B 351 25.53 15.71 -13.84
CA HIS B 351 25.14 16.50 -12.67
C HIS B 351 24.02 17.46 -13.08
N LEU B 352 22.81 17.20 -12.57
CA LEU B 352 21.61 17.94 -12.96
C LEU B 352 21.40 19.16 -12.06
N LEU B 353 22.40 19.55 -11.28
CA LEU B 353 22.35 20.79 -10.52
C LEU B 353 21.08 20.81 -9.66
N GLY B 354 20.27 21.86 -9.80
CA GLY B 354 19.05 22.01 -9.05
C GLY B 354 18.18 20.75 -9.07
N ALA B 355 18.13 20.04 -10.20
CA ALA B 355 17.28 18.88 -10.30
C ALA B 355 17.96 17.60 -9.77
N ALA B 356 19.27 17.66 -9.49
CA ALA B 356 20.04 16.49 -9.09
C ALA B 356 19.37 15.77 -7.92
N GLY B 357 18.96 16.54 -6.90
CA GLY B 357 18.39 15.99 -5.69
C GLY B 357 16.98 15.41 -5.88
N ALA B 358 16.22 15.93 -6.83
CA ALA B 358 14.87 15.44 -7.07
C ALA B 358 14.93 14.17 -7.92
N VAL B 359 15.81 14.16 -8.94
CA VAL B 359 15.96 12.97 -9.78
C VAL B 359 16.49 11.80 -8.94
N GLU B 360 17.43 12.06 -8.04
CA GLU B 360 18.00 11.00 -7.22
C GLU B 360 17.01 10.53 -6.15
N ALA B 361 16.06 11.39 -5.78
CA ALA B 361 15.00 10.97 -4.87
C ALA B 361 14.09 10.00 -5.61
N ALA B 362 13.79 10.34 -6.87
CA ALA B 362 13.04 9.45 -7.74
C ALA B 362 13.73 8.09 -7.84
N PHE B 363 15.03 8.06 -8.12
CA PHE B 363 15.77 6.83 -8.31
C PHE B 363 15.83 6.03 -7.01
N THR B 364 15.99 6.68 -5.86
CA THR B 364 16.02 5.96 -4.59
C THR B 364 14.65 5.34 -4.34
N THR B 365 13.59 6.10 -4.66
CA THR B 365 12.22 5.64 -4.56
C THR B 365 12.02 4.38 -5.40
N LEU B 366 12.42 4.42 -6.68
CA LEU B 366 12.22 3.30 -7.56
C LEU B 366 13.09 2.11 -7.12
N ALA B 367 14.25 2.37 -6.55
CA ALA B 367 15.09 1.32 -6.04
C ALA B 367 14.32 0.53 -4.98
N CYS B 368 13.65 1.25 -4.08
CA CYS B 368 12.84 0.62 -3.05
C CYS B 368 11.71 -0.20 -3.68
N TYR B 369 11.07 0.34 -4.73
CA TYR B 369 9.85 -0.21 -5.26
C TYR B 369 10.17 -1.49 -6.02
N TYR B 370 11.32 -1.54 -6.71
CA TYR B 370 11.72 -2.69 -7.51
C TYR B 370 12.81 -3.52 -6.86
N GLN B 371 13.25 -3.15 -5.65
CA GLN B 371 14.30 -3.88 -4.93
C GLN B 371 15.45 -4.18 -5.89
N LYS B 372 15.93 -3.12 -6.57
CA LYS B 372 16.97 -3.20 -7.58
C LYS B 372 17.84 -1.95 -7.50
N LEU B 373 19.17 -2.09 -7.64
CA LEU B 373 20.10 -1.00 -7.41
C LEU B 373 20.79 -0.60 -8.71
N PRO B 374 20.70 0.69 -9.11
CA PRO B 374 21.32 1.14 -10.34
C PRO B 374 22.84 1.16 -10.21
N PRO B 375 23.59 0.90 -11.29
CA PRO B 375 25.05 0.88 -11.22
C PRO B 375 25.68 2.27 -11.13
N THR B 376 26.87 2.33 -10.51
CA THR B 376 27.82 3.40 -10.76
C THR B 376 28.58 3.05 -12.02
N LEU B 377 28.45 3.86 -13.07
CA LEU B 377 29.10 3.58 -14.35
C LEU B 377 30.58 3.92 -14.32
N ASN B 378 31.33 3.24 -15.18
CA ASN B 378 32.73 3.53 -15.46
C ASN B 378 33.65 3.15 -14.30
N LEU B 379 33.11 2.46 -13.30
CA LEU B 379 33.89 2.11 -12.12
C LEU B 379 34.57 0.76 -12.33
N ASP B 380 35.58 0.76 -13.20
CA ASP B 380 36.25 -0.44 -13.67
C ASP B 380 37.24 -0.98 -12.62
N CYS B 381 37.72 -0.06 -11.75
CA CYS B 381 38.57 -0.38 -10.63
C CYS B 381 38.34 0.64 -9.50
N SER B 382 39.09 0.49 -8.40
CA SER B 382 38.84 1.24 -7.18
C SER B 382 40.11 1.30 -6.34
N GLU B 383 40.36 2.42 -5.63
CA GLU B 383 41.52 2.56 -4.76
C GLU B 383 41.21 1.94 -3.39
N PRO B 384 42.21 1.60 -2.55
CA PRO B 384 41.95 1.01 -1.23
C PRO B 384 41.01 1.80 -0.30
N GLU B 385 41.10 3.14 -0.33
CA GLU B 385 40.21 3.94 0.50
C GLU B 385 38.75 3.71 0.10
N PHE B 386 38.47 3.48 -1.18
CA PHE B 386 37.13 3.14 -1.64
C PHE B 386 36.92 1.63 -1.67
N ASP B 387 36.56 1.05 -0.52
CA ASP B 387 36.52 -0.40 -0.36
C ASP B 387 35.11 -0.92 -0.07
N LEU B 388 34.08 -0.11 -0.35
CA LEU B 388 32.71 -0.53 -0.15
C LEU B 388 32.13 -1.07 -1.46
N ASN B 389 30.88 -1.54 -1.40
CA ASN B 389 30.13 -1.96 -2.58
C ASN B 389 29.49 -0.73 -3.24
N TYR B 390 30.07 -0.29 -4.36
CA TYR B 390 29.57 0.85 -5.11
C TYR B 390 28.75 0.40 -6.31
N VAL B 391 28.25 -0.85 -6.30
CA VAL B 391 27.46 -1.37 -7.40
C VAL B 391 28.16 -1.04 -8.71
N PRO B 392 29.43 -1.48 -8.92
CA PRO B 392 30.16 -1.13 -10.14
C PRO B 392 29.57 -1.75 -11.40
N LEU B 393 29.36 -0.91 -12.43
CA LEU B 393 29.17 -1.33 -13.81
C LEU B 393 27.78 -1.92 -14.06
N LYS B 394 27.34 -2.88 -13.23
CA LYS B 394 26.09 -3.57 -13.47
C LYS B 394 25.15 -3.39 -12.29
N ALA B 395 23.86 -3.45 -12.58
CA ALA B 395 22.84 -3.43 -11.54
C ALA B 395 22.96 -4.65 -10.65
N GLN B 396 22.50 -4.52 -9.40
CA GLN B 396 22.47 -5.59 -8.42
C GLN B 396 21.06 -5.63 -7.86
N GLU B 397 20.54 -6.82 -7.56
CA GLU B 397 19.29 -6.95 -6.84
C GLU B 397 19.54 -6.49 -5.41
N TRP B 398 18.57 -5.81 -4.79
CA TRP B 398 18.73 -5.37 -3.40
C TRP B 398 18.14 -6.46 -2.53
N LYS B 399 18.95 -7.10 -1.68
CA LYS B 399 18.45 -8.15 -0.82
C LYS B 399 18.78 -7.74 0.62
N THR B 400 17.77 -7.75 1.49
CA THR B 400 17.97 -7.40 2.90
C THR B 400 17.02 -8.26 3.71
N GLU B 401 17.37 -8.45 5.00
CA GLU B 401 16.63 -9.34 5.86
C GLU B 401 15.52 -8.60 6.59
N LYS B 402 15.29 -7.34 6.24
CA LYS B 402 14.17 -6.58 6.86
C LYS B 402 13.59 -5.57 5.87
N ARG B 403 13.28 -4.35 6.33
CA ARG B 403 12.68 -3.40 5.41
C ARG B 403 13.77 -2.81 4.52
N PHE B 404 13.41 -2.51 3.26
CA PHE B 404 14.29 -1.79 2.35
C PHE B 404 14.22 -0.29 2.68
N ILE B 405 15.34 0.26 3.14
CA ILE B 405 15.44 1.66 3.53
C ILE B 405 16.70 2.23 2.87
N GLY B 406 16.54 3.33 2.14
CA GLY B 406 17.66 4.01 1.52
C GLY B 406 17.80 5.47 1.99
N LEU B 407 19.03 5.98 1.84
CA LEU B 407 19.32 7.40 1.94
C LEU B 407 19.70 7.92 0.56
N THR B 408 19.38 9.18 0.29
CA THR B 408 19.91 9.87 -0.87
C THR B 408 20.49 11.19 -0.40
N ASN B 409 21.73 11.49 -0.82
CA ASN B 409 22.48 12.65 -0.34
C ASN B 409 22.55 13.72 -1.43
N SER B 410 22.52 14.99 -1.01
CA SER B 410 22.77 16.12 -1.88
C SER B 410 23.63 17.14 -1.17
N PHE B 411 24.81 17.41 -1.70
CA PHE B 411 25.72 18.40 -1.15
C PHE B 411 25.85 19.54 -2.16
N GLY B 412 25.86 20.78 -1.67
CA GLY B 412 25.89 21.97 -2.50
C GLY B 412 27.09 22.86 -2.18
N PHE B 413 27.31 23.86 -3.03
CA PHE B 413 28.39 24.80 -2.81
C PHE B 413 28.08 25.57 -1.53
N GLY B 414 29.13 26.01 -0.82
CA GLY B 414 28.98 26.68 0.46
C GLY B 414 28.83 25.69 1.62
N GLY B 415 28.87 24.39 1.31
CA GLY B 415 28.86 23.35 2.32
C GLY B 415 27.48 23.10 2.89
N THR B 416 26.42 23.41 2.14
CA THR B 416 25.07 22.97 2.51
C THR B 416 24.87 21.49 2.15
N ASN B 417 24.43 20.67 3.11
CA ASN B 417 24.16 19.26 2.89
C ASN B 417 22.68 18.94 3.15
N ALA B 418 22.12 18.02 2.34
CA ALA B 418 20.78 17.50 2.59
C ALA B 418 20.74 15.99 2.39
N THR B 419 19.96 15.30 3.23
CA THR B 419 19.74 13.88 3.10
C THR B 419 18.26 13.57 3.28
N LEU B 420 17.73 12.70 2.41
CA LEU B 420 16.38 12.18 2.53
C LEU B 420 16.47 10.69 2.84
N CYS B 421 15.61 10.25 3.75
CA CYS B 421 15.50 8.85 4.08
C CYS B 421 14.21 8.30 3.51
N ILE B 422 14.34 7.33 2.58
CA ILE B 422 13.24 6.77 1.81
C ILE B 422 13.15 5.27 2.07
N ALA B 423 11.94 4.73 2.18
CA ALA B 423 11.80 3.32 2.51
C ALA B 423 10.68 2.70 1.69
N GLY B 424 10.85 1.43 1.34
CA GLY B 424 9.73 0.64 0.86
C GLY B 424 8.65 0.55 1.92
N LEU B 425 7.42 0.26 1.51
CA LEU B 425 6.39 0.04 2.51
C LEU B 425 6.63 -1.29 3.27
N PRO C 4 -1.45 63.01 -48.67
CA PRO C 4 -2.21 62.65 -47.47
C PRO C 4 -1.54 61.54 -46.67
N PRO C 5 -1.28 61.76 -45.36
CA PRO C 5 -0.54 60.78 -44.55
C PRO C 5 -1.27 59.46 -44.24
N LEU C 6 -2.49 59.51 -43.70
CA LEU C 6 -3.17 58.29 -43.29
C LEU C 6 -4.69 58.44 -43.32
N THR C 7 -5.38 57.33 -43.61
CA THR C 7 -6.81 57.18 -43.37
C THR C 7 -6.99 56.61 -41.96
N LEU C 8 -8.21 56.62 -41.42
CA LEU C 8 -8.53 56.03 -40.12
C LEU C 8 -9.12 54.63 -40.34
N GLU C 9 -9.80 54.44 -41.47
CA GLU C 9 -10.23 53.12 -41.89
C GLU C 9 -8.99 52.28 -42.17
N GLY C 10 -7.87 52.96 -42.48
CA GLY C 10 -6.62 52.31 -42.86
C GLY C 10 -5.70 52.04 -41.68
N ILE C 11 -5.62 52.95 -40.71
CA ILE C 11 -4.88 52.67 -39.48
C ILE C 11 -5.67 51.68 -38.62
N GLN C 12 -6.98 51.56 -38.88
CA GLN C 12 -7.80 50.57 -38.19
C GLN C 12 -7.57 49.17 -38.76
N ASP C 13 -7.27 49.08 -40.07
CA ASP C 13 -7.02 47.80 -40.71
C ASP C 13 -5.69 47.24 -40.19
N ARG C 14 -4.78 48.15 -39.81
CA ARG C 14 -3.44 47.77 -39.40
C ARG C 14 -3.44 47.32 -37.92
N VAL C 15 -4.21 48.01 -37.08
CA VAL C 15 -4.38 47.61 -35.68
C VAL C 15 -4.97 46.20 -35.65
N LEU C 16 -6.00 45.93 -36.47
CA LEU C 16 -6.65 44.63 -36.54
C LEU C 16 -5.70 43.59 -37.14
N TYR C 17 -5.01 43.96 -38.23
CA TYR C 17 -4.04 43.10 -38.86
C TYR C 17 -3.09 42.57 -37.79
N VAL C 18 -2.53 43.51 -37.00
CA VAL C 18 -1.54 43.19 -36.00
C VAL C 18 -2.14 42.29 -34.91
N LEU C 19 -3.34 42.63 -34.44
CA LEU C 19 -3.97 41.86 -33.38
C LEU C 19 -4.21 40.44 -33.86
N LYS C 20 -4.63 40.27 -35.12
CA LYS C 20 -4.94 38.94 -35.65
C LYS C 20 -3.67 38.12 -35.85
N LEU C 21 -2.52 38.80 -35.94
CA LEU C 21 -1.22 38.14 -35.99
C LEU C 21 -0.80 37.63 -34.61
N TYR C 22 -1.33 38.21 -33.53
CA TYR C 22 -0.87 37.91 -32.19
C TYR C 22 -1.46 36.58 -31.74
N ASP C 23 -0.59 35.62 -31.38
CA ASP C 23 -1.00 34.23 -31.21
C ASP C 23 -2.04 34.06 -30.10
N LYS C 24 -1.98 34.87 -29.04
CA LYS C 24 -2.86 34.69 -27.89
C LYS C 24 -4.27 35.21 -28.17
N ILE C 25 -4.44 36.12 -29.13
CA ILE C 25 -5.79 36.53 -29.51
C ILE C 25 -6.37 35.48 -30.44
N ASP C 26 -7.64 35.13 -30.19
CA ASP C 26 -8.42 34.22 -31.02
C ASP C 26 -9.18 35.05 -32.07
N PRO C 27 -8.84 34.94 -33.37
CA PRO C 27 -9.34 35.90 -34.37
C PRO C 27 -10.86 36.14 -34.41
N GLU C 28 -11.65 35.14 -34.00
CA GLU C 28 -13.10 35.21 -34.15
C GLU C 28 -13.75 35.90 -32.96
N LYS C 29 -12.99 36.18 -31.88
CA LYS C 29 -13.47 36.98 -30.77
C LYS C 29 -13.01 38.43 -30.91
N LEU C 30 -12.09 38.68 -31.85
CA LEU C 30 -11.46 39.98 -31.94
C LEU C 30 -12.38 40.92 -32.72
N SER C 31 -13.14 41.74 -31.98
CA SER C 31 -13.84 42.88 -32.54
C SER C 31 -13.03 44.15 -32.27
N VAL C 32 -13.52 45.28 -32.76
CA VAL C 32 -12.81 46.54 -32.66
C VAL C 32 -12.97 47.11 -31.25
N ASN C 33 -14.06 46.72 -30.55
CA ASN C 33 -14.30 47.30 -29.23
C ASN C 33 -14.13 46.28 -28.11
N SER C 34 -13.70 45.05 -28.44
CA SER C 34 -13.44 44.05 -27.41
C SER C 34 -12.29 44.51 -26.51
N HIS C 35 -12.54 44.49 -25.19
CA HIS C 35 -11.55 44.78 -24.16
C HIS C 35 -10.50 43.66 -24.18
N PHE C 36 -9.23 44.03 -23.94
CA PHE C 36 -8.14 43.06 -24.06
C PHE C 36 -8.21 42.06 -22.91
N MET C 37 -8.51 42.54 -21.70
CA MET C 37 -8.43 41.73 -20.49
C MET C 37 -9.81 41.10 -20.20
N LYS C 38 -10.89 41.89 -20.33
CA LYS C 38 -12.23 41.47 -20.00
C LYS C 38 -12.77 40.45 -21.01
N ASP C 39 -12.63 40.73 -22.31
CA ASP C 39 -13.19 39.86 -23.33
C ASP C 39 -12.17 38.83 -23.81
N LEU C 40 -11.01 39.30 -24.26
CA LEU C 40 -10.08 38.44 -24.98
C LEU C 40 -9.25 37.59 -24.01
N GLY C 41 -9.18 38.04 -22.74
CA GLY C 41 -8.58 37.25 -21.68
C GLY C 41 -7.06 37.40 -21.60
N LEU C 42 -6.51 38.55 -22.05
CA LEU C 42 -5.09 38.78 -21.93
C LEU C 42 -4.77 39.28 -20.51
N ASP C 43 -3.49 39.61 -20.30
CA ASP C 43 -3.04 40.27 -19.08
C ASP C 43 -2.16 41.45 -19.46
N SER C 44 -1.60 42.14 -18.45
CA SER C 44 -0.88 43.39 -18.67
C SER C 44 0.37 43.19 -19.54
N LEU C 45 1.15 42.16 -19.18
CA LEU C 45 2.34 41.78 -19.92
C LEU C 45 1.98 41.49 -21.37
N ASP C 46 0.86 40.82 -21.65
CA ASP C 46 0.44 40.58 -23.01
C ASP C 46 0.12 41.91 -23.72
N GLN C 47 -0.63 42.77 -23.03
CA GLN C 47 -0.95 44.07 -23.57
C GLN C 47 0.34 44.85 -23.88
N VAL C 48 1.38 44.72 -23.05
CA VAL C 48 2.63 45.42 -23.33
C VAL C 48 3.19 44.93 -24.67
N GLU C 49 3.07 43.62 -24.93
CA GLU C 49 3.52 43.04 -26.18
C GLU C 49 2.71 43.63 -27.35
N ILE C 50 1.40 43.81 -27.15
CA ILE C 50 0.55 44.35 -28.18
C ILE C 50 1.01 45.76 -28.57
N ILE C 51 1.31 46.64 -27.60
CA ILE C 51 1.70 48.00 -27.93
C ILE C 51 3.11 48.02 -28.51
N MET C 52 3.96 47.01 -28.24
CA MET C 52 5.28 46.91 -28.88
C MET C 52 5.10 46.56 -30.35
N ALA C 53 4.15 45.68 -30.65
CA ALA C 53 3.85 45.30 -32.02
C ALA C 53 3.27 46.50 -32.77
N MET C 54 2.45 47.31 -32.09
CA MET C 54 1.93 48.56 -32.63
C MET C 54 3.07 49.55 -32.89
N GLU C 55 4.05 49.63 -31.98
CA GLU C 55 5.20 50.51 -32.14
C GLU C 55 5.98 50.22 -33.43
N ASP C 56 6.15 48.94 -33.77
CA ASP C 56 6.81 48.54 -35.01
C ASP C 56 5.96 48.86 -36.24
N GLU C 57 4.65 48.62 -36.14
CA GLU C 57 3.73 48.68 -37.27
C GLU C 57 3.56 50.11 -37.77
N PHE C 58 3.66 51.10 -36.86
CA PHE C 58 3.41 52.51 -37.18
C PHE C 58 4.70 53.30 -36.98
N GLY C 59 5.78 52.64 -36.56
CA GLY C 59 7.10 53.22 -36.53
C GLY C 59 7.18 54.47 -35.66
N PHE C 60 6.64 54.40 -34.42
CA PHE C 60 6.95 55.41 -33.41
C PHE C 60 6.84 54.81 -32.01
N GLU C 61 7.35 55.57 -31.03
CA GLU C 61 7.39 55.17 -29.64
C GLU C 61 6.17 55.71 -28.90
N ILE C 62 5.40 54.80 -28.26
CA ILE C 62 4.29 55.13 -27.39
C ILE C 62 4.82 55.15 -25.96
N PRO C 63 4.77 56.27 -25.22
CA PRO C 63 5.19 56.28 -23.81
C PRO C 63 4.28 55.42 -22.93
N ASP C 64 4.87 54.86 -21.88
CA ASP C 64 4.24 53.92 -20.96
C ASP C 64 2.95 54.50 -20.36
N ILE C 65 3.03 55.75 -19.90
CA ILE C 65 1.89 56.49 -19.36
C ILE C 65 0.69 56.37 -20.31
N ASP C 66 0.91 56.57 -21.61
CA ASP C 66 -0.17 56.60 -22.60
C ASP C 66 -0.58 55.19 -22.97
N ALA C 67 0.34 54.23 -22.82
CA ALA C 67 0.10 52.84 -23.22
C ALA C 67 -0.76 52.11 -22.19
N GLU C 68 -0.63 52.49 -20.91
CA GLU C 68 -1.45 51.93 -19.84
C GLU C 68 -2.94 52.18 -20.11
N LYS C 69 -3.25 53.21 -20.91
CA LYS C 69 -4.64 53.62 -21.12
C LYS C 69 -5.31 52.70 -22.13
N LEU C 70 -4.57 52.26 -23.16
CA LEU C 70 -5.16 51.66 -24.34
C LEU C 70 -5.65 50.25 -24.04
N MET C 71 -6.94 50.11 -23.72
CA MET C 71 -7.47 48.85 -23.22
C MET C 71 -8.33 48.12 -24.26
N CYS C 72 -8.47 48.71 -25.45
CA CYS C 72 -9.22 48.10 -26.54
C CYS C 72 -8.64 48.55 -27.87
N PRO C 73 -8.86 47.82 -28.98
CA PRO C 73 -8.36 48.24 -30.30
C PRO C 73 -8.79 49.63 -30.75
N GLN C 74 -10.05 49.99 -30.47
CA GLN C 74 -10.63 51.27 -30.82
C GLN C 74 -9.79 52.40 -30.22
N GLU C 75 -9.39 52.17 -28.98
CA GLU C 75 -8.66 53.17 -28.21
C GLU C 75 -7.26 53.36 -28.77
N ILE C 76 -6.69 52.30 -29.37
CA ILE C 76 -5.39 52.35 -30.02
C ILE C 76 -5.47 53.19 -31.29
N VAL C 77 -6.56 53.03 -32.06
CA VAL C 77 -6.83 53.75 -33.29
C VAL C 77 -6.86 55.27 -33.04
N ASP C 78 -7.52 55.70 -31.96
CA ASP C 78 -7.71 57.10 -31.67
C ASP C 78 -6.37 57.74 -31.25
N TYR C 79 -5.59 57.03 -30.42
CA TYR C 79 -4.29 57.51 -30.01
C TYR C 79 -3.38 57.56 -31.23
N ILE C 80 -3.43 56.50 -32.06
CA ILE C 80 -2.63 56.44 -33.28
C ILE C 80 -3.02 57.63 -34.15
N ALA C 81 -4.33 57.91 -34.20
CA ALA C 81 -4.87 58.93 -35.07
C ALA C 81 -4.45 60.33 -34.66
N ASP C 82 -3.91 60.53 -33.45
CA ASP C 82 -3.66 61.87 -32.93
C ASP C 82 -2.68 62.63 -33.83
N LYS C 83 -1.80 61.91 -34.54
CA LYS C 83 -0.78 62.51 -35.40
C LYS C 83 -1.41 63.17 -36.64
N LYS C 84 -2.40 62.49 -37.23
CA LYS C 84 -3.17 62.99 -38.38
C LYS C 84 -4.47 63.64 -37.89
N ASP C 85 -5.47 63.79 -38.79
CA ASP C 85 -6.75 64.39 -38.46
C ASP C 85 -7.79 63.30 -38.18
N ARG D 5 5.28 -18.04 25.39
CA ARG D 5 4.32 -16.97 25.74
C ARG D 5 3.43 -16.70 24.54
N LEU D 6 4.05 -16.33 23.40
CA LEU D 6 3.36 -16.14 22.13
C LEU D 6 3.04 -17.49 21.46
N HIS D 7 3.85 -18.52 21.74
CA HIS D 7 3.49 -19.92 21.46
C HIS D 7 3.59 -20.73 22.77
N ARG D 8 2.43 -20.98 23.41
CA ARG D 8 2.30 -21.68 24.68
C ARG D 8 2.37 -23.19 24.44
N ARG D 9 2.80 -23.97 25.43
CA ARG D 9 2.94 -25.40 25.24
C ARG D 9 1.59 -26.09 25.36
N VAL D 10 1.44 -27.20 24.64
CA VAL D 10 0.15 -27.86 24.48
C VAL D 10 0.34 -29.35 24.70
N VAL D 11 -0.53 -29.93 25.54
CA VAL D 11 -0.39 -31.33 25.91
C VAL D 11 -1.72 -32.04 25.74
N ILE D 12 -1.66 -33.37 25.66
CA ILE D 12 -2.84 -34.21 25.53
C ILE D 12 -3.12 -34.87 26.88
N THR D 13 -4.34 -34.73 27.40
CA THR D 13 -4.68 -35.15 28.75
C THR D 13 -5.82 -36.16 28.75
N GLY D 14 -6.34 -36.51 27.56
CA GLY D 14 -7.53 -37.35 27.50
C GLY D 14 -7.68 -37.96 26.13
N ILE D 15 -8.08 -39.23 26.10
CA ILE D 15 -8.26 -39.99 24.88
C ILE D 15 -9.56 -40.77 24.96
N GLY D 16 -10.36 -40.69 23.89
CA GLY D 16 -11.58 -41.45 23.80
C GLY D 16 -11.63 -42.17 22.48
N LEU D 17 -11.88 -43.47 22.54
CA LEU D 17 -11.77 -44.32 21.36
C LEU D 17 -13.04 -45.14 21.24
N VAL D 18 -13.66 -45.04 20.05
CA VAL D 18 -14.65 -45.98 19.56
C VAL D 18 -14.14 -46.51 18.23
N THR D 19 -13.58 -47.71 18.22
CA THR D 19 -12.86 -48.23 17.06
C THR D 19 -13.34 -49.66 16.76
N PRO D 20 -12.94 -50.22 15.60
CA PRO D 20 -13.16 -51.65 15.35
C PRO D 20 -12.42 -52.59 16.30
N LEU D 21 -11.49 -52.09 17.11
CA LEU D 21 -10.85 -52.90 18.14
C LEU D 21 -11.67 -52.88 19.44
N GLY D 22 -12.70 -52.05 19.49
CA GLY D 22 -13.53 -51.92 20.67
C GLY D 22 -13.48 -50.48 21.20
N VAL D 23 -13.86 -50.31 22.46
CA VAL D 23 -14.09 -49.01 23.08
C VAL D 23 -13.31 -48.93 24.40
N GLY D 24 -12.67 -47.78 24.63
CA GLY D 24 -11.98 -47.52 25.90
C GLY D 24 -10.47 -47.55 25.71
N THR D 25 -9.77 -46.64 26.41
CA THR D 25 -8.39 -46.32 26.09
C THR D 25 -7.48 -47.51 26.40
N HIS D 26 -7.43 -47.95 27.66
CA HIS D 26 -6.63 -49.11 28.06
C HIS D 26 -6.93 -50.31 27.17
N LEU D 27 -8.21 -50.65 27.00
CA LEU D 27 -8.60 -51.88 26.33
C LEU D 27 -8.12 -51.87 24.88
N VAL D 28 -8.41 -50.78 24.15
CA VAL D 28 -8.10 -50.69 22.73
C VAL D 28 -6.58 -50.78 22.54
N TRP D 29 -5.83 -50.07 23.39
CA TRP D 29 -4.38 -50.09 23.31
C TRP D 29 -3.85 -51.49 23.52
N ASP D 30 -4.36 -52.18 24.55
CA ASP D 30 -3.88 -53.51 24.87
C ASP D 30 -4.13 -54.44 23.70
N ARG D 31 -5.29 -54.35 23.05
CA ARG D 31 -5.59 -55.22 21.92
C ARG D 31 -4.69 -54.87 20.73
N LEU D 32 -4.42 -53.56 20.53
CA LEU D 32 -3.59 -53.11 19.42
C LEU D 32 -2.18 -53.66 19.56
N ILE D 33 -1.57 -53.48 20.73
CA ILE D 33 -0.23 -53.95 21.04
C ILE D 33 -0.18 -55.47 20.94
N GLY D 34 -1.29 -56.15 21.28
CA GLY D 34 -1.35 -57.61 21.29
C GLY D 34 -1.58 -58.22 19.91
N GLY D 35 -1.74 -57.39 18.87
CA GLY D 35 -1.80 -57.88 17.50
C GLY D 35 -3.21 -58.20 17.03
N GLU D 36 -4.25 -57.69 17.71
CA GLU D 36 -5.64 -57.95 17.33
C GLU D 36 -6.04 -57.08 16.15
N SER D 37 -7.10 -57.48 15.44
CA SER D 37 -7.67 -56.73 14.32
C SER D 37 -9.19 -56.78 14.36
N GLY D 38 -9.82 -55.71 13.85
CA GLY D 38 -11.27 -55.62 13.75
C GLY D 38 -11.77 -55.80 12.31
N ILE D 39 -10.90 -56.23 11.39
CA ILE D 39 -11.32 -56.43 10.00
C ILE D 39 -12.07 -57.75 9.90
N VAL D 40 -13.26 -57.72 9.29
CA VAL D 40 -14.11 -58.92 9.19
C VAL D 40 -14.72 -59.02 7.80
N SER D 41 -15.43 -60.12 7.55
CA SER D 41 -16.12 -60.31 6.30
C SER D 41 -17.40 -59.49 6.29
N LEU D 42 -17.73 -58.93 5.12
CA LEU D 42 -19.03 -58.31 4.90
C LEU D 42 -20.08 -59.41 4.77
N VAL D 43 -21.25 -59.16 5.39
CA VAL D 43 -22.40 -60.03 5.27
C VAL D 43 -23.61 -59.20 4.84
N GLY D 44 -24.38 -59.76 3.91
CA GLY D 44 -25.56 -59.11 3.37
C GLY D 44 -25.63 -59.27 1.86
N GLU D 45 -26.86 -59.39 1.35
CA GLU D 45 -27.11 -59.66 -0.05
C GLU D 45 -26.85 -58.38 -0.84
N GLU D 46 -27.03 -57.21 -0.20
CA GLU D 46 -26.90 -55.93 -0.86
C GLU D 46 -25.45 -55.61 -1.22
N TYR D 47 -24.48 -56.36 -0.68
CA TYR D 47 -23.09 -56.21 -1.07
C TYR D 47 -22.67 -57.29 -2.06
N LYS D 48 -23.61 -58.03 -2.65
CA LYS D 48 -23.27 -59.13 -3.53
C LYS D 48 -22.64 -58.66 -4.84
N SER D 49 -23.01 -57.48 -5.34
CA SER D 49 -22.55 -57.06 -6.65
C SER D 49 -21.18 -56.37 -6.55
N ILE D 50 -20.65 -56.17 -5.34
CA ILE D 50 -19.49 -55.30 -5.18
C ILE D 50 -18.24 -56.14 -4.90
N PRO D 51 -17.10 -55.86 -5.58
CA PRO D 51 -15.87 -56.64 -5.43
C PRO D 51 -15.23 -56.62 -4.06
N CYS D 52 -15.47 -55.58 -3.26
CA CYS D 52 -15.01 -55.60 -1.88
C CYS D 52 -15.86 -56.55 -1.04
N SER D 53 -15.27 -57.20 -0.04
CA SER D 53 -16.00 -58.14 0.80
C SER D 53 -15.51 -58.12 2.24
N VAL D 54 -14.71 -57.12 2.60
CA VAL D 54 -14.25 -56.95 3.97
C VAL D 54 -14.43 -55.51 4.41
N ALA D 55 -14.57 -55.33 5.72
CA ALA D 55 -14.68 -54.03 6.34
C ALA D 55 -14.40 -54.18 7.83
N ALA D 56 -14.23 -53.04 8.51
CA ALA D 56 -13.97 -53.05 9.94
C ALA D 56 -15.05 -52.26 10.67
N TYR D 57 -15.79 -52.96 11.53
CA TYR D 57 -16.93 -52.41 12.21
C TYR D 57 -16.65 -52.29 13.70
N VAL D 58 -17.21 -51.25 14.33
CA VAL D 58 -17.18 -51.09 15.77
C VAL D 58 -18.08 -52.17 16.39
N PRO D 59 -17.59 -53.01 17.33
CA PRO D 59 -18.43 -54.06 17.91
C PRO D 59 -19.46 -53.48 18.87
N ARG D 60 -20.72 -53.90 18.69
CA ARG D 60 -21.87 -53.35 19.41
C ARG D 60 -22.36 -54.36 20.44
N GLY D 61 -22.94 -53.84 21.53
CA GLY D 61 -23.36 -54.64 22.67
C GLY D 61 -22.96 -53.96 23.97
N SER D 62 -23.23 -54.63 25.11
CA SER D 62 -22.90 -54.06 26.41
C SER D 62 -21.87 -54.90 27.17
N ASP D 63 -21.31 -55.93 26.50
CA ASP D 63 -20.10 -56.59 26.99
C ASP D 63 -18.93 -55.61 26.87
N GLU D 64 -17.82 -55.92 27.55
CA GLU D 64 -16.80 -54.92 27.78
C GLU D 64 -16.04 -54.68 26.48
N GLY D 65 -15.75 -53.41 26.24
CA GLY D 65 -15.09 -52.96 25.03
C GLY D 65 -16.05 -52.91 23.84
N GLN D 66 -17.37 -53.01 24.09
CA GLN D 66 -18.33 -52.94 23.01
C GLN D 66 -19.09 -51.62 23.11
N PHE D 67 -19.53 -51.10 21.97
CA PHE D 67 -20.16 -49.80 21.92
C PHE D 67 -21.66 -49.95 22.16
N ASN D 68 -22.14 -49.23 23.17
CA ASN D 68 -23.55 -49.25 23.57
C ASN D 68 -24.07 -47.83 23.50
N GLU D 69 -24.82 -47.52 22.42
CA GLU D 69 -25.30 -46.18 22.15
C GLU D 69 -26.02 -45.60 23.36
N GLN D 70 -26.75 -46.46 24.09
CA GLN D 70 -27.62 -46.06 25.20
C GLN D 70 -26.86 -45.37 26.34
N ASN D 71 -25.58 -45.70 26.51
CA ASN D 71 -24.79 -45.15 27.60
C ASN D 71 -24.44 -43.68 27.35
N PHE D 72 -24.63 -43.20 26.11
CA PHE D 72 -24.19 -41.86 25.76
C PHE D 72 -25.35 -41.00 25.27
N VAL D 73 -26.34 -41.61 24.62
CA VAL D 73 -27.47 -40.90 24.05
C VAL D 73 -28.77 -41.42 24.67
N SER D 74 -29.86 -40.66 24.49
CA SER D 74 -31.20 -41.13 24.82
C SER D 74 -31.78 -41.89 23.62
N LYS D 75 -32.96 -42.49 23.80
CA LYS D 75 -33.55 -43.28 22.75
C LYS D 75 -34.05 -42.39 21.60
N SER D 76 -34.44 -41.15 21.91
CA SER D 76 -35.12 -40.28 20.96
C SER D 76 -34.11 -39.78 19.91
N ASP D 77 -32.96 -39.34 20.42
CA ASP D 77 -31.94 -38.70 19.60
C ASP D 77 -31.23 -39.73 18.74
N ILE D 78 -31.24 -41.02 19.10
CA ILE D 78 -30.81 -42.09 18.21
C ILE D 78 -31.52 -42.00 16.86
N LYS D 79 -32.82 -41.68 16.85
CA LYS D 79 -33.56 -41.52 15.61
C LYS D 79 -33.14 -40.25 14.86
N SER D 80 -32.82 -39.18 15.59
CA SER D 80 -32.62 -37.87 14.99
C SER D 80 -31.14 -37.59 14.66
N MET D 81 -30.23 -38.55 14.91
CA MET D 81 -28.81 -38.32 14.67
C MET D 81 -28.24 -39.44 13.79
N SER D 82 -27.19 -39.14 13.05
CA SER D 82 -26.50 -40.16 12.27
C SER D 82 -25.64 -41.05 13.20
N SER D 83 -25.25 -42.21 12.67
CA SER D 83 -24.34 -43.13 13.34
C SER D 83 -23.02 -42.45 13.71
N PRO D 84 -22.35 -41.70 12.79
CA PRO D 84 -21.09 -41.02 13.13
C PRO D 84 -21.20 -39.95 14.22
N THR D 85 -22.35 -39.31 14.30
CA THR D 85 -22.56 -38.31 15.33
C THR D 85 -22.58 -38.99 16.70
N ILE D 86 -23.24 -40.14 16.78
CA ILE D 86 -23.41 -40.85 18.05
C ILE D 86 -22.06 -41.38 18.52
N MET D 87 -21.27 -41.93 17.58
CA MET D 87 -19.93 -42.38 17.90
C MET D 87 -19.07 -41.23 18.40
N ALA D 88 -19.20 -40.04 17.80
CA ALA D 88 -18.41 -38.90 18.23
C ALA D 88 -18.79 -38.45 19.64
N ILE D 89 -20.08 -38.50 19.97
CA ILE D 89 -20.52 -38.14 21.31
C ILE D 89 -19.95 -39.14 22.31
N GLY D 90 -20.01 -40.44 21.98
CA GLY D 90 -19.44 -41.46 22.83
C GLY D 90 -17.93 -41.27 23.05
N ALA D 91 -17.18 -41.08 21.96
CA ALA D 91 -15.73 -40.92 22.07
C ALA D 91 -15.37 -39.68 22.88
N ALA D 92 -16.20 -38.63 22.79
CA ALA D 92 -15.99 -37.37 23.47
C ALA D 92 -16.26 -37.52 24.96
N GLU D 93 -17.34 -38.22 25.30
CA GLU D 93 -17.65 -38.48 26.69
C GLU D 93 -16.47 -39.21 27.32
N LEU D 94 -15.99 -40.27 26.65
CA LEU D 94 -14.87 -41.05 27.14
C LEU D 94 -13.61 -40.21 27.25
N ALA D 95 -13.40 -39.30 26.28
CA ALA D 95 -12.18 -38.49 26.28
C ALA D 95 -12.16 -37.53 27.46
N MET D 96 -13.31 -36.94 27.75
CA MET D 96 -13.34 -35.92 28.78
C MET D 96 -13.35 -36.58 30.15
N LYS D 97 -14.02 -37.73 30.24
CA LYS D 97 -13.93 -38.56 31.44
C LYS D 97 -12.46 -38.93 31.67
N ASP D 98 -11.74 -39.34 30.62
CA ASP D 98 -10.34 -39.72 30.77
C ASP D 98 -9.45 -38.55 31.15
N SER D 99 -9.93 -37.33 30.86
CA SER D 99 -9.19 -36.13 31.14
C SER D 99 -9.47 -35.62 32.55
N GLY D 100 -10.68 -35.90 33.05
CA GLY D 100 -11.18 -35.29 34.27
C GLY D 100 -11.58 -33.83 34.05
N TRP D 101 -11.94 -33.46 32.82
CA TRP D 101 -12.33 -32.09 32.52
C TRP D 101 -13.82 -32.02 32.25
N HIS D 102 -14.57 -31.45 33.19
CA HIS D 102 -15.99 -31.21 33.02
C HIS D 102 -16.25 -29.77 33.43
N PRO D 103 -16.01 -28.78 32.54
CA PRO D 103 -15.98 -27.38 32.96
C PRO D 103 -17.38 -26.97 33.38
N GLN D 104 -17.53 -26.40 34.58
CA GLN D 104 -18.84 -26.03 35.07
C GLN D 104 -18.93 -24.53 35.23
N SER D 105 -17.85 -23.89 35.69
CA SER D 105 -17.78 -22.44 35.73
C SER D 105 -17.81 -21.85 34.32
N GLU D 106 -18.30 -20.62 34.21
CA GLU D 106 -18.43 -19.95 32.92
C GLU D 106 -17.04 -19.78 32.31
N ALA D 107 -16.07 -19.40 33.14
CA ALA D 107 -14.72 -19.16 32.67
C ALA D 107 -14.13 -20.41 32.01
N ASP D 108 -14.45 -21.58 32.57
CA ASP D 108 -13.94 -22.85 32.06
C ASP D 108 -14.64 -23.22 30.76
N GLN D 109 -15.91 -22.84 30.63
CA GLN D 109 -16.67 -23.20 29.44
C GLN D 109 -16.19 -22.40 28.22
N VAL D 110 -15.89 -21.10 28.40
CA VAL D 110 -15.47 -20.25 27.31
C VAL D 110 -14.02 -20.56 26.95
N ALA D 111 -13.32 -21.19 27.87
CA ALA D 111 -11.95 -21.61 27.64
C ALA D 111 -11.89 -22.92 26.85
N THR D 112 -13.03 -23.59 26.67
CA THR D 112 -13.02 -24.93 26.13
C THR D 112 -13.78 -24.96 24.81
N GLY D 113 -13.08 -25.29 23.73
CA GLY D 113 -13.69 -25.42 22.43
C GLY D 113 -13.75 -26.87 21.92
N VAL D 114 -14.26 -27.04 20.70
CA VAL D 114 -14.52 -28.32 20.08
C VAL D 114 -14.03 -28.25 18.63
N ALA D 115 -13.44 -29.35 18.20
CA ALA D 115 -12.95 -29.48 16.83
C ALA D 115 -13.17 -30.91 16.39
N ILE D 116 -14.41 -31.26 16.04
CA ILE D 116 -14.72 -32.63 15.68
C ILE D 116 -15.34 -32.62 14.29
N GLY D 117 -14.67 -33.31 13.38
CA GLY D 117 -15.09 -33.32 11.98
C GLY D 117 -15.62 -34.69 11.57
N MET D 118 -16.60 -34.68 10.65
CA MET D 118 -17.00 -35.86 9.91
C MET D 118 -16.33 -35.82 8.55
N GLY D 119 -15.67 -36.90 8.16
CA GLY D 119 -14.94 -36.93 6.91
C GLY D 119 -15.86 -37.13 5.70
N MET D 120 -17.00 -37.79 5.89
CA MET D 120 -17.89 -38.08 4.78
C MET D 120 -19.30 -38.20 5.33
N ILE D 121 -20.29 -37.68 4.60
CA ILE D 121 -21.67 -37.81 5.07
C ILE D 121 -22.13 -39.22 4.74
N PRO D 122 -23.05 -39.83 5.52
CA PRO D 122 -23.50 -41.19 5.23
C PRO D 122 -24.51 -41.13 4.09
N LEU D 123 -24.18 -41.83 3.00
CA LEU D 123 -24.86 -41.65 1.74
C LEU D 123 -26.23 -42.31 1.79
N GLU D 124 -26.40 -43.29 2.69
CA GLU D 124 -27.64 -44.06 2.78
C GLU D 124 -28.80 -43.14 3.20
N VAL D 125 -28.54 -42.23 4.15
CA VAL D 125 -29.57 -41.32 4.63
C VAL D 125 -30.04 -40.43 3.48
N VAL D 126 -29.10 -40.00 2.62
CA VAL D 126 -29.44 -39.16 1.49
C VAL D 126 -30.30 -39.93 0.50
N SER D 127 -29.93 -41.19 0.22
CA SER D 127 -30.62 -41.94 -0.83
C SER D 127 -32.03 -42.31 -0.36
N GLU D 128 -32.16 -42.71 0.92
CA GLU D 128 -33.45 -43.10 1.47
C GLU D 128 -34.40 -41.89 1.53
N THR D 129 -33.89 -40.73 1.94
CA THR D 129 -34.72 -39.54 2.01
C THR D 129 -35.11 -39.11 0.60
N ALA D 130 -34.18 -39.25 -0.36
CA ALA D 130 -34.45 -38.82 -1.74
C ALA D 130 -35.59 -39.62 -2.33
N LEU D 131 -35.54 -40.95 -2.14
CA LEU D 131 -36.52 -41.87 -2.68
C LEU D 131 -37.87 -41.64 -1.99
N ASN D 132 -37.82 -41.35 -0.68
CA ASN D 132 -39.00 -41.12 0.13
C ASN D 132 -39.69 -39.82 -0.29
N PHE D 133 -38.93 -38.82 -0.75
CA PHE D 133 -39.50 -37.56 -1.22
C PHE D 133 -40.14 -37.75 -2.59
N GLN D 134 -39.50 -38.56 -3.44
CA GLN D 134 -39.92 -38.76 -4.82
C GLN D 134 -41.23 -39.54 -4.88
N THR D 135 -41.52 -40.37 -3.87
CA THR D 135 -42.68 -41.25 -3.88
C THR D 135 -43.76 -40.73 -2.93
N LYS D 136 -43.42 -40.55 -1.65
CA LYS D 136 -44.42 -40.21 -0.65
C LYS D 136 -44.66 -38.70 -0.56
N GLY D 137 -43.76 -37.89 -1.14
CA GLY D 137 -44.00 -36.45 -1.26
C GLY D 137 -43.35 -35.64 -0.14
N TYR D 138 -43.67 -34.35 -0.11
CA TYR D 138 -42.98 -33.37 0.71
C TYR D 138 -43.29 -33.58 2.19
N ASN D 139 -44.51 -34.04 2.48
CA ASN D 139 -45.03 -34.19 3.83
C ASN D 139 -44.27 -35.26 4.61
N LYS D 140 -43.53 -36.14 3.92
CA LYS D 140 -42.93 -37.29 4.56
C LYS D 140 -41.43 -37.10 4.75
N VAL D 141 -40.86 -35.96 4.29
CA VAL D 141 -39.45 -35.70 4.54
C VAL D 141 -39.28 -35.32 6.01
N SER D 142 -38.33 -36.00 6.66
CA SER D 142 -38.06 -35.77 8.07
C SER D 142 -37.51 -34.36 8.27
N PRO D 143 -37.90 -33.65 9.36
CA PRO D 143 -37.29 -32.35 9.67
C PRO D 143 -35.88 -32.47 10.22
N PHE D 144 -35.47 -33.71 10.58
CA PHE D 144 -34.14 -34.01 11.06
C PHE D 144 -33.20 -34.33 9.89
N PHE D 145 -33.70 -34.17 8.67
CA PHE D 145 -32.96 -34.62 7.51
C PHE D 145 -31.71 -33.76 7.35
N VAL D 146 -31.85 -32.45 7.30
CA VAL D 146 -30.71 -31.60 7.00
C VAL D 146 -29.71 -31.66 8.16
N PRO D 147 -30.11 -31.50 9.44
CA PRO D 147 -29.21 -31.76 10.57
C PRO D 147 -28.38 -33.05 10.49
N LYS D 148 -28.95 -34.13 9.97
CA LYS D 148 -28.25 -35.41 9.93
C LYS D 148 -27.21 -35.47 8.83
N ILE D 149 -27.16 -34.50 7.92
CA ILE D 149 -26.21 -34.54 6.82
C ILE D 149 -25.20 -33.40 6.91
N LEU D 150 -25.26 -32.61 7.98
CA LEU D 150 -24.32 -31.53 8.18
C LEU D 150 -23.11 -32.04 8.95
N VAL D 151 -21.92 -31.57 8.58
CA VAL D 151 -20.67 -32.14 9.05
C VAL D 151 -20.34 -31.66 10.47
N ASN D 152 -20.91 -30.53 10.88
CA ASN D 152 -20.55 -29.93 12.15
C ASN D 152 -21.54 -30.32 13.25
N MET D 153 -22.46 -31.26 12.99
CA MET D 153 -23.48 -31.61 13.96
C MET D 153 -22.87 -32.37 15.14
N ALA D 154 -21.82 -33.16 14.88
CA ALA D 154 -21.11 -33.86 15.93
C ALA D 154 -20.59 -32.86 16.97
N ALA D 155 -19.80 -31.91 16.49
CA ALA D 155 -19.23 -30.87 17.34
C ALA D 155 -20.35 -30.08 18.02
N GLY D 156 -21.44 -29.84 17.30
CA GLY D 156 -22.59 -29.17 17.87
C GLY D 156 -23.10 -29.88 19.11
N GLN D 157 -23.30 -31.20 19.03
CA GLN D 157 -23.90 -31.95 20.12
C GLN D 157 -22.93 -32.02 21.30
N VAL D 158 -21.64 -32.23 21.01
CA VAL D 158 -20.64 -32.27 22.06
C VAL D 158 -20.66 -30.93 22.80
N SER D 159 -20.58 -29.84 22.03
CA SER D 159 -20.57 -28.49 22.58
C SER D 159 -21.75 -28.24 23.51
N ILE D 160 -22.95 -28.61 23.08
CA ILE D 160 -24.15 -28.46 23.88
C ILE D 160 -24.08 -29.32 25.15
N ARG D 161 -23.71 -30.59 24.98
CA ARG D 161 -23.86 -31.57 26.04
C ARG D 161 -22.90 -31.28 27.18
N TYR D 162 -21.66 -30.86 26.86
CA TYR D 162 -20.64 -30.72 27.89
C TYR D 162 -20.35 -29.24 28.12
N LYS D 163 -21.20 -28.35 27.57
CA LYS D 163 -21.16 -26.91 27.84
C LYS D 163 -19.84 -26.29 27.37
N LEU D 164 -19.47 -26.52 26.11
CA LEU D 164 -18.20 -26.02 25.58
C LEU D 164 -18.43 -24.78 24.73
N LYS D 165 -18.07 -23.61 25.27
CA LYS D 165 -18.42 -22.33 24.69
C LYS D 165 -17.25 -21.65 23.98
N GLY D 166 -16.10 -22.32 23.91
CA GLY D 166 -14.94 -21.80 23.22
C GLY D 166 -15.01 -22.04 21.72
N PRO D 167 -13.89 -21.78 21.01
CA PRO D 167 -13.79 -22.03 19.57
C PRO D 167 -14.47 -23.31 19.11
N ASN D 168 -15.39 -23.19 18.14
CA ASN D 168 -16.00 -24.35 17.49
C ASN D 168 -15.46 -24.42 16.07
N HIS D 169 -15.04 -25.63 15.66
CA HIS D 169 -14.36 -25.79 14.38
C HIS D 169 -14.56 -27.22 13.89
N ALA D 170 -15.61 -27.47 13.08
CA ALA D 170 -15.72 -28.68 12.28
C ALA D 170 -14.86 -28.58 11.02
N VAL D 171 -14.25 -29.69 10.63
CA VAL D 171 -13.52 -29.74 9.39
C VAL D 171 -14.12 -30.89 8.57
N SER D 172 -13.76 -30.94 7.28
CA SER D 172 -14.14 -32.09 6.48
C SER D 172 -13.15 -32.20 5.35
N THR D 173 -12.03 -32.86 5.63
CA THR D 173 -10.91 -32.80 4.71
C THR D 173 -10.72 -34.18 4.11
N ALA D 174 -11.87 -34.86 3.94
CA ALA D 174 -11.86 -36.28 3.62
C ALA D 174 -10.96 -37.01 4.62
N CYS D 175 -9.88 -37.65 4.14
CA CYS D 175 -9.16 -38.61 4.97
C CYS D 175 -8.19 -37.94 5.95
N THR D 176 -8.09 -36.60 5.93
CA THR D 176 -7.15 -35.91 6.81
C THR D 176 -7.91 -35.14 7.90
N THR D 177 -9.23 -35.29 7.96
CA THR D 177 -10.07 -34.57 8.91
C THR D 177 -9.51 -34.62 10.32
N GLY D 178 -9.26 -35.83 10.83
CA GLY D 178 -8.85 -36.03 12.21
C GLY D 178 -7.54 -35.32 12.53
N ALA D 179 -6.62 -35.35 11.58
CA ALA D 179 -5.32 -34.70 11.73
C ALA D 179 -5.51 -33.18 11.82
N HIS D 180 -6.28 -32.61 10.89
CA HIS D 180 -6.56 -31.18 10.88
C HIS D 180 -7.26 -30.76 12.17
N ALA D 181 -8.18 -31.57 12.67
CA ALA D 181 -8.88 -31.22 13.89
C ALA D 181 -7.88 -31.04 15.04
N VAL D 182 -6.91 -31.95 15.14
CA VAL D 182 -5.96 -31.92 16.24
C VAL D 182 -4.91 -30.82 16.03
N GLY D 183 -4.39 -30.72 14.82
CA GLY D 183 -3.42 -29.67 14.48
C GLY D 183 -3.98 -28.26 14.71
N ASP D 184 -5.20 -28.02 14.23
CA ASP D 184 -5.83 -26.71 14.34
C ASP D 184 -6.08 -26.37 15.81
N SER D 185 -6.56 -27.37 16.58
CA SER D 185 -6.75 -27.25 18.01
C SER D 185 -5.45 -26.86 18.68
N PHE D 186 -4.35 -27.53 18.31
CA PHE D 186 -3.05 -27.21 18.85
C PHE D 186 -2.73 -25.73 18.61
N ARG D 187 -2.93 -25.28 17.36
CA ARG D 187 -2.66 -23.91 16.99
C ARG D 187 -3.54 -22.95 17.76
N PHE D 188 -4.82 -23.28 17.93
CA PHE D 188 -5.74 -22.41 18.63
C PHE D 188 -5.29 -22.24 20.08
N ILE D 189 -4.83 -23.32 20.71
CA ILE D 189 -4.44 -23.24 22.10
C ILE D 189 -3.12 -22.49 22.18
N ALA D 190 -2.18 -22.77 21.27
CA ALA D 190 -0.88 -22.10 21.30
C ALA D 190 -1.06 -20.60 21.09
N HIS D 191 -2.09 -20.22 20.34
CA HIS D 191 -2.33 -18.83 19.98
C HIS D 191 -2.97 -18.05 21.12
N GLY D 192 -3.67 -18.74 22.02
CA GLY D 192 -4.34 -18.11 23.16
C GLY D 192 -5.85 -17.97 22.97
N ASP D 193 -6.42 -18.64 21.96
CA ASP D 193 -7.85 -18.60 21.69
C ASP D 193 -8.62 -19.48 22.66
N ALA D 194 -7.99 -20.54 23.17
CA ALA D 194 -8.62 -21.49 24.05
C ALA D 194 -7.57 -22.08 24.98
N ASP D 195 -8.03 -22.58 26.15
CA ASP D 195 -7.16 -23.26 27.10
C ASP D 195 -7.29 -24.78 26.94
N VAL D 196 -8.43 -25.24 26.42
CA VAL D 196 -8.69 -26.65 26.21
C VAL D 196 -9.44 -26.79 24.89
N MET D 197 -9.14 -27.87 24.16
CA MET D 197 -9.85 -28.21 22.93
C MET D 197 -10.14 -29.70 22.93
N VAL D 198 -11.39 -30.04 22.61
CA VAL D 198 -11.85 -31.41 22.45
C VAL D 198 -11.89 -31.68 20.96
N ALA D 199 -10.97 -32.52 20.48
CA ALA D 199 -10.67 -32.57 19.06
C ALA D 199 -10.67 -34.01 18.57
N GLY D 200 -11.23 -34.25 17.38
CA GLY D 200 -11.06 -35.52 16.71
C GLY D 200 -11.91 -35.65 15.46
N GLY D 201 -12.23 -36.90 15.12
CA GLY D 201 -12.91 -37.23 13.89
C GLY D 201 -13.84 -38.42 14.07
N THR D 202 -14.79 -38.53 13.14
CA THR D 202 -15.73 -39.63 13.14
C THR D 202 -16.10 -39.96 11.70
N ASP D 203 -16.26 -41.24 11.41
CA ASP D 203 -16.82 -41.67 10.14
C ASP D 203 -17.47 -43.05 10.28
N SER D 204 -18.66 -43.17 9.68
CA SER D 204 -19.37 -44.44 9.62
C SER D 204 -20.16 -44.48 8.32
N CYS D 205 -19.47 -44.84 7.23
CA CYS D 205 -20.09 -44.81 5.92
C CYS D 205 -19.83 -46.14 5.20
N ILE D 206 -19.81 -47.24 5.95
CA ILE D 206 -19.80 -48.55 5.33
C ILE D 206 -21.21 -48.82 4.86
N SER D 207 -21.41 -48.81 3.55
CA SER D 207 -22.72 -49.06 2.98
C SER D 207 -22.54 -49.55 1.54
N PRO D 208 -23.53 -50.21 0.93
CA PRO D 208 -23.36 -50.70 -0.44
C PRO D 208 -22.93 -49.58 -1.38
N LEU D 209 -23.53 -48.42 -1.22
CA LEU D 209 -23.34 -47.32 -2.14
C LEU D 209 -21.93 -46.75 -2.05
N SER D 210 -21.40 -46.64 -0.84
CA SER D 210 -20.09 -46.03 -0.67
C SER D 210 -19.01 -47.03 -1.03
N LEU D 211 -19.20 -48.31 -0.66
CA LEU D 211 -18.27 -49.34 -1.07
C LEU D 211 -18.25 -49.42 -2.59
N ALA D 212 -19.43 -49.35 -3.20
CA ALA D 212 -19.51 -49.30 -4.65
C ALA D 212 -18.66 -48.14 -5.19
N GLY D 213 -18.84 -46.94 -4.61
CA GLY D 213 -18.14 -45.74 -5.05
C GLY D 213 -16.61 -45.89 -4.97
N PHE D 214 -16.15 -46.41 -3.83
CA PHE D 214 -14.72 -46.60 -3.59
C PHE D 214 -14.19 -47.76 -4.45
N SER D 215 -14.94 -48.83 -4.61
CA SER D 215 -14.50 -49.95 -5.43
C SER D 215 -14.32 -49.49 -6.87
N ARG D 216 -15.19 -48.61 -7.35
CA ARG D 216 -15.11 -48.14 -8.72
C ARG D 216 -13.82 -47.35 -8.93
N ALA D 217 -13.33 -46.67 -7.88
CA ALA D 217 -12.09 -45.92 -7.99
C ALA D 217 -10.87 -46.81 -7.78
N ARG D 218 -11.06 -48.08 -7.40
CA ARG D 218 -10.00 -49.05 -7.17
C ARG D 218 -9.13 -48.68 -5.97
N ALA D 219 -9.74 -48.10 -4.95
CA ALA D 219 -9.05 -47.82 -3.71
C ALA D 219 -9.17 -48.95 -2.70
N LEU D 220 -10.11 -49.90 -2.97
CA LEU D 220 -10.42 -50.96 -2.03
C LEU D 220 -9.75 -52.27 -2.41
N SER D 221 -9.26 -52.99 -1.39
CA SER D 221 -8.81 -54.35 -1.55
C SER D 221 -9.97 -55.23 -2.00
N THR D 222 -9.69 -56.13 -2.94
CA THR D 222 -10.67 -57.11 -3.41
C THR D 222 -10.45 -58.47 -2.73
N ASN D 223 -9.35 -58.60 -1.98
CA ASN D 223 -9.06 -59.83 -1.24
C ASN D 223 -10.23 -60.18 -0.33
N SER D 224 -10.69 -61.45 -0.39
CA SER D 224 -11.84 -61.95 0.34
C SER D 224 -11.49 -62.30 1.79
N ASP D 225 -10.21 -62.54 2.07
CA ASP D 225 -9.79 -63.05 3.36
C ASP D 225 -9.64 -61.88 4.34
N PRO D 226 -10.52 -61.74 5.35
CA PRO D 226 -10.42 -60.64 6.32
C PRO D 226 -9.10 -60.60 7.08
N LYS D 227 -8.43 -61.74 7.18
CA LYS D 227 -7.19 -61.83 7.95
C LYS D 227 -6.03 -61.16 7.21
N LEU D 228 -6.11 -61.12 5.87
CA LEU D 228 -5.00 -60.81 4.99
C LEU D 228 -5.24 -59.53 4.17
N ALA D 229 -6.48 -59.02 4.14
CA ALA D 229 -6.88 -58.05 3.12
C ALA D 229 -6.04 -56.77 3.25
N CYS D 230 -5.77 -56.36 4.48
CA CYS D 230 -5.07 -55.11 4.72
C CYS D 230 -3.66 -55.40 5.23
N ARG D 231 -2.67 -55.10 4.41
CA ARG D 231 -1.29 -55.46 4.70
C ARG D 231 -0.36 -54.36 4.20
N PRO D 232 -0.24 -53.28 5.00
CA PRO D 232 0.68 -52.18 4.69
C PRO D 232 2.10 -52.67 4.48
N PHE D 233 2.73 -52.15 3.42
CA PHE D 233 4.15 -52.35 3.14
C PHE D 233 4.42 -53.74 2.57
N HIS D 234 3.39 -54.60 2.51
CA HIS D 234 3.51 -55.95 1.99
C HIS D 234 3.50 -55.95 0.46
N PRO D 235 4.16 -56.93 -0.18
CA PRO D 235 4.19 -56.99 -1.65
C PRO D 235 2.85 -57.18 -2.35
N LYS D 236 1.87 -57.80 -1.68
CA LYS D 236 0.62 -58.13 -2.34
C LYS D 236 -0.49 -57.15 -1.94
N ARG D 237 -0.15 -55.99 -1.35
CA ARG D 237 -1.13 -54.97 -0.99
C ARG D 237 -1.86 -54.51 -2.26
N ASP D 238 -3.19 -54.41 -2.17
CA ASP D 238 -4.00 -54.21 -3.36
C ASP D 238 -5.16 -53.23 -3.10
N GLY D 239 -5.01 -52.34 -2.11
CA GLY D 239 -6.07 -51.39 -1.78
C GLY D 239 -6.37 -51.37 -0.29
N PHE D 240 -7.11 -50.35 0.15
CA PHE D 240 -7.39 -50.19 1.56
C PHE D 240 -8.68 -50.91 1.94
N VAL D 241 -8.86 -51.11 3.24
CA VAL D 241 -10.07 -51.68 3.81
C VAL D 241 -10.77 -50.61 4.64
N MET D 242 -12.06 -50.38 4.36
CA MET D 242 -12.80 -49.29 4.97
CA MET D 242 -12.78 -49.29 4.99
C MET D 242 -13.20 -49.70 6.39
N GLY D 243 -13.02 -48.77 7.34
CA GLY D 243 -13.49 -48.93 8.70
C GLY D 243 -14.47 -47.83 9.12
N GLU D 244 -14.88 -47.90 10.39
CA GLU D 244 -15.72 -46.90 11.00
C GLU D 244 -15.21 -46.69 12.42
N GLY D 245 -15.60 -45.56 13.01
CA GLY D 245 -15.11 -45.24 14.33
C GLY D 245 -14.98 -43.73 14.57
N ALA D 246 -14.61 -43.41 15.80
CA ALA D 246 -14.32 -42.05 16.19
C ALA D 246 -13.25 -42.07 17.27
N ALA D 247 -12.46 -41.01 17.30
CA ALA D 247 -11.45 -40.82 18.32
C ALA D 247 -11.48 -39.35 18.71
N VAL D 248 -11.41 -39.09 19.99
CA VAL D 248 -11.33 -37.72 20.46
C VAL D 248 -10.15 -37.59 21.40
N LEU D 249 -9.45 -36.45 21.27
CA LEU D 249 -8.37 -36.09 22.16
C LEU D 249 -8.73 -34.81 22.88
N VAL D 250 -8.46 -34.76 24.20
CA VAL D 250 -8.52 -33.50 24.91
C VAL D 250 -7.11 -32.91 24.88
N LEU D 251 -6.96 -31.76 24.22
CA LEU D 251 -5.73 -30.97 24.25
C LEU D 251 -5.90 -29.83 25.23
N GLU D 252 -4.78 -29.34 25.76
CA GLU D 252 -4.82 -28.45 26.91
C GLU D 252 -3.49 -27.72 27.03
N GLU D 253 -3.54 -26.45 27.43
CA GLU D 253 -2.33 -25.69 27.66
C GLU D 253 -1.59 -26.29 28.84
N TYR D 254 -0.25 -26.30 28.76
CA TYR D 254 0.59 -27.02 29.70
C TYR D 254 0.35 -26.56 31.13
N GLU D 255 0.45 -25.25 31.37
CA GLU D 255 0.32 -24.72 32.72
C GLU D 255 -1.08 -25.03 33.27
N HIS D 256 -2.11 -24.94 32.42
CA HIS D 256 -3.47 -25.22 32.84
C HIS D 256 -3.59 -26.66 33.35
N ALA D 257 -2.94 -27.61 32.65
CA ALA D 257 -3.02 -29.02 32.99
C ALA D 257 -2.27 -29.29 34.29
N VAL D 258 -1.06 -28.74 34.39
CA VAL D 258 -0.24 -28.90 35.58
C VAL D 258 -0.97 -28.37 36.81
N GLN D 259 -1.54 -27.15 36.72
CA GLN D 259 -2.21 -26.51 37.84
C GLN D 259 -3.31 -27.39 38.41
N ARG D 260 -4.01 -28.19 37.58
CA ARG D 260 -5.13 -28.98 38.06
C ARG D 260 -4.72 -30.45 38.23
N ARG D 261 -3.41 -30.72 38.17
CA ARG D 261 -2.84 -32.05 38.44
C ARG D 261 -3.43 -33.08 37.46
N ALA D 262 -3.39 -32.76 36.17
CA ALA D 262 -3.96 -33.62 35.15
C ALA D 262 -2.91 -34.62 34.71
N ARG D 263 -3.36 -35.85 34.38
CA ARG D 263 -2.45 -36.87 33.90
C ARG D 263 -2.16 -36.57 32.43
N ILE D 264 -0.91 -36.24 32.12
CA ILE D 264 -0.52 -35.81 30.79
C ILE D 264 0.10 -36.96 30.02
N TYR D 265 -0.46 -37.26 28.84
CA TYR D 265 0.00 -38.35 28.02
C TYR D 265 1.26 -37.96 27.24
N ALA D 266 1.26 -36.76 26.65
CA ALA D 266 2.27 -36.35 25.70
C ALA D 266 2.06 -34.88 25.34
N GLU D 267 3.07 -34.31 24.67
CA GLU D 267 3.07 -32.94 24.26
C GLU D 267 2.95 -32.90 22.74
N VAL D 268 2.12 -31.98 22.23
CA VAL D 268 2.06 -31.69 20.80
C VAL D 268 3.09 -30.60 20.50
N LEU D 269 4.05 -30.91 19.61
CA LEU D 269 5.13 -29.98 19.32
C LEU D 269 4.89 -29.23 18.03
N GLY D 270 4.26 -29.87 17.05
CA GLY D 270 4.30 -29.33 15.70
C GLY D 270 3.21 -29.92 14.81
N TYR D 271 2.98 -29.16 13.74
CA TYR D 271 1.92 -29.42 12.78
C TYR D 271 2.42 -28.89 11.45
N GLY D 272 2.29 -29.70 10.42
CA GLY D 272 2.68 -29.33 9.07
C GLY D 272 1.60 -29.78 8.08
N LEU D 273 1.54 -29.04 6.98
CA LEU D 273 0.59 -29.29 5.93
C LEU D 273 1.33 -29.00 4.63
N SER D 274 1.02 -29.77 3.59
CA SER D 274 1.42 -29.37 2.26
C SER D 274 0.45 -29.97 1.24
N GLY D 275 0.61 -29.52 -0.01
CA GLY D 275 -0.13 -30.07 -1.12
C GLY D 275 0.83 -30.67 -2.13
N ASP D 276 0.47 -31.82 -2.70
CA ASP D 276 1.28 -32.43 -3.74
C ASP D 276 1.26 -31.57 -5.00
N ALA D 277 0.06 -31.09 -5.38
CA ALA D 277 -0.16 -30.35 -6.61
C ALA D 277 0.35 -31.13 -7.84
N GLY D 278 0.12 -32.44 -7.83
CA GLY D 278 0.50 -33.29 -8.95
C GLY D 278 -0.72 -33.86 -9.66
N HIS D 279 -1.26 -34.94 -9.10
CA HIS D 279 -2.40 -35.66 -9.66
C HIS D 279 -3.42 -35.90 -8.54
N ILE D 280 -4.71 -35.88 -8.86
CA ILE D 280 -5.75 -35.97 -7.85
C ILE D 280 -5.80 -37.37 -7.20
N THR D 281 -5.37 -38.41 -7.94
CA THR D 281 -5.49 -39.77 -7.44
C THR D 281 -4.14 -40.30 -6.96
N ALA D 282 -3.14 -40.27 -7.84
CA ALA D 282 -1.83 -40.83 -7.53
C ALA D 282 -1.18 -39.93 -6.50
N PRO D 283 -0.37 -40.47 -5.57
CA PRO D 283 0.56 -39.64 -4.81
C PRO D 283 1.76 -39.26 -5.69
N ASP D 284 2.52 -38.27 -5.24
CA ASP D 284 3.78 -37.91 -5.90
C ASP D 284 4.70 -39.12 -5.76
N PRO D 285 5.15 -39.78 -6.85
CA PRO D 285 5.84 -41.07 -6.72
C PRO D 285 7.10 -41.01 -5.87
N GLU D 286 7.70 -39.81 -5.78
CA GLU D 286 8.89 -39.54 -4.99
C GLU D 286 8.55 -39.08 -3.58
N GLY D 287 7.26 -38.79 -3.34
CA GLY D 287 6.76 -38.38 -2.05
C GLY D 287 7.20 -36.97 -1.67
N GLU D 288 7.40 -36.09 -2.66
CA GLU D 288 7.88 -34.74 -2.41
C GLU D 288 6.93 -34.04 -1.43
N GLY D 289 5.62 -34.28 -1.57
CA GLY D 289 4.66 -33.60 -0.72
C GLY D 289 4.71 -34.13 0.71
N ALA D 290 4.72 -35.47 0.86
CA ALA D 290 4.88 -36.09 2.16
C ALA D 290 6.16 -35.61 2.85
N LEU D 291 7.24 -35.43 2.08
CA LEU D 291 8.48 -34.98 2.65
C LEU D 291 8.31 -33.56 3.21
N ARG D 292 7.65 -32.68 2.44
CA ARG D 292 7.53 -31.28 2.81
C ARG D 292 6.68 -31.13 4.06
N CYS D 293 5.59 -31.88 4.16
CA CYS D 293 4.69 -31.84 5.29
CA CYS D 293 4.73 -31.68 5.32
C CYS D 293 5.39 -32.25 6.58
N MET D 294 6.10 -33.38 6.49
CA MET D 294 6.91 -33.87 7.59
C MET D 294 7.93 -32.80 7.98
N ALA D 295 8.62 -32.21 7.00
CA ALA D 295 9.64 -31.24 7.33
C ALA D 295 9.01 -30.01 7.98
N ALA D 296 7.83 -29.59 7.50
CA ALA D 296 7.15 -28.42 8.05
C ALA D 296 6.79 -28.67 9.51
N ALA D 297 6.32 -29.89 9.82
CA ALA D 297 6.00 -30.25 11.19
C ALA D 297 7.26 -30.19 12.06
N LEU D 298 8.40 -30.64 11.53
CA LEU D 298 9.64 -30.65 12.29
C LEU D 298 10.12 -29.22 12.55
N LYS D 299 9.98 -28.35 11.56
CA LYS D 299 10.33 -26.95 11.73
C LYS D 299 9.45 -26.28 12.78
N ASP D 300 8.13 -26.54 12.74
CA ASP D 300 7.18 -26.00 13.72
C ASP D 300 7.61 -26.41 15.12
N ALA D 301 8.11 -27.65 15.27
CA ALA D 301 8.44 -28.20 16.57
C ALA D 301 9.87 -27.86 17.02
N GLY D 302 10.68 -27.27 16.14
CA GLY D 302 12.07 -26.98 16.41
C GLY D 302 12.87 -28.25 16.72
N VAL D 303 12.75 -29.24 15.83
N VAL D 303 12.68 -29.26 15.87
CA VAL D 303 13.39 -30.52 16.02
CA VAL D 303 13.21 -30.60 16.07
C VAL D 303 14.03 -30.93 14.70
C VAL D 303 13.89 -31.02 14.77
N GLN D 304 15.22 -31.54 14.78
N GLN D 304 15.04 -31.68 14.87
CA GLN D 304 15.91 -32.05 13.63
CA GLN D 304 15.83 -32.10 13.72
C GLN D 304 15.45 -33.46 13.33
C GLN D 304 15.41 -33.50 13.34
N PRO D 305 15.52 -33.91 12.06
CA PRO D 305 15.14 -35.29 11.70
C PRO D 305 15.73 -36.38 12.59
N GLU D 306 16.94 -36.17 13.11
CA GLU D 306 17.66 -37.17 13.88
C GLU D 306 17.06 -37.39 15.28
N GLU D 307 16.17 -36.49 15.73
CA GLU D 307 15.54 -36.65 17.03
C GLU D 307 14.27 -37.51 16.95
N ILE D 308 13.76 -37.80 15.74
CA ILE D 308 12.56 -38.63 15.63
C ILE D 308 12.92 -40.10 15.80
N SER D 309 12.15 -40.80 16.63
CA SER D 309 12.36 -42.22 16.83
C SER D 309 11.20 -43.09 16.34
N TYR D 310 10.01 -42.52 16.08
CA TYR D 310 8.86 -43.31 15.65
C TYR D 310 8.02 -42.57 14.63
N ILE D 311 7.44 -43.29 13.66
CA ILE D 311 6.52 -42.70 12.72
C ILE D 311 5.30 -43.60 12.55
N ASN D 312 4.11 -43.09 12.93
CA ASN D 312 2.85 -43.72 12.54
C ASN D 312 2.53 -43.33 11.11
N ALA D 313 2.78 -44.27 10.18
CA ALA D 313 2.65 -44.01 8.76
C ALA D 313 1.19 -44.04 8.35
N HIS D 314 0.85 -43.25 7.33
CA HIS D 314 -0.48 -43.24 6.75
C HIS D 314 -0.76 -44.52 5.97
N ALA D 315 0.28 -45.28 5.61
CA ALA D 315 0.18 -46.41 4.69
C ALA D 315 -1.10 -47.19 4.89
N THR D 316 -1.94 -47.26 3.85
CA THR D 316 -3.24 -47.88 3.92
C THR D 316 -3.29 -49.20 3.12
N SER D 317 -2.13 -49.82 2.85
CA SER D 317 -2.04 -51.02 2.02
C SER D 317 -2.37 -50.74 0.55
N THR D 318 -1.89 -49.62 0.01
CA THR D 318 -2.00 -49.33 -1.42
C THR D 318 -0.62 -49.41 -2.07
N PRO D 319 -0.49 -49.95 -3.30
CA PRO D 319 0.80 -50.01 -4.01
C PRO D 319 1.55 -48.68 -4.10
N LEU D 320 0.89 -47.64 -4.64
CA LEU D 320 1.58 -46.38 -4.91
C LEU D 320 1.72 -45.58 -3.62
N GLY D 321 0.70 -45.67 -2.75
CA GLY D 321 0.68 -44.91 -1.51
C GLY D 321 1.81 -45.30 -0.55
N ASP D 322 1.89 -46.58 -0.20
CA ASP D 322 2.89 -47.07 0.73
C ASP D 322 4.31 -46.79 0.20
N ALA D 323 4.52 -46.97 -1.11
CA ALA D 323 5.82 -46.71 -1.73
C ALA D 323 6.21 -45.23 -1.64
N ALA D 324 5.24 -44.33 -1.83
CA ALA D 324 5.52 -42.90 -1.78
C ALA D 324 5.95 -42.50 -0.38
N GLU D 325 5.16 -42.91 0.62
CA GLU D 325 5.46 -42.54 1.99
C GLU D 325 6.85 -43.05 2.34
N ASN D 326 7.15 -44.29 1.96
CA ASN D 326 8.44 -44.90 2.26
C ASN D 326 9.59 -44.11 1.63
N LYS D 327 9.47 -43.75 0.35
CA LYS D 327 10.46 -42.89 -0.29
C LYS D 327 10.67 -41.57 0.49
N ALA D 328 9.58 -40.89 0.87
CA ALA D 328 9.67 -39.62 1.57
C ALA D 328 10.45 -39.76 2.87
N ILE D 329 10.18 -40.83 3.62
CA ILE D 329 10.84 -41.09 4.90
C ILE D 329 12.35 -41.28 4.67
N LYS D 330 12.71 -42.01 3.61
CA LYS D 330 14.11 -42.31 3.38
C LYS D 330 14.86 -41.05 2.96
N HIS D 331 14.23 -40.20 2.15
CA HIS D 331 14.87 -38.98 1.64
C HIS D 331 14.98 -37.94 2.75
N LEU D 332 14.07 -37.92 3.72
CA LEU D 332 14.08 -36.89 4.75
C LEU D 332 15.04 -37.29 5.87
N PHE D 333 15.05 -38.56 6.24
CA PHE D 333 15.74 -38.99 7.45
C PHE D 333 17.11 -39.54 7.11
N LYS D 334 17.36 -39.88 5.84
CA LYS D 334 18.67 -40.34 5.40
C LYS D 334 19.12 -41.54 6.24
N ASP D 335 20.34 -41.50 6.76
CA ASP D 335 20.92 -42.58 7.54
C ASP D 335 20.13 -42.84 8.81
N HIS D 336 19.45 -41.82 9.34
CA HIS D 336 18.67 -41.98 10.56
C HIS D 336 17.38 -42.75 10.31
N ALA D 337 17.00 -42.92 9.03
CA ALA D 337 15.84 -43.71 8.69
C ALA D 337 15.99 -45.14 9.19
N TYR D 338 17.23 -45.67 9.22
CA TYR D 338 17.48 -47.04 9.62
C TYR D 338 17.46 -47.21 11.14
N ALA D 339 17.51 -46.09 11.87
CA ALA D 339 17.53 -46.12 13.32
C ALA D 339 16.15 -45.89 13.91
N LEU D 340 15.14 -45.56 13.09
CA LEU D 340 13.82 -45.26 13.66
C LEU D 340 12.87 -46.41 13.34
N ALA D 341 11.69 -46.36 13.96
CA ALA D 341 10.64 -47.32 13.71
C ALA D 341 9.46 -46.68 13.00
N VAL D 342 8.83 -47.45 12.12
CA VAL D 342 7.68 -47.00 11.35
C VAL D 342 6.62 -48.08 11.46
N SER D 343 5.39 -47.69 11.79
CA SER D 343 4.33 -48.69 11.82
C SER D 343 3.04 -48.08 11.30
N SER D 344 2.28 -48.92 10.59
CA SER D 344 0.91 -48.59 10.21
C SER D 344 -0.04 -49.49 10.97
N THR D 345 -1.03 -48.86 11.61
CA THR D 345 -2.00 -49.56 12.44
C THR D 345 -3.25 -49.90 11.64
N LYS D 346 -3.20 -49.66 10.33
CA LYS D 346 -4.41 -49.77 9.52
C LYS D 346 -4.83 -51.22 9.35
N GLY D 347 -3.88 -52.16 9.47
CA GLY D 347 -4.21 -53.57 9.47
C GLY D 347 -5.08 -53.98 10.66
N ALA D 348 -5.07 -53.19 11.73
CA ALA D 348 -5.82 -53.50 12.93
C ALA D 348 -7.20 -52.84 12.93
N THR D 349 -7.26 -51.58 12.47
CA THR D 349 -8.45 -50.77 12.62
C THR D 349 -9.16 -50.63 11.28
N GLY D 350 -8.48 -51.00 10.19
CA GLY D 350 -8.90 -50.55 8.88
C GLY D 350 -8.67 -49.05 8.72
N HIS D 351 -9.06 -48.52 7.56
CA HIS D 351 -8.94 -47.12 7.24
C HIS D 351 -10.22 -46.38 7.69
N LEU D 352 -10.08 -45.55 8.73
CA LEU D 352 -11.20 -44.90 9.37
C LEU D 352 -11.50 -43.54 8.74
N LEU D 353 -10.97 -43.25 7.55
CA LEU D 353 -11.35 -42.05 6.82
C LEU D 353 -11.19 -40.81 7.70
N GLY D 354 -12.26 -40.05 7.88
CA GLY D 354 -12.23 -38.86 8.70
C GLY D 354 -11.57 -39.06 10.06
N ALA D 355 -11.83 -40.22 10.68
CA ALA D 355 -11.31 -40.49 12.01
C ALA D 355 -9.88 -41.03 11.98
N ALA D 356 -9.37 -41.43 10.80
CA ALA D 356 -8.07 -42.09 10.69
C ALA D 356 -6.97 -41.28 11.38
N GLY D 357 -6.95 -39.97 11.12
CA GLY D 357 -5.92 -39.06 11.61
C GLY D 357 -6.01 -38.82 13.11
N ALA D 358 -7.22 -38.87 13.68
CA ALA D 358 -7.40 -38.69 15.12
C ALA D 358 -7.04 -39.97 15.87
N VAL D 359 -7.46 -41.14 15.35
CA VAL D 359 -7.16 -42.39 16.01
C VAL D 359 -5.64 -42.64 16.00
N GLU D 360 -4.97 -42.31 14.89
CA GLU D 360 -3.53 -42.52 14.81
C GLU D 360 -2.76 -41.50 15.65
N ALA D 361 -3.37 -40.34 15.91
CA ALA D 361 -2.78 -39.38 16.83
C ALA D 361 -2.86 -39.95 18.24
N ALA D 362 -4.00 -40.56 18.57
CA ALA D 362 -4.18 -41.23 19.85
C ALA D 362 -3.11 -42.30 20.03
N PHE D 363 -2.93 -43.16 19.02
CA PHE D 363 -1.98 -44.28 19.13
C PHE D 363 -0.55 -43.76 19.25
N THR D 364 -0.21 -42.68 18.53
CA THR D 364 1.13 -42.12 18.60
C THR D 364 1.34 -41.51 19.99
N THR D 365 0.31 -40.88 20.53
CA THR D 365 0.33 -40.33 21.88
C THR D 365 0.62 -41.44 22.89
N LEU D 366 -0.11 -42.56 22.83
CA LEU D 366 0.08 -43.64 23.78
C LEU D 366 1.44 -44.32 23.57
N ALA D 367 1.91 -44.36 22.32
CA ALA D 367 3.24 -44.86 22.05
C ALA D 367 4.27 -44.01 22.78
N CYS D 368 4.07 -42.70 22.83
CA CYS D 368 4.96 -41.82 23.56
C CYS D 368 4.89 -42.11 25.06
N TYR D 369 3.69 -42.41 25.57
CA TYR D 369 3.46 -42.42 27.00
C TYR D 369 4.09 -43.67 27.63
N TYR D 370 3.55 -44.83 27.30
CA TYR D 370 4.33 -46.06 27.36
C TYR D 370 5.44 -45.88 26.34
N GLN D 371 6.50 -46.67 26.39
CA GLN D 371 7.44 -46.58 25.28
C GLN D 371 7.31 -47.90 24.52
N LYS D 372 6.19 -47.99 23.80
CA LYS D 372 5.76 -49.24 23.19
C LYS D 372 5.20 -48.93 21.81
N LEU D 373 5.63 -49.70 20.81
CA LEU D 373 5.31 -49.40 19.42
C LEU D 373 4.37 -50.48 18.87
N PRO D 374 3.18 -50.11 18.37
CA PRO D 374 2.23 -51.09 17.88
C PRO D 374 2.73 -51.72 16.58
N PRO D 375 2.41 -52.99 16.31
CA PRO D 375 2.90 -53.65 15.10
C PRO D 375 2.14 -53.20 13.85
N THR D 376 2.83 -53.30 12.71
CA THR D 376 2.19 -53.41 11.41
C THR D 376 1.79 -54.87 11.21
N LEU D 377 0.48 -55.13 11.11
CA LEU D 377 0.00 -56.50 10.98
C LEU D 377 0.20 -57.02 9.56
N ASN D 378 0.26 -58.36 9.48
CA ASN D 378 0.20 -59.11 8.23
C ASN D 378 1.48 -58.95 7.42
N LEU D 379 2.50 -58.30 7.98
CA LEU D 379 3.72 -58.03 7.25
C LEU D 379 4.68 -59.21 7.44
N ASP D 380 4.36 -60.32 6.78
CA ASP D 380 5.08 -61.56 6.92
C ASP D 380 6.35 -61.54 6.10
N CYS D 381 6.39 -60.69 5.06
CA CYS D 381 7.55 -60.48 4.22
C CYS D 381 7.58 -59.04 3.69
N SER D 382 8.69 -58.65 3.07
CA SER D 382 8.81 -57.33 2.49
C SER D 382 9.78 -57.32 1.31
N GLU D 383 9.60 -56.36 0.40
CA GLU D 383 10.48 -56.19 -0.76
C GLU D 383 11.75 -55.46 -0.33
N PRO D 384 12.84 -55.52 -1.15
CA PRO D 384 14.04 -54.71 -0.89
C PRO D 384 13.82 -53.20 -0.73
N GLU D 385 12.87 -52.64 -1.50
CA GLU D 385 12.54 -51.23 -1.40
C GLU D 385 12.10 -50.88 0.02
N PHE D 386 11.33 -51.78 0.66
CA PHE D 386 10.88 -51.58 2.03
C PHE D 386 11.84 -52.26 3.00
N ASP D 387 12.92 -51.58 3.37
CA ASP D 387 13.99 -52.19 4.14
C ASP D 387 14.16 -51.51 5.50
N LEU D 388 13.16 -50.76 5.97
CA LEU D 388 13.22 -50.13 7.28
C LEU D 388 12.58 -51.07 8.30
N ASN D 389 12.62 -50.65 9.57
CA ASN D 389 11.91 -51.31 10.65
C ASN D 389 10.44 -50.87 10.65
N TYR D 390 9.55 -51.76 10.16
CA TYR D 390 8.12 -51.48 10.15
C TYR D 390 7.43 -52.14 11.34
N VAL D 391 8.17 -52.49 12.39
CA VAL D 391 7.61 -53.16 13.55
C VAL D 391 6.72 -54.29 13.06
N PRO D 392 7.25 -55.27 12.30
CA PRO D 392 6.43 -56.33 11.73
C PRO D 392 5.85 -57.29 12.78
N LEU D 393 4.54 -57.57 12.69
CA LEU D 393 3.87 -58.69 13.32
C LEU D 393 3.71 -58.53 14.84
N LYS D 394 4.78 -58.16 15.55
CA LYS D 394 4.76 -58.08 17.00
C LYS D 394 5.20 -56.68 17.44
N ALA D 395 4.61 -56.21 18.55
CA ALA D 395 4.97 -54.93 19.13
C ALA D 395 6.41 -54.94 19.61
N GLN D 396 7.00 -53.75 19.71
CA GLN D 396 8.39 -53.56 20.11
C GLN D 396 8.44 -52.50 21.22
N GLU D 397 9.18 -52.80 22.29
CA GLU D 397 9.48 -51.80 23.31
C GLU D 397 10.47 -50.83 22.69
N TRP D 398 10.40 -49.56 23.08
CA TRP D 398 11.36 -48.58 22.59
C TRP D 398 11.70 -47.59 23.70
N LYS D 399 12.50 -48.02 24.66
CA LYS D 399 12.86 -47.13 25.75
C LYS D 399 14.27 -46.57 25.56
N THR D 400 14.34 -45.53 24.74
CA THR D 400 15.50 -44.64 24.71
C THR D 400 15.58 -43.92 26.06
N GLU D 401 16.77 -43.44 26.40
CA GLU D 401 16.91 -42.51 27.50
C GLU D 401 16.75 -41.08 26.97
N LYS D 402 17.06 -40.85 25.69
CA LYS D 402 16.77 -39.58 25.02
C LYS D 402 15.25 -39.49 24.78
N ARG D 403 14.79 -38.28 24.45
CA ARG D 403 13.37 -37.94 24.53
C ARG D 403 12.59 -38.59 23.38
N PHE D 404 11.42 -39.15 23.70
CA PHE D 404 10.66 -39.92 22.73
C PHE D 404 9.82 -38.95 21.91
N ILE D 405 10.09 -38.88 20.59
CA ILE D 405 9.39 -37.97 19.69
C ILE D 405 8.88 -38.75 18.49
N GLY D 406 7.58 -38.64 18.20
CA GLY D 406 6.98 -39.32 17.06
C GLY D 406 6.34 -38.34 16.08
N LEU D 407 6.20 -38.81 14.83
CA LEU D 407 5.38 -38.18 13.82
C LEU D 407 4.20 -39.10 13.51
N THR D 408 3.05 -38.52 13.16
CA THR D 408 1.96 -39.28 12.57
C THR D 408 1.53 -38.57 11.30
N ASN D 409 1.40 -39.33 10.21
CA ASN D 409 1.13 -38.78 8.89
C ASN D 409 -0.30 -39.09 8.47
N SER D 410 -0.92 -38.13 7.76
CA SER D 410 -2.22 -38.33 7.16
C SER D 410 -2.22 -37.72 5.76
N PHE D 411 -2.40 -38.57 4.75
CA PHE D 411 -2.46 -38.11 3.37
C PHE D 411 -3.87 -38.36 2.86
N GLY D 412 -4.41 -37.41 2.10
CA GLY D 412 -5.78 -37.47 1.64
C GLY D 412 -5.85 -37.31 0.12
N PHE D 413 -7.05 -37.54 -0.43
CA PHE D 413 -7.25 -37.42 -1.86
C PHE D 413 -6.99 -35.97 -2.28
N GLY D 414 -6.52 -35.81 -3.51
CA GLY D 414 -6.18 -34.50 -4.05
C GLY D 414 -4.81 -34.00 -3.59
N GLY D 415 -4.06 -34.86 -2.89
CA GLY D 415 -2.68 -34.57 -2.57
C GLY D 415 -2.52 -33.67 -1.34
N THR D 416 -3.54 -33.59 -0.48
CA THR D 416 -3.42 -32.87 0.78
C THR D 416 -2.70 -33.75 1.81
N ASN D 417 -1.64 -33.22 2.43
CA ASN D 417 -0.88 -33.95 3.44
C ASN D 417 -0.90 -33.23 4.79
N ALA D 418 -0.92 -34.01 5.89
CA ALA D 418 -0.83 -33.44 7.23
C ALA D 418 0.08 -34.31 8.09
N THR D 419 0.86 -33.65 8.95
CA THR D 419 1.73 -34.34 9.87
C THR D 419 1.66 -33.65 11.23
N LEU D 420 1.58 -34.46 12.30
CA LEU D 420 1.65 -33.99 13.67
C LEU D 420 2.93 -34.53 14.28
N CYS D 421 3.62 -33.67 15.02
CA CYS D 421 4.79 -34.08 15.79
C CYS D 421 4.42 -34.12 17.28
N ILE D 422 4.47 -35.33 17.87
CA ILE D 422 4.04 -35.57 19.24
C ILE D 422 5.20 -36.17 20.04
N ALA D 423 5.30 -35.80 21.32
CA ALA D 423 6.47 -36.13 22.12
C ALA D 423 6.07 -36.55 23.53
N GLY D 424 6.78 -37.52 24.09
CA GLY D 424 6.67 -37.80 25.51
C GLY D 424 7.18 -36.62 26.32
N LEU D 425 6.71 -36.53 27.56
CA LEU D 425 7.09 -35.42 28.42
C LEU D 425 8.40 -35.79 29.17
N ARG E 5 8.34 -14.25 19.62
CA ARG E 5 8.06 -14.77 18.25
C ARG E 5 7.44 -13.64 17.42
N LEU E 6 7.34 -13.88 16.10
CA LEU E 6 6.95 -12.86 15.15
C LEU E 6 5.46 -13.00 14.81
N HIS E 7 4.77 -11.85 14.69
CA HIS E 7 3.46 -11.76 14.08
C HIS E 7 3.57 -10.86 12.82
N ARG E 8 3.35 -11.50 11.66
CA ARG E 8 3.52 -10.90 10.35
C ARG E 8 2.15 -10.40 9.93
N ARG E 9 2.09 -9.27 9.21
CA ARG E 9 0.80 -8.73 8.80
C ARG E 9 0.29 -9.42 7.55
N VAL E 10 -1.04 -9.45 7.38
CA VAL E 10 -1.67 -10.20 6.30
C VAL E 10 -2.66 -9.31 5.55
N VAL E 11 -2.57 -9.33 4.21
CA VAL E 11 -3.42 -8.46 3.41
C VAL E 11 -4.15 -9.25 2.33
N ILE E 12 -5.16 -8.61 1.74
CA ILE E 12 -5.92 -9.19 0.64
C ILE E 12 -5.52 -8.49 -0.65
N THR E 13 -5.11 -9.28 -1.67
CA THR E 13 -4.59 -8.74 -2.91
C THR E 13 -5.38 -9.22 -4.12
N GLY E 14 -6.41 -10.03 -3.91
CA GLY E 14 -7.14 -10.60 -5.04
C GLY E 14 -8.51 -11.08 -4.60
N ILE E 15 -9.53 -10.83 -5.44
CA ILE E 15 -10.90 -11.20 -5.17
C ILE E 15 -11.50 -11.84 -6.42
N GLY E 16 -12.13 -13.00 -6.24
CA GLY E 16 -12.83 -13.67 -7.32
C GLY E 16 -14.26 -13.96 -6.88
N LEU E 17 -15.24 -13.46 -7.64
CA LEU E 17 -16.63 -13.56 -7.25
C LEU E 17 -17.42 -14.22 -8.38
N VAL E 18 -18.11 -15.31 -8.00
CA VAL E 18 -19.16 -15.89 -8.81
C VAL E 18 -20.43 -15.93 -7.97
N THR E 19 -21.32 -14.96 -8.16
CA THR E 19 -22.45 -14.75 -7.26
C THR E 19 -23.74 -14.64 -8.06
N PRO E 20 -24.91 -14.64 -7.37
CA PRO E 20 -26.16 -14.30 -8.03
C PRO E 20 -26.25 -12.87 -8.58
N LEU E 21 -25.30 -12.00 -8.25
CA LEU E 21 -25.24 -10.68 -8.86
C LEU E 21 -24.44 -10.71 -10.16
N GLY E 22 -23.78 -11.85 -10.44
CA GLY E 22 -22.94 -11.98 -11.61
C GLY E 22 -21.51 -12.31 -11.22
N VAL E 23 -20.57 -12.11 -12.16
CA VAL E 23 -19.20 -12.55 -12.05
C VAL E 23 -18.26 -11.38 -12.34
N GLY E 24 -17.19 -11.26 -11.57
CA GLY E 24 -16.21 -10.19 -11.79
C GLY E 24 -16.30 -9.15 -10.68
N THR E 25 -15.13 -8.68 -10.21
CA THR E 25 -15.05 -7.95 -8.95
C THR E 25 -15.73 -6.58 -9.08
N HIS E 26 -15.26 -5.75 -10.01
CA HIS E 26 -15.86 -4.45 -10.25
C HIS E 26 -17.36 -4.57 -10.49
N LEU E 27 -17.78 -5.47 -11.36
CA LEU E 27 -19.18 -5.55 -11.79
C LEU E 27 -20.09 -5.90 -10.60
N VAL E 28 -19.72 -6.94 -9.86
CA VAL E 28 -20.53 -7.42 -8.75
C VAL E 28 -20.66 -6.32 -7.69
N TRP E 29 -19.55 -5.63 -7.40
CA TRP E 29 -19.56 -4.56 -6.42
C TRP E 29 -20.47 -3.43 -6.88
N ASP E 30 -20.36 -3.04 -8.15
CA ASP E 30 -21.15 -1.94 -8.67
C ASP E 30 -22.63 -2.28 -8.54
N ARG E 31 -23.03 -3.52 -8.84
CA ARG E 31 -24.43 -3.89 -8.75
C ARG E 31 -24.88 -3.94 -7.30
N LEU E 32 -24.01 -4.41 -6.41
CA LEU E 32 -24.33 -4.49 -4.99
C LEU E 32 -24.62 -3.11 -4.40
N ILE E 33 -23.70 -2.16 -4.65
CA ILE E 33 -23.80 -0.79 -4.18
C ILE E 33 -25.04 -0.13 -4.81
N GLY E 34 -25.39 -0.50 -6.05
CA GLY E 34 -26.49 0.08 -6.78
C GLY E 34 -27.85 -0.48 -6.38
N GLY E 35 -27.88 -1.46 -5.47
CA GLY E 35 -29.12 -1.95 -4.90
C GLY E 35 -29.74 -3.11 -5.68
N GLU E 36 -28.96 -3.77 -6.55
CA GLU E 36 -29.47 -4.90 -7.33
C GLU E 36 -29.55 -6.17 -6.47
N SER E 37 -30.34 -7.13 -6.95
CA SER E 37 -30.53 -8.43 -6.29
C SER E 37 -30.58 -9.54 -7.33
N GLY E 38 -30.16 -10.75 -6.92
CA GLY E 38 -30.22 -11.94 -7.75
C GLY E 38 -31.35 -12.89 -7.32
N ILE E 39 -32.23 -12.47 -6.41
CA ILE E 39 -33.28 -13.36 -5.92
C ILE E 39 -34.38 -13.44 -6.97
N VAL E 40 -34.77 -14.68 -7.34
CA VAL E 40 -35.72 -14.85 -8.42
C VAL E 40 -36.73 -15.93 -8.06
N SER E 41 -37.79 -16.01 -8.85
CA SER E 41 -38.83 -17.00 -8.61
C SER E 41 -38.35 -18.34 -9.14
N LEU E 42 -38.68 -19.42 -8.41
CA LEU E 42 -38.37 -20.77 -8.89
C LEU E 42 -39.34 -21.11 -10.02
N VAL E 43 -38.81 -21.85 -10.99
CA VAL E 43 -39.57 -22.37 -12.11
C VAL E 43 -39.30 -23.86 -12.22
N GLY E 44 -40.35 -24.61 -12.54
CA GLY E 44 -40.27 -26.05 -12.72
C GLY E 44 -41.44 -26.74 -12.02
N GLU E 45 -41.82 -27.90 -12.56
CA GLU E 45 -42.78 -28.78 -11.93
C GLU E 45 -42.18 -29.42 -10.69
N GLU E 46 -40.85 -29.59 -10.69
CA GLU E 46 -40.13 -30.23 -9.59
C GLU E 46 -40.17 -29.39 -8.31
N TYR E 47 -40.50 -28.09 -8.38
CA TYR E 47 -40.55 -27.25 -7.19
C TYR E 47 -41.97 -27.10 -6.63
N LYS E 48 -42.96 -27.75 -7.25
CA LYS E 48 -44.33 -27.31 -7.02
C LYS E 48 -44.86 -27.76 -5.66
N SER E 49 -44.36 -28.87 -5.11
CA SER E 49 -44.89 -29.39 -3.85
C SER E 49 -44.26 -28.71 -2.64
N ILE E 50 -43.37 -27.75 -2.86
CA ILE E 50 -42.48 -27.24 -1.82
C ILE E 50 -42.95 -25.86 -1.39
N PRO E 51 -42.98 -25.57 -0.06
CA PRO E 51 -43.41 -24.26 0.44
C PRO E 51 -42.55 -23.08 0.00
N CYS E 52 -41.26 -23.31 -0.27
CA CYS E 52 -40.42 -22.26 -0.80
C CYS E 52 -40.58 -22.16 -2.31
N SER E 53 -40.40 -20.96 -2.85
CA SER E 53 -40.68 -20.67 -4.25
C SER E 53 -39.71 -19.64 -4.83
N VAL E 54 -38.66 -19.30 -4.07
CA VAL E 54 -37.65 -18.37 -4.55
C VAL E 54 -36.27 -18.92 -4.22
N ALA E 55 -35.27 -18.49 -5.00
CA ALA E 55 -33.87 -18.79 -4.76
C ALA E 55 -33.02 -17.78 -5.54
N ALA E 56 -31.71 -17.80 -5.33
CA ALA E 56 -30.81 -16.88 -6.01
C ALA E 56 -29.74 -17.69 -6.72
N TYR E 57 -29.73 -17.56 -8.04
CA TYR E 57 -28.89 -18.35 -8.92
C TYR E 57 -27.84 -17.46 -9.57
N VAL E 58 -26.67 -18.04 -9.82
CA VAL E 58 -25.63 -17.41 -10.62
C VAL E 58 -26.14 -17.30 -12.06
N PRO E 59 -26.13 -16.12 -12.71
CA PRO E 59 -26.50 -16.01 -14.12
C PRO E 59 -25.45 -16.66 -15.03
N ARG E 60 -25.94 -17.52 -15.93
CA ARG E 60 -25.08 -18.27 -16.84
C ARG E 60 -25.18 -17.68 -18.24
N GLY E 61 -24.07 -17.73 -18.97
CA GLY E 61 -24.03 -17.34 -20.38
C GLY E 61 -22.64 -16.82 -20.72
N SER E 62 -22.53 -16.08 -21.83
CA SER E 62 -21.24 -15.58 -22.26
C SER E 62 -21.26 -14.06 -22.39
N ASP E 63 -22.35 -13.39 -21.99
CA ASP E 63 -22.37 -11.94 -21.91
C ASP E 63 -21.51 -11.50 -20.73
N GLU E 64 -21.31 -10.18 -20.56
CA GLU E 64 -20.52 -9.61 -19.48
C GLU E 64 -21.22 -9.87 -18.15
N GLY E 65 -20.46 -10.43 -17.19
CA GLY E 65 -20.95 -10.64 -15.85
C GLY E 65 -21.69 -11.97 -15.68
N GLN E 66 -21.68 -12.82 -16.72
CA GLN E 66 -22.33 -14.12 -16.60
C GLN E 66 -21.27 -15.19 -16.42
N PHE E 67 -21.64 -16.29 -15.76
CA PHE E 67 -20.71 -17.37 -15.52
C PHE E 67 -20.73 -18.34 -16.70
N ASN E 68 -19.54 -18.57 -17.24
CA ASN E 68 -19.36 -19.38 -18.42
C ASN E 68 -18.33 -20.46 -18.08
N GLU E 69 -18.83 -21.68 -17.80
CA GLU E 69 -17.98 -22.74 -17.27
C GLU E 69 -16.79 -22.98 -18.19
N GLN E 70 -17.02 -22.78 -19.50
CA GLN E 70 -16.09 -23.15 -20.54
C GLN E 70 -14.82 -22.31 -20.49
N ASN E 71 -14.90 -21.10 -19.93
CA ASN E 71 -13.73 -20.23 -19.80
C ASN E 71 -12.77 -20.74 -18.73
N PHE E 72 -13.22 -21.68 -17.89
CA PHE E 72 -12.45 -22.08 -16.73
C PHE E 72 -12.06 -23.55 -16.78
N VAL E 73 -12.95 -24.40 -17.31
CA VAL E 73 -12.78 -25.84 -17.19
C VAL E 73 -13.00 -26.44 -18.57
N SER E 74 -12.29 -27.53 -18.87
CA SER E 74 -12.34 -28.17 -20.18
C SER E 74 -13.61 -29.01 -20.29
N LYS E 75 -13.90 -29.53 -21.48
CA LYS E 75 -15.13 -30.30 -21.67
C LYS E 75 -15.07 -31.63 -20.91
N SER E 76 -13.86 -32.21 -20.83
CA SER E 76 -13.67 -33.48 -20.13
C SER E 76 -13.82 -33.28 -18.62
N ASP E 77 -13.38 -32.13 -18.11
CA ASP E 77 -13.51 -31.81 -16.70
C ASP E 77 -14.98 -31.61 -16.30
N ILE E 78 -15.77 -31.00 -17.19
CA ILE E 78 -17.12 -30.58 -16.87
C ILE E 78 -17.95 -31.80 -16.45
N LYS E 79 -17.74 -32.95 -17.10
CA LYS E 79 -18.52 -34.14 -16.79
C LYS E 79 -18.10 -34.72 -15.44
N SER E 80 -16.81 -34.63 -15.08
CA SER E 80 -16.31 -35.33 -13.90
C SER E 80 -16.35 -34.47 -12.62
N MET E 81 -16.86 -33.23 -12.70
CA MET E 81 -16.83 -32.33 -11.55
C MET E 81 -18.25 -31.86 -11.23
N SER E 82 -18.52 -31.66 -9.94
CA SER E 82 -19.76 -31.07 -9.49
C SER E 82 -19.83 -29.58 -9.83
N SER E 83 -21.06 -29.02 -9.79
CA SER E 83 -21.29 -27.60 -10.01
C SER E 83 -20.48 -26.73 -9.04
N PRO E 84 -20.46 -27.01 -7.71
CA PRO E 84 -19.67 -26.20 -6.77
C PRO E 84 -18.17 -26.21 -7.00
N THR E 85 -17.67 -27.33 -7.50
CA THR E 85 -16.25 -27.43 -7.79
C THR E 85 -15.90 -26.49 -8.94
N ILE E 86 -16.74 -26.45 -9.97
CA ILE E 86 -16.46 -25.66 -11.15
C ILE E 86 -16.53 -24.18 -10.79
N MET E 87 -17.52 -23.78 -9.99
CA MET E 87 -17.62 -22.41 -9.53
C MET E 87 -16.38 -22.03 -8.71
N ALA E 88 -15.88 -22.94 -7.86
CA ALA E 88 -14.70 -22.65 -7.05
C ALA E 88 -13.47 -22.45 -7.92
N ILE E 89 -13.34 -23.26 -8.96
CA ILE E 89 -12.24 -23.14 -9.91
C ILE E 89 -12.33 -21.80 -10.62
N GLY E 90 -13.53 -21.42 -11.02
CA GLY E 90 -13.74 -20.15 -11.69
C GLY E 90 -13.38 -18.97 -10.79
N ALA E 91 -13.90 -18.97 -9.56
CA ALA E 91 -13.66 -17.87 -8.65
C ALA E 91 -12.17 -17.75 -8.34
N ALA E 92 -11.47 -18.89 -8.30
CA ALA E 92 -10.05 -18.95 -7.97
C ALA E 92 -9.22 -18.42 -9.12
N GLU E 93 -9.57 -18.82 -10.35
CA GLU E 93 -8.90 -18.29 -11.51
C GLU E 93 -9.01 -16.77 -11.50
N LEU E 94 -10.22 -16.24 -11.32
CA LEU E 94 -10.46 -14.81 -11.31
C LEU E 94 -9.69 -14.14 -10.17
N ALA E 95 -9.64 -14.79 -9.00
CA ALA E 95 -8.99 -14.22 -7.84
C ALA E 95 -7.48 -14.09 -8.06
N MET E 96 -6.88 -15.09 -8.70
CA MET E 96 -5.45 -15.07 -8.86
C MET E 96 -5.06 -14.17 -10.00
N LYS E 97 -5.90 -14.14 -11.04
CA LYS E 97 -5.74 -13.14 -12.08
C LYS E 97 -5.82 -11.74 -11.47
N ASP E 98 -6.78 -11.50 -10.57
CA ASP E 98 -6.92 -10.19 -9.93
C ASP E 98 -5.74 -9.86 -9.03
N SER E 99 -5.03 -10.88 -8.56
CA SER E 99 -3.91 -10.72 -7.68
C SER E 99 -2.61 -10.50 -8.45
N GLY E 100 -2.56 -11.06 -9.66
CA GLY E 100 -1.34 -11.04 -10.46
C GLY E 100 -0.29 -12.03 -9.96
N TRP E 101 -0.74 -13.08 -9.29
CA TRP E 101 0.16 -14.04 -8.66
C TRP E 101 0.12 -15.36 -9.44
N HIS E 102 1.20 -15.65 -10.16
CA HIS E 102 1.28 -16.84 -10.98
C HIS E 102 2.62 -17.50 -10.64
N PRO E 103 2.67 -18.33 -9.58
CA PRO E 103 3.94 -18.76 -9.02
C PRO E 103 4.63 -19.74 -9.98
N GLN E 104 5.88 -19.44 -10.30
CA GLN E 104 6.57 -20.22 -11.31
C GLN E 104 7.63 -21.10 -10.66
N SER E 105 8.46 -20.46 -9.84
CA SER E 105 9.55 -21.15 -9.17
C SER E 105 8.98 -22.11 -8.11
N GLU E 106 9.76 -23.13 -7.77
CA GLU E 106 9.43 -24.07 -6.72
C GLU E 106 9.19 -23.30 -5.42
N ALA E 107 10.09 -22.36 -5.10
CA ALA E 107 10.01 -21.65 -3.85
C ALA E 107 8.66 -20.91 -3.73
N ASP E 108 8.16 -20.37 -4.83
CA ASP E 108 6.90 -19.62 -4.78
C ASP E 108 5.70 -20.56 -4.67
N GLN E 109 5.85 -21.75 -5.24
CA GLN E 109 4.77 -22.73 -5.22
C GLN E 109 4.56 -23.32 -3.81
N VAL E 110 5.65 -23.58 -3.09
CA VAL E 110 5.57 -24.15 -1.74
C VAL E 110 5.16 -23.05 -0.76
N ALA E 111 5.32 -21.80 -1.16
CA ALA E 111 4.89 -20.68 -0.36
C ALA E 111 3.39 -20.43 -0.49
N THR E 112 2.74 -21.08 -1.45
CA THR E 112 1.36 -20.75 -1.77
C THR E 112 0.47 -21.95 -1.47
N GLY E 113 -0.47 -21.78 -0.55
CA GLY E 113 -1.43 -22.81 -0.21
C GLY E 113 -2.84 -22.48 -0.67
N VAL E 114 -3.76 -23.42 -0.40
CA VAL E 114 -5.17 -23.32 -0.77
C VAL E 114 -6.02 -23.67 0.44
N ALA E 115 -7.12 -22.95 0.60
CA ALA E 115 -8.09 -23.24 1.64
C ALA E 115 -9.45 -22.90 1.09
N ILE E 116 -10.01 -23.83 0.32
CA ILE E 116 -11.31 -23.66 -0.29
C ILE E 116 -12.21 -24.79 0.19
N GLY E 117 -13.30 -24.40 0.82
CA GLY E 117 -14.27 -25.33 1.34
C GLY E 117 -15.58 -25.29 0.57
N MET E 118 -16.36 -26.35 0.78
CA MET E 118 -17.70 -26.53 0.27
C MET E 118 -18.55 -26.77 1.50
N GLY E 119 -19.71 -26.11 1.59
CA GLY E 119 -20.55 -26.27 2.77
C GLY E 119 -21.33 -27.58 2.76
N MET E 120 -21.61 -28.13 1.58
CA MET E 120 -22.58 -29.21 1.47
C MET E 120 -22.29 -29.96 0.19
N ILE E 121 -22.41 -31.30 0.23
CA ILE E 121 -22.31 -32.06 -1.00
C ILE E 121 -23.64 -31.89 -1.74
N PRO E 122 -23.66 -31.93 -3.10
CA PRO E 122 -24.91 -31.72 -3.82
C PRO E 122 -25.69 -33.03 -3.76
N LEU E 123 -26.91 -32.95 -3.23
CA LEU E 123 -27.70 -34.13 -2.92
C LEU E 123 -28.11 -34.85 -4.20
N GLU E 124 -28.22 -34.09 -5.29
CA GLU E 124 -28.69 -34.58 -6.57
C GLU E 124 -27.73 -35.64 -7.12
N VAL E 125 -26.42 -35.46 -6.95
CA VAL E 125 -25.48 -36.43 -7.48
C VAL E 125 -25.62 -37.74 -6.70
N VAL E 126 -25.86 -37.67 -5.40
CA VAL E 126 -25.97 -38.87 -4.57
C VAL E 126 -27.23 -39.64 -4.96
N SER E 127 -28.34 -38.93 -5.15
CA SER E 127 -29.60 -39.59 -5.46
C SER E 127 -29.56 -40.21 -6.85
N GLU E 128 -28.98 -39.50 -7.83
CA GLU E 128 -28.90 -40.00 -9.19
C GLU E 128 -27.96 -41.20 -9.28
N THR E 129 -26.84 -41.19 -8.57
CA THR E 129 -25.92 -42.31 -8.56
C THR E 129 -26.60 -43.49 -7.86
N ALA E 130 -27.37 -43.24 -6.79
CA ALA E 130 -28.04 -44.30 -6.06
C ALA E 130 -29.02 -45.05 -6.96
N LEU E 131 -29.81 -44.27 -7.70
CA LEU E 131 -30.83 -44.82 -8.58
C LEU E 131 -30.18 -45.56 -9.75
N ASN E 132 -29.05 -45.03 -10.24
CA ASN E 132 -28.29 -45.61 -11.32
C ASN E 132 -27.68 -46.95 -10.91
N PHE E 133 -27.28 -47.08 -9.63
CA PHE E 133 -26.69 -48.30 -9.11
C PHE E 133 -27.78 -49.36 -8.92
N GLN E 134 -28.99 -48.94 -8.51
CA GLN E 134 -30.08 -49.87 -8.31
C GLN E 134 -30.57 -50.42 -9.64
N THR E 135 -30.83 -49.50 -10.58
CA THR E 135 -31.40 -49.84 -11.88
C THR E 135 -30.40 -50.67 -12.68
N LYS E 136 -29.19 -50.15 -12.89
CA LYS E 136 -28.31 -50.58 -13.96
C LYS E 136 -27.08 -51.34 -13.44
N GLY E 137 -26.80 -51.26 -12.14
CA GLY E 137 -25.83 -52.14 -11.51
C GLY E 137 -24.48 -51.47 -11.27
N TYR E 138 -23.57 -52.20 -10.60
CA TYR E 138 -22.26 -51.73 -10.18
C TYR E 138 -21.43 -51.23 -11.36
N ASN E 139 -21.54 -51.95 -12.48
CA ASN E 139 -20.68 -51.71 -13.64
C ASN E 139 -21.01 -50.40 -14.34
N LYS E 140 -22.15 -49.78 -14.01
CA LYS E 140 -22.54 -48.53 -14.63
C LYS E 140 -22.30 -47.34 -13.69
N VAL E 141 -21.72 -47.58 -12.52
CA VAL E 141 -21.43 -46.50 -11.58
C VAL E 141 -20.17 -45.77 -12.07
N SER E 142 -20.24 -44.45 -12.16
CA SER E 142 -19.09 -43.65 -12.55
C SER E 142 -18.00 -43.74 -11.49
N PRO E 143 -16.71 -43.81 -11.90
CA PRO E 143 -15.60 -43.76 -10.94
C PRO E 143 -15.37 -42.37 -10.38
N PHE E 144 -15.99 -41.36 -10.99
CA PHE E 144 -15.86 -39.98 -10.55
C PHE E 144 -16.88 -39.64 -9.48
N PHE E 145 -17.67 -40.63 -9.04
CA PHE E 145 -18.70 -40.40 -8.06
C PHE E 145 -18.10 -39.92 -6.74
N VAL E 146 -17.14 -40.66 -6.20
CA VAL E 146 -16.58 -40.31 -4.90
C VAL E 146 -15.87 -38.96 -4.98
N PRO E 147 -14.96 -38.71 -5.96
CA PRO E 147 -14.42 -37.37 -6.18
C PRO E 147 -15.44 -36.21 -6.17
N LYS E 148 -16.63 -36.43 -6.73
CA LYS E 148 -17.64 -35.40 -6.83
C LYS E 148 -18.35 -35.14 -5.50
N ILE E 149 -18.15 -35.96 -4.47
CA ILE E 149 -18.83 -35.75 -3.20
C ILE E 149 -17.84 -35.42 -2.09
N LEU E 150 -16.56 -35.29 -2.43
CA LEU E 150 -15.55 -34.91 -1.45
C LEU E 150 -15.50 -33.39 -1.39
N VAL E 151 -15.33 -32.87 -0.17
CA VAL E 151 -15.36 -31.45 0.12
C VAL E 151 -14.08 -30.76 -0.34
N ASN E 152 -12.99 -31.53 -0.43
CA ASN E 152 -11.67 -30.97 -0.70
C ASN E 152 -11.34 -31.02 -2.19
N MET E 153 -12.30 -31.35 -3.07
CA MET E 153 -11.99 -31.54 -4.48
C MET E 153 -11.69 -30.19 -5.14
N ALA E 154 -12.38 -29.14 -4.71
CA ALA E 154 -12.16 -27.80 -5.20
C ALA E 154 -10.70 -27.39 -4.95
N ALA E 155 -10.29 -27.47 -3.69
CA ALA E 155 -8.93 -27.15 -3.29
C ALA E 155 -7.94 -28.02 -4.07
N GLY E 156 -8.29 -29.29 -4.26
CA GLY E 156 -7.45 -30.19 -5.02
C GLY E 156 -7.20 -29.68 -6.43
N GLN E 157 -8.27 -29.31 -7.12
CA GLN E 157 -8.22 -28.91 -8.52
C GLN E 157 -7.46 -27.60 -8.66
N VAL E 158 -7.77 -26.64 -7.77
CA VAL E 158 -7.08 -25.36 -7.81
C VAL E 158 -5.60 -25.61 -7.64
N SER E 159 -5.24 -26.38 -6.59
CA SER E 159 -3.86 -26.67 -6.26
C SER E 159 -3.10 -27.24 -7.45
N ILE E 160 -3.68 -28.21 -8.17
CA ILE E 160 -3.00 -28.80 -9.33
C ILE E 160 -2.78 -27.75 -10.43
N ARG E 161 -3.84 -27.03 -10.79
CA ARG E 161 -3.82 -26.17 -11.97
CA ARG E 161 -3.83 -26.17 -11.97
C ARG E 161 -2.90 -24.98 -11.78
N TYR E 162 -2.85 -24.41 -10.56
CA TYR E 162 -2.02 -23.24 -10.38
C TYR E 162 -0.69 -23.60 -9.72
N LYS E 163 -0.45 -24.91 -9.51
CA LYS E 163 0.77 -25.44 -8.93
C LYS E 163 0.98 -24.89 -7.51
N LEU E 164 -0.02 -25.07 -6.64
CA LEU E 164 0.04 -24.54 -5.28
C LEU E 164 0.42 -25.65 -4.31
N LYS E 165 1.66 -25.63 -3.82
CA LYS E 165 2.22 -26.73 -3.06
C LYS E 165 2.31 -26.43 -1.57
N GLY E 166 1.77 -25.29 -1.12
CA GLY E 166 1.79 -24.94 0.28
C GLY E 166 0.66 -25.60 1.06
N PRO E 167 0.41 -25.20 2.31
CA PRO E 167 -0.70 -25.69 3.10
C PRO E 167 -1.99 -25.90 2.31
N ASN E 168 -2.52 -27.12 2.33
CA ASN E 168 -3.83 -27.38 1.76
C ASN E 168 -4.80 -27.63 2.91
N HIS E 169 -5.93 -26.92 2.90
CA HIS E 169 -6.85 -26.96 4.02
C HIS E 169 -8.24 -26.78 3.43
N ALA E 170 -9.23 -27.41 4.01
CA ALA E 170 -10.53 -27.53 3.37
C ALA E 170 -11.54 -27.80 4.48
N VAL E 171 -12.59 -27.02 4.47
CA VAL E 171 -13.43 -26.98 5.65
C VAL E 171 -14.86 -27.20 5.18
N SER E 172 -15.66 -27.67 6.12
CA SER E 172 -17.05 -27.89 5.81
C SER E 172 -17.74 -27.68 7.12
N THR E 173 -18.21 -26.44 7.30
CA THR E 173 -18.85 -26.06 8.54
C THR E 173 -20.22 -25.53 8.18
N ALA E 174 -20.76 -26.03 7.06
CA ALA E 174 -22.01 -25.51 6.52
C ALA E 174 -21.86 -24.01 6.32
N CYS E 175 -22.66 -23.21 7.05
CA CYS E 175 -22.83 -21.80 6.78
C CYS E 175 -21.61 -20.96 7.22
N THR E 176 -20.61 -21.56 7.86
CA THR E 176 -19.44 -20.81 8.33
C THR E 176 -18.18 -21.17 7.52
N THR E 177 -18.34 -21.95 6.45
CA THR E 177 -17.18 -22.50 5.77
C THR E 177 -16.26 -21.39 5.29
N GLY E 178 -16.83 -20.44 4.56
CA GLY E 178 -16.08 -19.34 3.95
C GLY E 178 -15.32 -18.52 4.98
N ALA E 179 -15.94 -18.27 6.13
CA ALA E 179 -15.27 -17.53 7.19
C ALA E 179 -14.07 -18.30 7.74
N HIS E 180 -14.26 -19.60 8.05
CA HIS E 180 -13.17 -20.44 8.54
C HIS E 180 -12.03 -20.50 7.51
N ALA E 181 -12.36 -20.59 6.23
CA ALA E 181 -11.35 -20.69 5.22
C ALA E 181 -10.45 -19.46 5.25
N VAL E 182 -11.05 -18.27 5.39
CA VAL E 182 -10.29 -17.03 5.37
C VAL E 182 -9.53 -16.84 6.69
N GLY E 183 -10.20 -17.08 7.81
CA GLY E 183 -9.59 -16.94 9.11
C GLY E 183 -8.39 -17.87 9.28
N ASP E 184 -8.54 -19.13 8.91
CA ASP E 184 -7.49 -20.13 9.08
C ASP E 184 -6.30 -19.79 8.18
N SER E 185 -6.60 -19.38 6.93
CA SER E 185 -5.59 -18.89 6.01
C SER E 185 -4.82 -17.73 6.62
N PHE E 186 -5.52 -16.78 7.22
CA PHE E 186 -4.88 -15.66 7.89
C PHE E 186 -3.90 -16.17 8.96
N ARG E 187 -4.36 -17.12 9.79
CA ARG E 187 -3.56 -17.67 10.85
C ARG E 187 -2.32 -18.38 10.29
N PHE E 188 -2.50 -19.14 9.22
CA PHE E 188 -1.40 -19.87 8.62
C PHE E 188 -0.33 -18.90 8.12
N ILE E 189 -0.76 -17.79 7.51
CA ILE E 189 0.20 -16.85 6.99
C ILE E 189 0.87 -16.12 8.14
N ALA E 190 0.09 -15.72 9.15
CA ALA E 190 0.64 -14.97 10.27
C ALA E 190 1.68 -15.82 10.99
N HIS E 191 1.50 -17.14 10.96
CA HIS E 191 2.32 -18.06 11.71
C HIS E 191 3.62 -18.40 10.98
N GLY E 192 3.65 -18.23 9.65
CA GLY E 192 4.84 -18.46 8.86
C GLY E 192 4.78 -19.74 8.02
N ASP E 193 3.63 -20.42 7.99
CA ASP E 193 3.45 -21.65 7.26
C ASP E 193 3.37 -21.41 5.75
N ALA E 194 2.88 -20.22 5.35
CA ALA E 194 2.74 -19.86 3.95
C ALA E 194 2.89 -18.36 3.79
N ASP E 195 3.27 -17.94 2.57
CA ASP E 195 3.38 -16.52 2.23
C ASP E 195 2.12 -16.03 1.52
N VAL E 196 1.40 -16.95 0.87
CA VAL E 196 0.19 -16.66 0.15
C VAL E 196 -0.79 -17.81 0.38
N MET E 197 -2.08 -17.46 0.50
CA MET E 197 -3.14 -18.45 0.60
C MET E 197 -4.28 -18.01 -0.32
N VAL E 198 -4.79 -18.97 -1.10
CA VAL E 198 -5.99 -18.81 -1.90
C VAL E 198 -7.15 -19.42 -1.13
N ALA E 199 -8.06 -18.57 -0.65
CA ALA E 199 -9.01 -18.96 0.38
C ALA E 199 -10.43 -18.58 -0.02
N GLY E 200 -11.38 -19.50 0.19
CA GLY E 200 -12.77 -19.11 0.13
C GLY E 200 -13.72 -20.29 0.24
N GLY E 201 -14.92 -20.12 -0.33
CA GLY E 201 -16.02 -21.06 -0.18
C GLY E 201 -16.85 -21.16 -1.46
N THR E 202 -17.55 -22.28 -1.59
CA THR E 202 -18.44 -22.52 -2.72
C THR E 202 -19.64 -23.32 -2.24
N ASP E 203 -20.80 -23.01 -2.80
CA ASP E 203 -21.98 -23.86 -2.69
C ASP E 203 -22.86 -23.71 -3.92
N SER E 204 -23.35 -24.84 -4.42
CA SER E 204 -24.39 -24.88 -5.43
C SER E 204 -25.28 -26.10 -5.13
N CYS E 205 -26.22 -25.94 -4.21
CA CYS E 205 -27.03 -27.05 -3.75
C CYS E 205 -28.51 -26.68 -3.79
N ILE E 206 -28.90 -25.82 -4.72
CA ILE E 206 -30.30 -25.53 -4.92
C ILE E 206 -30.87 -26.70 -5.70
N SER E 207 -31.71 -27.49 -5.06
CA SER E 207 -32.37 -28.61 -5.73
C SER E 207 -33.69 -28.87 -5.02
N PRO E 208 -34.63 -29.63 -5.62
CA PRO E 208 -35.90 -29.90 -4.96
C PRO E 208 -35.67 -30.50 -3.57
N LEU E 209 -34.74 -31.45 -3.46
CA LEU E 209 -34.57 -32.24 -2.26
C LEU E 209 -33.99 -31.37 -1.15
N SER E 210 -33.07 -30.45 -1.46
CA SER E 210 -32.45 -29.66 -0.43
C SER E 210 -33.39 -28.54 0.01
N LEU E 211 -34.08 -27.92 -0.94
CA LEU E 211 -35.10 -26.94 -0.58
C LEU E 211 -36.16 -27.61 0.29
N ALA E 212 -36.56 -28.83 -0.09
CA ALA E 212 -37.48 -29.61 0.73
C ALA E 212 -36.92 -29.74 2.15
N GLY E 213 -35.65 -30.13 2.27
CA GLY E 213 -35.01 -30.37 3.57
C GLY E 213 -35.00 -29.11 4.44
N PHE E 214 -34.63 -27.98 3.85
CA PHE E 214 -34.58 -26.71 4.56
C PHE E 214 -36.00 -26.19 4.86
N SER E 215 -36.95 -26.38 3.94
CA SER E 215 -38.33 -25.97 4.17
C SER E 215 -38.86 -26.69 5.39
N ARG E 216 -38.58 -27.99 5.46
CA ARG E 216 -39.16 -28.83 6.50
C ARG E 216 -38.57 -28.43 7.85
N ALA E 217 -37.33 -27.94 7.83
CA ALA E 217 -36.65 -27.52 9.04
C ALA E 217 -37.06 -26.10 9.44
N ARG E 218 -38.09 -25.53 8.78
CA ARG E 218 -38.67 -24.23 9.14
C ARG E 218 -37.72 -23.09 8.72
N ALA E 219 -36.80 -23.30 7.79
CA ALA E 219 -35.63 -22.43 7.70
C ALA E 219 -35.78 -21.36 6.63
N LEU E 220 -36.69 -21.58 5.66
CA LEU E 220 -36.77 -20.81 4.44
C LEU E 220 -37.97 -19.88 4.48
N SER E 221 -37.81 -18.69 3.89
CA SER E 221 -38.93 -17.80 3.60
C SER E 221 -39.96 -18.54 2.76
N THR E 222 -41.23 -18.40 3.12
CA THR E 222 -42.34 -18.95 2.36
C THR E 222 -42.94 -17.90 1.42
N ASN E 223 -42.52 -16.63 1.56
CA ASN E 223 -43.00 -15.55 0.73
C ASN E 223 -42.70 -15.90 -0.73
N SER E 224 -43.72 -15.77 -1.60
CA SER E 224 -43.61 -16.12 -3.02
C SER E 224 -43.07 -14.95 -3.84
N ASP E 225 -43.05 -13.74 -3.27
CA ASP E 225 -42.60 -12.57 -4.01
C ASP E 225 -41.07 -12.47 -3.91
N PRO E 226 -40.33 -12.73 -5.01
CA PRO E 226 -38.87 -12.65 -4.97
C PRO E 226 -38.32 -11.29 -4.56
N LYS E 227 -39.11 -10.23 -4.74
CA LYS E 227 -38.63 -8.88 -4.46
C LYS E 227 -38.62 -8.62 -2.96
N LEU E 228 -39.42 -9.37 -2.18
CA LEU E 228 -39.62 -9.08 -0.77
C LEU E 228 -39.23 -10.24 0.14
N ALA E 229 -38.88 -11.39 -0.43
CA ALA E 229 -38.75 -12.62 0.36
C ALA E 229 -37.67 -12.45 1.40
N CYS E 230 -36.56 -11.80 1.03
CA CYS E 230 -35.41 -11.69 1.90
C CYS E 230 -35.28 -10.26 2.40
N ARG E 231 -35.51 -10.08 3.70
CA ARG E 231 -35.61 -8.76 4.27
C ARG E 231 -34.99 -8.79 5.66
N PRO E 232 -33.64 -8.73 5.72
CA PRO E 232 -32.93 -8.69 7.00
C PRO E 232 -33.36 -7.49 7.84
N PHE E 233 -33.59 -7.76 9.13
CA PHE E 233 -33.85 -6.74 10.12
C PHE E 233 -35.27 -6.20 10.03
N HIS E 234 -36.04 -6.64 9.02
CA HIS E 234 -37.39 -6.17 8.76
C HIS E 234 -38.38 -6.90 9.67
N PRO E 235 -39.51 -6.24 10.03
CA PRO E 235 -40.51 -6.87 10.89
C PRO E 235 -41.18 -8.12 10.34
N LYS E 236 -41.25 -8.27 9.02
CA LYS E 236 -42.01 -9.37 8.43
C LYS E 236 -41.09 -10.50 7.97
N ARG E 237 -39.81 -10.49 8.36
CA ARG E 237 -38.85 -11.51 7.96
C ARG E 237 -39.34 -12.88 8.43
N ASP E 238 -39.24 -13.89 7.58
CA ASP E 238 -39.88 -15.17 7.83
C ASP E 238 -38.99 -16.34 7.37
N GLY E 239 -37.66 -16.15 7.31
CA GLY E 239 -36.74 -17.18 6.88
C GLY E 239 -35.83 -16.74 5.73
N PHE E 240 -34.77 -17.51 5.48
CA PHE E 240 -33.77 -17.10 4.50
C PHE E 240 -34.11 -17.64 3.13
N VAL E 241 -33.40 -17.13 2.12
CA VAL E 241 -33.51 -17.54 0.73
C VAL E 241 -32.18 -18.18 0.33
N MET E 242 -32.24 -19.40 -0.25
CA MET E 242 -31.04 -20.13 -0.59
C MET E 242 -30.42 -19.55 -1.87
N GLY E 243 -29.11 -19.34 -1.83
CA GLY E 243 -28.34 -18.90 -2.98
C GLY E 243 -27.22 -19.88 -3.34
N GLU E 244 -26.52 -19.56 -4.41
CA GLU E 244 -25.37 -20.35 -4.85
C GLU E 244 -24.30 -19.40 -5.33
N GLY E 245 -23.07 -19.88 -5.40
CA GLY E 245 -21.94 -19.03 -5.69
C GLY E 245 -20.64 -19.49 -5.04
N ALA E 246 -19.56 -18.81 -5.42
CA ALA E 246 -18.27 -18.99 -4.80
C ALA E 246 -17.56 -17.64 -4.72
N ALA E 247 -16.70 -17.52 -3.73
CA ALA E 247 -15.87 -16.34 -3.59
C ALA E 247 -14.49 -16.81 -3.15
N VAL E 248 -13.45 -16.29 -3.78
CA VAL E 248 -12.11 -16.62 -3.39
C VAL E 248 -11.30 -15.36 -3.17
N LEU E 249 -10.43 -15.41 -2.18
CA LEU E 249 -9.59 -14.29 -1.79
C LEU E 249 -8.15 -14.77 -1.83
N VAL E 250 -7.28 -13.97 -2.44
CA VAL E 250 -5.85 -14.17 -2.26
C VAL E 250 -5.41 -13.36 -1.04
N LEU E 251 -4.98 -14.08 0.00
CA LEU E 251 -4.34 -13.48 1.16
C LEU E 251 -2.85 -13.65 1.01
N GLU E 252 -2.12 -12.74 1.65
CA GLU E 252 -0.70 -12.62 1.37
C GLU E 252 -0.04 -11.87 2.52
N GLU E 253 1.17 -12.25 2.86
CA GLU E 253 1.94 -11.52 3.84
C GLU E 253 2.25 -10.13 3.30
N TYR E 254 2.19 -9.13 4.18
CA TYR E 254 2.29 -7.73 3.79
C TYR E 254 3.55 -7.44 3.00
N GLU E 255 4.72 -7.78 3.53
CA GLU E 255 5.97 -7.43 2.87
C GLU E 255 6.08 -8.12 1.52
N HIS E 256 5.61 -9.36 1.43
CA HIS E 256 5.64 -10.09 0.17
C HIS E 256 4.83 -9.36 -0.89
N ALA E 257 3.66 -8.82 -0.51
CA ALA E 257 2.75 -8.17 -1.44
C ALA E 257 3.35 -6.85 -1.91
N VAL E 258 3.85 -6.08 -0.95
CA VAL E 258 4.42 -4.78 -1.22
C VAL E 258 5.59 -4.95 -2.17
N GLN E 259 6.51 -5.88 -1.85
CA GLN E 259 7.73 -6.01 -2.63
C GLN E 259 7.43 -6.44 -4.06
N ARG E 260 6.34 -7.16 -4.31
CA ARG E 260 6.02 -7.62 -5.65
C ARG E 260 5.10 -6.62 -6.36
N ARG E 261 4.81 -5.49 -5.70
CA ARG E 261 4.09 -4.37 -6.28
C ARG E 261 2.66 -4.78 -6.57
N ALA E 262 2.01 -5.44 -5.62
CA ALA E 262 0.64 -5.88 -5.76
C ALA E 262 -0.30 -4.76 -5.33
N ARG E 263 -1.50 -4.74 -5.89
CA ARG E 263 -2.56 -3.85 -5.43
C ARG E 263 -3.22 -4.47 -4.21
N ILE E 264 -3.13 -3.78 -3.07
CA ILE E 264 -3.69 -4.25 -1.81
C ILE E 264 -5.06 -3.61 -1.54
N TYR E 265 -6.07 -4.45 -1.30
CA TYR E 265 -7.41 -3.98 -1.00
C TYR E 265 -7.56 -3.57 0.48
N ALA E 266 -7.06 -4.42 1.39
CA ALA E 266 -7.35 -4.31 2.82
C ALA E 266 -6.46 -5.27 3.59
N GLU E 267 -6.47 -5.13 4.91
CA GLU E 267 -5.64 -5.91 5.81
C GLU E 267 -6.59 -6.73 6.68
N VAL E 268 -6.22 -8.01 6.88
CA VAL E 268 -6.94 -8.87 7.82
C VAL E 268 -6.25 -8.71 9.19
N LEU E 269 -6.98 -8.26 10.20
CA LEU E 269 -6.41 -7.97 11.50
C LEU E 269 -6.67 -9.10 12.49
N GLY E 270 -7.81 -9.77 12.38
CA GLY E 270 -8.27 -10.62 13.45
C GLY E 270 -9.34 -11.61 13.02
N TYR E 271 -9.44 -12.64 13.86
CA TYR E 271 -10.31 -13.77 13.65
C TYR E 271 -10.72 -14.27 15.03
N GLY E 272 -12.03 -14.49 15.21
CA GLY E 272 -12.53 -15.03 16.45
C GLY E 272 -13.60 -16.09 16.19
N LEU E 273 -13.71 -17.01 17.15
CA LEU E 273 -14.60 -18.14 17.05
C LEU E 273 -15.16 -18.41 18.42
N SER E 274 -16.40 -18.88 18.45
CA SER E 274 -17.05 -19.24 19.70
C SER E 274 -18.17 -20.25 19.40
N GLY E 275 -18.62 -20.93 20.47
CA GLY E 275 -19.79 -21.77 20.40
C GLY E 275 -20.89 -21.22 21.31
N ASP E 276 -22.14 -21.27 20.85
CA ASP E 276 -23.27 -20.84 21.66
C ASP E 276 -23.47 -21.84 22.79
N ALA E 277 -23.43 -23.14 22.46
CA ALA E 277 -23.76 -24.22 23.39
C ALA E 277 -25.14 -24.00 24.02
N GLY E 278 -26.09 -23.54 23.20
CA GLY E 278 -27.48 -23.47 23.61
C GLY E 278 -28.29 -24.60 22.98
N HIS E 279 -28.59 -24.48 21.68
CA HIS E 279 -29.37 -25.44 20.96
C HIS E 279 -28.94 -25.42 19.49
N ILE E 280 -29.45 -26.36 18.68
CA ILE E 280 -28.88 -26.63 17.37
C ILE E 280 -29.43 -25.66 16.33
N THR E 281 -30.76 -25.54 16.25
CA THR E 281 -31.40 -24.73 15.22
C THR E 281 -31.31 -23.23 15.57
N ALA E 282 -31.48 -22.94 16.87
CA ALA E 282 -31.85 -21.62 17.36
C ALA E 282 -30.62 -20.91 17.92
N PRO E 283 -30.46 -19.60 17.68
CA PRO E 283 -29.36 -18.85 18.29
C PRO E 283 -29.68 -18.54 19.75
N ASP E 284 -28.63 -18.16 20.49
CA ASP E 284 -28.75 -17.68 21.84
C ASP E 284 -29.63 -16.42 21.80
N PRO E 285 -30.80 -16.38 22.46
CA PRO E 285 -31.71 -15.24 22.35
C PRO E 285 -31.07 -13.89 22.68
N GLU E 286 -30.05 -13.89 23.54
CA GLU E 286 -29.33 -12.66 23.91
C GLU E 286 -28.05 -12.51 23.09
N GLY E 287 -27.64 -13.59 22.42
CA GLY E 287 -26.54 -13.56 21.47
C GLY E 287 -25.18 -13.42 22.18
N GLU E 288 -25.07 -14.00 23.38
CA GLU E 288 -23.80 -13.99 24.10
C GLU E 288 -22.74 -14.69 23.25
N GLY E 289 -23.11 -15.68 22.44
CA GLY E 289 -22.17 -16.37 21.58
C GLY E 289 -21.59 -15.46 20.50
N ALA E 290 -22.49 -14.76 19.79
CA ALA E 290 -22.08 -13.75 18.83
C ALA E 290 -21.22 -12.67 19.50
N LEU E 291 -21.55 -12.29 20.72
CA LEU E 291 -20.77 -11.27 21.41
C LEU E 291 -19.36 -11.77 21.66
N ARG E 292 -19.22 -13.03 22.12
CA ARG E 292 -17.92 -13.58 22.47
C ARG E 292 -17.01 -13.70 21.25
N CYS E 293 -17.57 -14.11 20.11
CA CYS E 293 -16.70 -14.30 18.97
C CYS E 293 -16.30 -12.96 18.36
N MET E 294 -17.20 -11.98 18.34
CA MET E 294 -16.84 -10.62 17.95
C MET E 294 -15.74 -10.09 18.87
N ALA E 295 -15.89 -10.30 20.19
CA ALA E 295 -14.90 -9.79 21.11
C ALA E 295 -13.55 -10.48 20.89
N ALA E 296 -13.58 -11.80 20.62
CA ALA E 296 -12.36 -12.54 20.40
C ALA E 296 -11.63 -12.01 19.17
N ALA E 297 -12.37 -11.68 18.12
CA ALA E 297 -11.79 -11.11 16.91
C ALA E 297 -11.11 -9.78 17.22
N LEU E 298 -11.75 -8.95 18.07
CA LEU E 298 -11.20 -7.64 18.41
C LEU E 298 -9.90 -7.80 19.20
N LYS E 299 -9.88 -8.77 20.13
CA LYS E 299 -8.69 -9.04 20.92
C LYS E 299 -7.54 -9.53 20.03
N ASP E 300 -7.85 -10.41 19.07
CA ASP E 300 -6.87 -10.90 18.09
C ASP E 300 -6.25 -9.73 17.34
N ALA E 301 -7.05 -8.72 17.01
CA ALA E 301 -6.62 -7.59 16.20
C ALA E 301 -5.98 -6.47 17.03
N GLY E 302 -6.06 -6.57 18.37
CA GLY E 302 -5.56 -5.54 19.26
C GLY E 302 -6.30 -4.22 19.05
N VAL E 303 -7.64 -4.29 19.04
CA VAL E 303 -8.49 -3.19 18.65
C VAL E 303 -9.66 -3.10 19.64
N GLN E 304 -10.09 -1.87 19.93
CA GLN E 304 -11.15 -1.68 20.92
C GLN E 304 -12.49 -1.62 20.19
N PRO E 305 -13.61 -2.00 20.82
CA PRO E 305 -14.91 -1.90 20.15
C PRO E 305 -15.21 -0.52 19.53
N GLU E 306 -14.66 0.56 20.11
CA GLU E 306 -14.92 1.93 19.69
C GLU E 306 -14.27 2.25 18.34
N GLU E 307 -13.32 1.43 17.88
CA GLU E 307 -12.67 1.67 16.61
C GLU E 307 -13.41 1.00 15.46
N ILE E 308 -14.39 0.12 15.72
CA ILE E 308 -15.16 -0.48 14.65
C ILE E 308 -16.23 0.49 14.15
N SER E 309 -16.32 0.65 12.83
CA SER E 309 -17.26 1.61 12.26
C SER E 309 -18.25 0.94 11.28
N TYR E 310 -17.98 -0.29 10.83
CA TYR E 310 -18.96 -1.00 9.98
C TYR E 310 -19.05 -2.48 10.36
N ILE E 311 -20.24 -3.06 10.23
CA ILE E 311 -20.39 -4.49 10.45
C ILE E 311 -21.21 -5.12 9.34
N ASN E 312 -20.61 -6.08 8.63
CA ASN E 312 -21.37 -6.91 7.70
C ASN E 312 -22.03 -8.03 8.52
N ALA E 313 -23.32 -7.87 8.79
CA ALA E 313 -24.05 -8.76 9.67
C ALA E 313 -24.37 -10.06 8.95
N HIS E 314 -24.45 -11.14 9.72
CA HIS E 314 -24.86 -12.43 9.19
C HIS E 314 -26.36 -12.46 8.90
N ALA E 315 -27.12 -11.50 9.41
CA ALA E 315 -28.58 -11.51 9.37
C ALA E 315 -29.12 -12.08 8.06
N THR E 316 -29.88 -13.17 8.16
CA THR E 316 -30.37 -13.93 7.02
C THR E 316 -31.89 -13.86 6.90
N SER E 317 -32.52 -12.80 7.40
CA SER E 317 -33.97 -12.62 7.38
C SER E 317 -34.69 -13.69 8.21
N THR E 318 -34.16 -14.02 9.40
CA THR E 318 -34.88 -14.91 10.30
C THR E 318 -35.25 -14.13 11.56
N PRO E 319 -36.45 -14.36 12.15
CA PRO E 319 -36.86 -13.71 13.38
C PRO E 319 -35.84 -13.76 14.53
N LEU E 320 -35.39 -14.97 14.89
CA LEU E 320 -34.56 -15.12 16.08
C LEU E 320 -33.13 -14.71 15.78
N GLY E 321 -32.68 -15.02 14.55
CA GLY E 321 -31.30 -14.78 14.13
C GLY E 321 -30.94 -13.30 14.10
N ASP E 322 -31.75 -12.50 13.38
CA ASP E 322 -31.49 -11.09 13.22
C ASP E 322 -31.55 -10.38 14.58
N ALA E 323 -32.50 -10.78 15.43
CA ALA E 323 -32.62 -10.20 16.77
C ALA E 323 -31.41 -10.51 17.65
N ALA E 324 -30.88 -11.73 17.57
CA ALA E 324 -29.75 -12.13 18.39
C ALA E 324 -28.51 -11.32 18.00
N GLU E 325 -28.24 -11.23 16.69
CA GLU E 325 -27.07 -10.53 16.23
C GLU E 325 -27.15 -9.08 16.71
N ASN E 326 -28.34 -8.49 16.54
CA ASN E 326 -28.57 -7.10 16.89
C ASN E 326 -28.29 -6.88 18.38
N LYS E 327 -28.83 -7.73 19.26
CA LYS E 327 -28.55 -7.65 20.68
C LYS E 327 -27.05 -7.71 20.95
N ALA E 328 -26.34 -8.66 20.36
CA ALA E 328 -24.91 -8.84 20.62
C ALA E 328 -24.13 -7.57 20.25
N ILE E 329 -24.49 -6.94 19.12
CA ILE E 329 -23.84 -5.70 18.69
C ILE E 329 -24.07 -4.60 19.72
N LYS E 330 -25.29 -4.51 20.26
CA LYS E 330 -25.61 -3.44 21.18
C LYS E 330 -24.87 -3.63 22.50
N HIS E 331 -24.73 -4.88 22.97
CA HIS E 331 -24.08 -5.14 24.24
C HIS E 331 -22.55 -4.98 24.11
N LEU E 332 -21.99 -5.32 22.96
CA LEU E 332 -20.54 -5.28 22.81
C LEU E 332 -20.08 -3.84 22.61
N PHE E 333 -20.84 -3.08 21.81
CA PHE E 333 -20.36 -1.79 21.36
C PHE E 333 -20.92 -0.67 22.23
N LYS E 334 -21.93 -0.99 23.05
CA LYS E 334 -22.43 -0.06 24.06
C LYS E 334 -22.90 1.21 23.34
N ASP E 335 -22.47 2.37 23.82
CA ASP E 335 -22.89 3.67 23.30
C ASP E 335 -22.47 3.81 21.84
N HIS E 336 -21.33 3.18 21.48
CA HIS E 336 -20.75 3.33 20.16
C HIS E 336 -21.54 2.54 19.11
N ALA E 337 -22.47 1.69 19.55
CA ALA E 337 -23.36 0.99 18.63
C ALA E 337 -24.10 1.97 17.73
N TYR E 338 -24.41 3.18 18.24
CA TYR E 338 -25.15 4.17 17.48
C TYR E 338 -24.25 4.96 16.54
N ALA E 339 -22.94 4.85 16.68
CA ALA E 339 -22.00 5.51 15.79
C ALA E 339 -21.65 4.63 14.58
N LEU E 340 -21.98 3.34 14.62
CA LEU E 340 -21.53 2.47 13.54
C LEU E 340 -22.68 2.15 12.61
N ALA E 341 -22.33 1.60 11.45
CA ALA E 341 -23.31 1.13 10.50
C ALA E 341 -23.22 -0.39 10.36
N VAL E 342 -24.37 -1.00 10.12
CA VAL E 342 -24.54 -2.43 10.04
C VAL E 342 -25.34 -2.73 8.80
N SER E 343 -24.88 -3.66 7.96
CA SER E 343 -25.68 -4.01 6.80
C SER E 343 -25.58 -5.50 6.56
N SER E 344 -26.69 -6.05 6.06
CA SER E 344 -26.71 -7.41 5.53
C SER E 344 -26.93 -7.34 4.03
N THR E 345 -26.05 -8.05 3.31
CA THR E 345 -26.08 -8.09 1.85
C THR E 345 -26.88 -9.30 1.40
N LYS E 346 -27.52 -10.00 2.33
CA LYS E 346 -28.20 -11.25 2.01
C LYS E 346 -29.45 -11.00 1.17
N GLY E 347 -30.02 -9.80 1.27
CA GLY E 347 -31.13 -9.41 0.41
C GLY E 347 -30.74 -9.35 -1.07
N ALA E 348 -29.43 -9.20 -1.35
CA ALA E 348 -28.94 -9.10 -2.71
C ALA E 348 -28.54 -10.45 -3.27
N THR E 349 -27.85 -11.25 -2.47
CA THR E 349 -27.17 -12.45 -2.95
C THR E 349 -27.94 -13.69 -2.52
N GLY E 350 -28.89 -13.53 -1.59
CA GLY E 350 -29.43 -14.66 -0.85
C GLY E 350 -28.37 -15.21 0.10
N HIS E 351 -28.70 -16.31 0.78
CA HIS E 351 -27.78 -17.00 1.66
C HIS E 351 -26.93 -17.99 0.87
N LEU E 352 -25.63 -17.73 0.73
CA LEU E 352 -24.74 -18.54 -0.09
C LEU E 352 -24.11 -19.68 0.72
N LEU E 353 -24.64 -19.95 1.92
CA LEU E 353 -24.24 -21.11 2.70
C LEU E 353 -22.73 -21.11 2.88
N GLY E 354 -22.07 -22.20 2.50
CA GLY E 354 -20.64 -22.32 2.61
C GLY E 354 -19.90 -21.09 2.09
N ALA E 355 -20.37 -20.49 1.01
CA ALA E 355 -19.68 -19.35 0.40
C ALA E 355 -20.05 -18.02 1.07
N ALA E 356 -21.11 -18.01 1.92
CA ALA E 356 -21.62 -16.79 2.51
C ALA E 356 -20.50 -16.00 3.18
N GLY E 357 -19.67 -16.68 3.98
CA GLY E 357 -18.64 -16.03 4.77
C GLY E 357 -17.47 -15.51 3.94
N ALA E 358 -17.21 -16.13 2.78
CA ALA E 358 -16.13 -15.69 1.91
C ALA E 358 -16.60 -14.50 1.08
N VAL E 359 -17.84 -14.56 0.57
CA VAL E 359 -18.37 -13.46 -0.24
C VAL E 359 -18.52 -12.21 0.63
N GLU E 360 -18.95 -12.37 1.89
CA GLU E 360 -19.13 -11.24 2.77
C GLU E 360 -17.79 -10.68 3.24
N ALA E 361 -16.75 -11.51 3.25
CA ALA E 361 -15.41 -11.03 3.53
C ALA E 361 -14.94 -10.17 2.36
N ALA E 362 -15.22 -10.63 1.15
CA ALA E 362 -14.96 -9.85 -0.06
C ALA E 362 -15.66 -8.49 0.01
N PHE E 363 -16.94 -8.46 0.35
CA PHE E 363 -17.71 -7.22 0.41
C PHE E 363 -17.19 -6.30 1.51
N THR E 364 -16.81 -6.84 2.67
CA THR E 364 -16.26 -6.02 3.73
C THR E 364 -14.92 -5.44 3.27
N THR E 365 -14.12 -6.25 2.57
CA THR E 365 -12.86 -5.83 2.00
C THR E 365 -13.09 -4.66 1.05
N LEU E 366 -14.03 -4.78 0.11
CA LEU E 366 -14.26 -3.73 -0.87
C LEU E 366 -14.85 -2.49 -0.18
N ALA E 367 -15.63 -2.68 0.87
CA ALA E 367 -16.15 -1.56 1.64
C ALA E 367 -14.99 -0.74 2.20
N CYS E 368 -13.96 -1.44 2.71
CA CYS E 368 -12.76 -0.78 3.20
C CYS E 368 -12.07 -0.01 2.08
N TYR E 369 -11.93 -0.66 0.92
CA TYR E 369 -11.15 -0.13 -0.19
C TYR E 369 -11.82 1.08 -0.79
N TYR E 370 -13.17 1.14 -0.84
CA TYR E 370 -13.87 2.27 -1.43
C TYR E 370 -14.54 3.19 -0.41
N GLN E 371 -14.41 2.91 0.89
CA GLN E 371 -15.10 3.66 1.93
C GLN E 371 -16.55 3.92 1.54
N LYS E 372 -17.24 2.83 1.19
CA LYS E 372 -18.61 2.86 0.71
C LYS E 372 -19.36 1.63 1.22
N LEU E 373 -20.61 1.80 1.69
CA LEU E 373 -21.30 0.78 2.45
C LEU E 373 -22.51 0.27 1.68
N PRO E 374 -22.60 -1.05 1.40
CA PRO E 374 -23.71 -1.58 0.63
C PRO E 374 -24.99 -1.56 1.44
N PRO E 375 -26.16 -1.38 0.80
CA PRO E 375 -27.43 -1.32 1.53
C PRO E 375 -27.92 -2.69 2.00
N THR E 376 -28.69 -2.68 3.10
CA THR E 376 -29.62 -3.74 3.41
C THR E 376 -30.89 -3.49 2.61
N LEU E 377 -31.23 -4.39 1.69
CA LEU E 377 -32.39 -4.20 0.81
C LEU E 377 -33.69 -4.50 1.56
N ASN E 378 -34.78 -3.92 1.05
CA ASN E 378 -36.14 -4.22 1.46
C ASN E 378 -36.47 -3.67 2.85
N LEU E 379 -35.55 -2.90 3.45
CA LEU E 379 -35.70 -2.49 4.83
C LEU E 379 -36.44 -1.15 4.90
N ASP E 380 -37.74 -1.17 4.58
CA ASP E 380 -38.47 0.10 4.41
C ASP E 380 -39.00 0.59 5.74
N CYS E 381 -39.02 -0.27 6.77
CA CYS E 381 -39.28 0.13 8.15
C CYS E 381 -38.53 -0.76 9.13
N SER E 382 -38.66 -0.47 10.43
CA SER E 382 -37.88 -1.14 11.45
C SER E 382 -38.63 -1.10 12.77
N GLU E 383 -38.59 -2.17 13.58
CA GLU E 383 -39.12 -2.17 14.93
C GLU E 383 -38.22 -1.35 15.86
N PRO E 384 -38.73 -0.82 17.00
CA PRO E 384 -37.91 -0.09 17.95
C PRO E 384 -36.66 -0.79 18.47
N GLU E 385 -36.72 -2.12 18.64
CA GLU E 385 -35.54 -2.86 19.10
C GLU E 385 -34.40 -2.73 18.07
N PHE E 386 -34.73 -2.65 16.77
CA PHE E 386 -33.73 -2.42 15.74
C PHE E 386 -33.57 -0.93 15.47
N ASP E 387 -32.74 -0.24 16.26
CA ASP E 387 -32.65 1.20 16.21
C ASP E 387 -31.24 1.67 15.81
N LEU E 388 -30.47 0.81 15.16
CA LEU E 388 -29.17 1.20 14.65
C LEU E 388 -29.31 1.65 13.20
N ASN E 389 -28.21 2.13 12.63
CA ASN E 389 -28.10 2.38 11.20
C ASN E 389 -27.81 1.07 10.46
N TYR E 390 -28.84 0.54 9.75
CA TYR E 390 -28.71 -0.67 8.98
C TYR E 390 -28.47 -0.39 7.49
N VAL E 391 -27.98 0.81 7.17
CA VAL E 391 -27.78 1.22 5.78
C VAL E 391 -29.01 0.83 4.97
N PRO E 392 -30.23 1.29 5.35
CA PRO E 392 -31.44 0.84 4.67
C PRO E 392 -31.56 1.36 3.24
N LEU E 393 -31.92 0.48 2.30
CA LEU E 393 -32.43 0.81 0.97
C LEU E 393 -31.33 1.31 0.02
N LYS E 394 -30.55 2.29 0.44
CA LYS E 394 -29.57 2.93 -0.43
C LYS E 394 -28.20 2.86 0.20
N ALA E 395 -27.16 2.80 -0.65
CA ALA E 395 -25.78 2.81 -0.17
C ALA E 395 -25.47 4.14 0.51
N GLN E 396 -24.51 4.10 1.43
CA GLN E 396 -24.05 5.26 2.17
C GLN E 396 -22.54 5.34 2.05
N GLU E 397 -22.00 6.56 1.98
CA GLU E 397 -20.56 6.74 2.05
C GLU E 397 -20.13 6.36 3.47
N TRP E 398 -18.98 5.70 3.61
CA TRP E 398 -18.47 5.37 4.92
C TRP E 398 -17.53 6.49 5.32
N LYS E 399 -17.87 7.21 6.40
CA LYS E 399 -17.01 8.26 6.88
C LYS E 399 -16.69 8.00 8.35
N THR E 400 -15.40 8.03 8.67
CA THR E 400 -14.94 7.90 10.05
C THR E 400 -13.78 8.87 10.21
N GLU E 401 -13.58 9.31 11.46
CA GLU E 401 -12.50 10.22 11.81
C GLU E 401 -11.16 9.47 11.87
N LYS E 402 -11.20 8.17 12.17
CA LYS E 402 -9.93 7.40 12.32
C LYS E 402 -9.77 6.36 11.21
N ARG E 403 -9.29 5.15 11.54
CA ARG E 403 -9.08 4.11 10.56
C ARG E 403 -10.38 3.45 10.16
N PHE E 404 -10.51 3.00 8.90
CA PHE E 404 -11.68 2.25 8.48
C PHE E 404 -11.53 0.79 8.87
N ILE E 405 -12.35 0.31 9.82
CA ILE E 405 -12.22 -1.04 10.34
C ILE E 405 -13.60 -1.67 10.40
N GLY E 406 -13.75 -2.86 9.79
CA GLY E 406 -15.00 -3.59 9.82
C GLY E 406 -14.87 -4.96 10.47
N LEU E 407 -16.03 -5.46 10.93
CA LEU E 407 -16.21 -6.86 11.26
C LEU E 407 -17.16 -7.46 10.23
N THR E 408 -16.99 -8.75 9.95
CA THR E 408 -17.98 -9.53 9.20
C THR E 408 -18.28 -10.79 10.00
N ASN E 409 -19.57 -11.08 10.20
CA ASN E 409 -20.01 -12.16 11.06
C ASN E 409 -20.52 -13.34 10.25
N SER E 410 -20.28 -14.56 10.75
CA SER E 410 -20.84 -15.77 10.18
C SER E 410 -21.25 -16.72 11.28
N PHE E 411 -22.54 -17.01 11.36
CA PHE E 411 -23.09 -17.92 12.36
C PHE E 411 -23.65 -19.13 11.62
N GLY E 412 -23.48 -20.31 12.22
CA GLY E 412 -23.95 -21.54 11.61
C GLY E 412 -24.80 -22.38 12.57
N PHE E 413 -25.39 -23.45 12.03
CA PHE E 413 -26.09 -24.43 12.85
C PHE E 413 -25.10 -25.03 13.84
N GLY E 414 -25.62 -25.46 15.00
CA GLY E 414 -24.79 -25.98 16.07
C GLY E 414 -24.25 -24.86 16.96
N GLY E 415 -24.58 -23.61 16.61
CA GLY E 415 -24.17 -22.44 17.38
C GLY E 415 -22.69 -22.13 17.20
N THR E 416 -22.09 -22.52 16.08
CA THR E 416 -20.74 -22.12 15.75
C THR E 416 -20.74 -20.69 15.19
N ASN E 417 -19.93 -19.81 15.78
CA ASN E 417 -19.84 -18.43 15.33
C ASN E 417 -18.42 -18.08 14.89
N ALA E 418 -18.29 -17.33 13.79
CA ALA E 418 -17.02 -16.77 13.38
C ALA E 418 -17.12 -15.28 13.06
N THR E 419 -16.05 -14.55 13.35
CA THR E 419 -15.94 -13.14 13.00
C THR E 419 -14.54 -12.87 12.45
N LEU E 420 -14.50 -12.11 11.34
CA LEU E 420 -13.25 -11.60 10.79
C LEU E 420 -13.21 -10.09 10.96
N CYS E 421 -12.05 -9.58 11.35
CA CYS E 421 -11.82 -8.15 11.47
C CYS E 421 -10.93 -7.67 10.33
N ILE E 422 -11.49 -6.81 9.47
CA ILE E 422 -10.85 -6.35 8.25
C ILE E 422 -10.73 -4.83 8.26
N ALA E 423 -9.62 -4.32 7.75
CA ALA E 423 -9.31 -2.90 7.88
C ALA E 423 -8.72 -2.37 6.60
N GLY E 424 -9.08 -1.14 6.23
CA GLY E 424 -8.32 -0.40 5.24
C GLY E 424 -6.91 -0.16 5.75
N LEU E 425 -5.94 -0.07 4.84
CA LEU E 425 -4.57 0.15 5.29
C LEU E 425 -4.41 1.58 5.91
N PRO F 4 -18.99 -65.85 -40.19
CA PRO F 4 -17.77 -65.40 -39.53
C PRO F 4 -18.01 -64.23 -38.57
N PRO F 5 -17.64 -64.35 -37.28
CA PRO F 5 -17.97 -63.34 -36.28
C PRO F 5 -17.20 -62.02 -36.35
N LEU F 6 -15.86 -62.09 -36.37
CA LEU F 6 -15.02 -60.91 -36.21
C LEU F 6 -13.66 -61.11 -36.89
N THR F 7 -12.99 -59.99 -37.20
CA THR F 7 -11.57 -60.00 -37.50
C THR F 7 -10.86 -59.07 -36.50
N LEU F 8 -9.54 -59.24 -36.37
CA LEU F 8 -8.76 -58.51 -35.39
C LEU F 8 -8.47 -57.10 -35.89
N GLU F 9 -8.36 -56.92 -37.20
CA GLU F 9 -8.38 -55.59 -37.82
C GLU F 9 -9.71 -54.91 -37.47
N GLY F 10 -10.76 -55.73 -37.30
CA GLY F 10 -12.12 -55.26 -37.09
C GLY F 10 -12.35 -54.74 -35.68
N ILE F 11 -11.91 -55.51 -34.68
CA ILE F 11 -12.07 -55.09 -33.29
C ILE F 11 -11.00 -54.07 -32.94
N GLN F 12 -9.90 -54.01 -33.70
CA GLN F 12 -8.86 -53.01 -33.47
C GLN F 12 -9.30 -51.64 -33.99
N ASP F 13 -10.10 -51.59 -35.06
CA ASP F 13 -10.62 -50.32 -35.56
C ASP F 13 -11.68 -49.81 -34.58
N ARG F 14 -12.40 -50.73 -33.93
CA ARG F 14 -13.45 -50.39 -32.97
C ARG F 14 -12.87 -49.94 -31.62
N VAL F 15 -11.80 -50.61 -31.17
CA VAL F 15 -11.13 -50.22 -29.95
C VAL F 15 -10.60 -48.78 -30.13
N LEU F 16 -9.93 -48.54 -31.27
CA LEU F 16 -9.34 -47.25 -31.60
C LEU F 16 -10.46 -46.21 -31.76
N TYR F 17 -11.56 -46.62 -32.41
CA TYR F 17 -12.69 -45.74 -32.61
C TYR F 17 -13.10 -45.18 -31.26
N VAL F 18 -13.26 -46.06 -30.26
CA VAL F 18 -13.66 -45.67 -28.92
C VAL F 18 -12.66 -44.70 -28.31
N LEU F 19 -11.36 -45.02 -28.38
CA LEU F 19 -10.35 -44.18 -27.77
C LEU F 19 -10.35 -42.81 -28.42
N LYS F 20 -10.57 -42.75 -29.75
CA LYS F 20 -10.60 -41.48 -30.48
C LYS F 20 -11.81 -40.63 -30.08
N LEU F 21 -12.86 -41.30 -29.60
CA LEU F 21 -14.06 -40.61 -29.11
C LEU F 21 -13.81 -40.00 -27.74
N TYR F 22 -12.91 -40.60 -26.96
CA TYR F 22 -12.61 -40.14 -25.61
C TYR F 22 -11.81 -38.85 -25.69
N ASP F 23 -12.39 -37.77 -25.15
CA ASP F 23 -11.93 -36.41 -25.41
C ASP F 23 -10.60 -36.14 -24.70
N LYS F 24 -10.31 -36.87 -23.61
CA LYS F 24 -9.07 -36.71 -22.87
C LYS F 24 -7.86 -37.23 -23.67
N ILE F 25 -8.07 -38.25 -24.50
CA ILE F 25 -7.02 -38.73 -25.38
C ILE F 25 -6.88 -37.76 -26.56
N ASP F 26 -5.62 -37.51 -26.92
CA ASP F 26 -5.23 -36.67 -28.05
C ASP F 26 -5.04 -37.58 -29.28
N PRO F 27 -5.92 -37.48 -30.30
CA PRO F 27 -6.00 -38.51 -31.33
C PRO F 27 -4.71 -38.91 -32.05
N GLU F 28 -3.74 -37.99 -32.12
CA GLU F 28 -2.53 -38.22 -32.93
C GLU F 28 -1.54 -39.11 -32.16
N LYS F 29 -1.39 -38.85 -30.86
CA LYS F 29 -0.46 -39.65 -30.06
C LYS F 29 -1.11 -40.99 -29.71
N LEU F 30 -2.30 -41.26 -30.27
CA LEU F 30 -2.92 -42.57 -30.17
C LEU F 30 -2.20 -43.54 -31.10
N SER F 31 -1.64 -44.61 -30.50
CA SER F 31 -1.07 -45.73 -31.23
C SER F 31 -1.74 -47.01 -30.73
N VAL F 32 -1.25 -48.19 -31.11
CA VAL F 32 -1.78 -49.42 -30.55
C VAL F 32 -0.90 -49.86 -29.37
N ASN F 33 0.35 -49.40 -29.34
CA ASN F 33 1.27 -49.73 -28.25
C ASN F 33 1.05 -48.79 -27.06
N SER F 34 0.81 -47.49 -27.34
CA SER F 34 0.92 -46.42 -26.34
C SER F 34 0.21 -46.76 -25.03
N HIS F 35 0.96 -46.64 -23.92
CA HIS F 35 0.49 -46.96 -22.59
C HIS F 35 -0.38 -45.81 -22.11
N PHE F 36 -1.52 -46.12 -21.47
CA PHE F 36 -2.51 -45.10 -21.14
C PHE F 36 -1.94 -44.11 -20.13
N MET F 37 -1.13 -44.62 -19.19
CA MET F 37 -0.56 -43.81 -18.12
C MET F 37 0.62 -42.99 -18.65
N LYS F 38 1.61 -43.67 -19.25
CA LYS F 38 2.90 -43.06 -19.57
C LYS F 38 2.78 -42.10 -20.74
N ASP F 39 2.12 -42.53 -21.82
CA ASP F 39 2.12 -41.78 -23.07
C ASP F 39 0.92 -40.83 -23.11
N LEU F 40 -0.28 -41.36 -22.87
CA LEU F 40 -1.50 -40.59 -23.08
C LEU F 40 -1.83 -39.72 -21.86
N GLY F 41 -1.14 -39.95 -20.74
CA GLY F 41 -1.23 -39.08 -19.57
C GLY F 41 -2.43 -39.38 -18.67
N LEU F 42 -3.20 -40.43 -18.98
CA LEU F 42 -4.46 -40.70 -18.30
C LEU F 42 -4.22 -41.35 -16.95
N ASP F 43 -5.11 -41.06 -15.98
CA ASP F 43 -5.08 -41.67 -14.67
C ASP F 43 -5.94 -42.94 -14.64
N SER F 44 -5.97 -43.58 -13.47
CA SER F 44 -6.71 -44.81 -13.27
C SER F 44 -8.23 -44.59 -13.34
N LEU F 45 -8.75 -43.46 -12.82
CA LEU F 45 -10.14 -43.12 -13.00
C LEU F 45 -10.49 -43.03 -14.49
N ASP F 46 -9.60 -42.44 -15.29
CA ASP F 46 -9.82 -42.34 -16.72
C ASP F 46 -9.86 -43.72 -17.35
N GLN F 47 -8.91 -44.56 -16.99
CA GLN F 47 -8.85 -45.92 -17.50
C GLN F 47 -10.17 -46.65 -17.20
N VAL F 48 -10.75 -46.43 -16.02
CA VAL F 48 -12.00 -47.09 -15.68
C VAL F 48 -13.09 -46.64 -16.67
N GLU F 49 -13.08 -45.36 -17.05
CA GLU F 49 -14.01 -44.85 -18.04
C GLU F 49 -13.80 -45.53 -19.39
N ILE F 50 -12.54 -45.75 -19.77
CA ILE F 50 -12.25 -46.38 -21.04
C ILE F 50 -12.84 -47.80 -21.09
N ILE F 51 -12.67 -48.60 -20.02
CA ILE F 51 -13.18 -49.97 -20.05
C ILE F 51 -14.70 -49.99 -19.95
N MET F 52 -15.31 -48.92 -19.41
CA MET F 52 -16.78 -48.80 -19.39
C MET F 52 -17.29 -48.58 -20.82
N ALA F 53 -16.57 -47.75 -21.58
CA ALA F 53 -16.92 -47.44 -22.96
C ALA F 53 -16.75 -48.69 -23.81
N MET F 54 -15.65 -49.45 -23.58
CA MET F 54 -15.38 -50.66 -24.33
C MET F 54 -16.44 -51.72 -24.03
N GLU F 55 -16.87 -51.81 -22.76
CA GLU F 55 -17.98 -52.68 -22.40
C GLU F 55 -19.23 -52.40 -23.23
N ASP F 56 -19.55 -51.12 -23.49
CA ASP F 56 -20.73 -50.79 -24.27
C ASP F 56 -20.56 -51.13 -25.75
N GLU F 57 -19.35 -50.91 -26.28
CA GLU F 57 -19.05 -51.09 -27.70
C GLU F 57 -19.16 -52.56 -28.10
N PHE F 58 -18.65 -53.48 -27.28
CA PHE F 58 -18.57 -54.89 -27.62
C PHE F 58 -19.61 -55.66 -26.79
N GLY F 59 -20.46 -54.93 -26.07
CA GLY F 59 -21.66 -55.46 -25.46
C GLY F 59 -21.44 -56.63 -24.50
N PHE F 60 -20.42 -56.54 -23.63
CA PHE F 60 -20.28 -57.50 -22.55
C PHE F 60 -19.53 -56.87 -21.37
N GLU F 61 -19.56 -57.57 -20.22
CA GLU F 61 -19.05 -57.07 -18.95
C GLU F 61 -17.61 -57.56 -18.74
N ILE F 62 -16.72 -56.62 -18.40
CA ILE F 62 -15.32 -56.91 -18.07
C ILE F 62 -15.10 -56.69 -16.58
N PRO F 63 -14.84 -57.77 -15.78
CA PRO F 63 -14.59 -57.62 -14.35
C PRO F 63 -13.37 -56.78 -14.02
N ASP F 64 -13.43 -56.11 -12.86
CA ASP F 64 -12.40 -55.19 -12.39
C ASP F 64 -11.03 -55.85 -12.34
N ILE F 65 -10.95 -57.08 -11.79
CA ILE F 65 -9.72 -57.85 -11.75
C ILE F 65 -9.03 -57.85 -13.12
N ASP F 66 -9.79 -58.14 -14.18
CA ASP F 66 -9.23 -58.28 -15.51
C ASP F 66 -8.99 -56.91 -16.14
N ALA F 67 -9.76 -55.90 -15.71
CA ALA F 67 -9.72 -54.58 -16.30
C ALA F 67 -8.53 -53.79 -15.78
N GLU F 68 -8.08 -54.07 -14.53
CA GLU F 68 -6.91 -53.42 -13.96
C GLU F 68 -5.66 -53.71 -14.80
N LYS F 69 -5.69 -54.81 -15.57
CA LYS F 69 -4.54 -55.27 -16.33
C LYS F 69 -4.44 -54.58 -17.70
N LEU F 70 -5.57 -54.10 -18.24
CA LEU F 70 -5.60 -53.60 -19.61
C LEU F 70 -5.04 -52.17 -19.66
N MET F 71 -3.71 -52.04 -19.84
CA MET F 71 -3.04 -50.77 -19.68
C MET F 71 -2.60 -50.17 -21.02
N CYS F 72 -2.97 -50.79 -22.15
CA CYS F 72 -2.73 -50.22 -23.47
C CYS F 72 -3.77 -50.76 -24.45
N PRO F 73 -3.99 -50.09 -25.61
CA PRO F 73 -4.99 -50.54 -26.59
C PRO F 73 -4.81 -51.97 -27.09
N GLN F 74 -3.55 -52.36 -27.37
CA GLN F 74 -3.26 -53.66 -27.94
C GLN F 74 -3.71 -54.73 -26.94
N GLU F 75 -3.59 -54.44 -25.65
CA GLU F 75 -3.92 -55.40 -24.61
C GLU F 75 -5.44 -55.57 -24.51
N ILE F 76 -6.20 -54.50 -24.79
CA ILE F 76 -7.66 -54.53 -24.84
C ILE F 76 -8.13 -55.42 -25.98
N VAL F 77 -7.41 -55.37 -27.12
CA VAL F 77 -7.72 -56.12 -28.32
C VAL F 77 -7.66 -57.62 -28.05
N ASP F 78 -6.66 -58.07 -27.29
CA ASP F 78 -6.40 -59.50 -27.13
C ASP F 78 -7.44 -60.12 -26.21
N TYR F 79 -7.87 -59.40 -25.17
CA TYR F 79 -8.90 -59.86 -24.26
C TYR F 79 -10.22 -60.01 -25.01
N ILE F 80 -10.58 -58.96 -25.75
CA ILE F 80 -11.80 -58.97 -26.55
C ILE F 80 -11.64 -60.02 -27.63
N ALA F 81 -10.42 -60.20 -28.15
CA ALA F 81 -10.15 -61.14 -29.22
C ALA F 81 -10.57 -62.54 -28.79
N ASP F 82 -10.43 -62.88 -27.50
CA ASP F 82 -10.75 -64.22 -27.08
C ASP F 82 -12.26 -64.36 -27.06
N LYS F 83 -12.87 -64.22 -28.23
CA LYS F 83 -14.27 -64.48 -28.49
C LYS F 83 -14.26 -65.10 -29.89
N LYS F 84 -13.04 -65.50 -30.34
CA LYS F 84 -12.82 -66.11 -31.64
C LYS F 84 -12.11 -67.45 -31.47
N ASP F 85 -11.66 -68.07 -32.58
CA ASP F 85 -10.70 -69.16 -32.53
C ASP F 85 -9.62 -68.83 -31.50
C1 A1BMZ G . 7.33 41.55 -12.02
C2 A1BMZ G . 7.95 40.77 -10.86
C3 A1BMZ G . 7.56 41.32 -9.48
C4 A1BMZ G . 8.56 41.14 -8.35
C5 A1BMZ G . 8.41 39.91 -7.48
C6 A1BMZ G . 7.58 40.23 -6.29
C7 A1BMZ G . 6.23 40.18 -6.29
C8 A1BMZ G . 5.39 40.97 -5.37
O1 A1BMZ G . 5.74 42.05 -4.91
N1 A1BMZ G . 4.23 40.38 -5.20
C9 A1BMZ G . 2.99 41.03 -5.60
C10 A1BMZ G . 2.40 42.14 -4.72
N2 A1BMZ G . 1.76 43.01 -5.68
C11 A1BMZ G . 0.71 42.56 -6.37
O2 A1BMZ G . -0.25 41.89 -5.91
C12 A1BMZ G . 0.85 42.89 -7.83
C13 A1BMZ G . -0.39 43.47 -8.44
N3 A1BMZ G . -0.19 43.55 -9.87
C14 A1BMZ G . -0.04 44.71 -10.53
O3 A1BMZ G . -0.72 45.72 -10.37
C15 A1BMZ G . 1.08 44.70 -11.55
O4 A1BMZ G . 1.72 45.97 -11.64
C16 A1BMZ G . 0.65 44.26 -12.98
C17 A1BMZ G . 1.39 42.96 -13.34
C18 A1BMZ G . 1.02 45.36 -13.97
C19 A1BMZ G . -0.84 44.02 -13.09
O5 A1BMZ G . -0.90 43.37 -14.37
P1 A1BMZ G . -2.05 43.78 -15.42
O6 A1BMZ G . -2.90 42.49 -15.37
O7 A1BMZ G . -2.63 45.10 -14.88
C1 A1BMZ H . -11.15 -42.45 -3.23
C2 A1BMZ H . -10.35 -41.47 -2.40
C3 A1BMZ H . -10.75 -41.39 -0.93
C4 A1BMZ H . -10.13 -40.26 -0.12
C5 A1BMZ H . -10.12 -40.37 1.37
C6 A1BMZ H . -8.89 -41.02 1.91
C7 A1BMZ H . -8.03 -41.73 1.19
C8 A1BMZ H . -6.59 -42.04 1.02
O1 A1BMZ H . -5.66 -41.65 1.72
N1 A1BMZ H . -6.46 -42.71 -0.15
C9 A1BMZ H . -5.23 -42.79 -0.92
C10 A1BMZ H . -4.89 -41.43 -1.50
N2 A1BMZ H . -3.63 -41.08 -0.86
C11 A1BMZ H . -2.48 -41.67 -1.23
O2 A1BMZ H . -1.52 -41.71 -0.48
C12 A1BMZ H . -2.42 -42.35 -2.58
C13 A1BMZ H . -3.07 -43.71 -2.76
N3 A1BMZ H . -4.02 -43.69 -3.86
C14 A1BMZ H . -4.04 -44.58 -4.86
O3 A1BMZ H . -3.45 -45.67 -4.83
C15 A1BMZ H . -4.82 -44.14 -6.10
O4 A1BMZ H . -5.57 -42.98 -5.73
C16 A1BMZ H . -5.79 -45.17 -6.79
C17 A1BMZ H . -6.90 -44.35 -7.49
C18 A1BMZ H . -6.53 -46.04 -5.75
C19 A1BMZ H . -5.26 -46.18 -7.84
O5 A1BMZ H . -5.65 -45.72 -9.15
P1 A1BMZ H . -4.48 -45.42 -10.26
O6 A1BMZ H . -3.65 -44.12 -10.12
O7 A1BMZ H . -3.73 -46.74 -10.47
#